data_7QWV
# 
_entry.id   7QWV 
# 
_audit_conform.dict_name       mmcif_pdbx.dic 
_audit_conform.dict_version    5.398 
_audit_conform.dict_location   http://mmcif.pdb.org/dictionaries/ascii/mmcif_pdbx.dic 
# 
loop_
_database_2.database_id 
_database_2.database_code 
_database_2.pdbx_database_accession 
_database_2.pdbx_DOI 
PDB   7QWV         pdb_00007qwv 10.2210/pdb7qwv/pdb 
WWPDB D_1292120560 ?            ?                   
# 
loop_
_pdbx_audit_revision_history.ordinal 
_pdbx_audit_revision_history.data_content_type 
_pdbx_audit_revision_history.major_revision 
_pdbx_audit_revision_history.minor_revision 
_pdbx_audit_revision_history.revision_date 
1 'Structure model' 1 0 2023-02-01 
2 'Structure model' 1 1 2023-08-30 
3 'Structure model' 1 2 2024-02-07 
4 'Structure model' 1 3 2024-11-13 
# 
_pdbx_audit_revision_details.ordinal             1 
_pdbx_audit_revision_details.revision_ordinal    1 
_pdbx_audit_revision_details.data_content_type   'Structure model' 
_pdbx_audit_revision_details.provider            repository 
_pdbx_audit_revision_details.type                'Initial release' 
_pdbx_audit_revision_details.description         ? 
_pdbx_audit_revision_details.details             ? 
# 
loop_
_pdbx_audit_revision_group.ordinal 
_pdbx_audit_revision_group.revision_ordinal 
_pdbx_audit_revision_group.data_content_type 
_pdbx_audit_revision_group.group 
1 2 'Structure model' 'Data collection'        
2 2 'Structure model' 'Database references'    
3 3 'Structure model' 'Refinement description' 
4 4 'Structure model' 'Structure summary'      
# 
loop_
_pdbx_audit_revision_category.ordinal 
_pdbx_audit_revision_category.revision_ordinal 
_pdbx_audit_revision_category.data_content_type 
_pdbx_audit_revision_category.category 
1 2 'Structure model' chem_comp_atom                
2 2 'Structure model' chem_comp_bond                
3 2 'Structure model' citation                      
4 2 'Structure model' citation_author               
5 3 'Structure model' pdbx_initial_refinement_model 
6 4 'Structure model' pdbx_entry_details            
7 4 'Structure model' pdbx_modification_feature     
# 
loop_
_pdbx_audit_revision_item.ordinal 
_pdbx_audit_revision_item.revision_ordinal 
_pdbx_audit_revision_item.data_content_type 
_pdbx_audit_revision_item.item 
1  2 'Structure model' '_citation.country'                 
2  2 'Structure model' '_citation.journal_abbrev'          
3  2 'Structure model' '_citation.journal_id_CSD'          
4  2 'Structure model' '_citation.journal_id_ISSN'         
5  2 'Structure model' '_citation.journal_volume'          
6  2 'Structure model' '_citation.page_first'              
7  2 'Structure model' '_citation.page_last'               
8  2 'Structure model' '_citation.pdbx_database_id_DOI'    
9  2 'Structure model' '_citation.pdbx_database_id_PubMed' 
10 2 'Structure model' '_citation.title'                   
11 2 'Structure model' '_citation.year'                    
# 
_pdbx_database_status.status_code                     REL 
_pdbx_database_status.status_code_sf                  REL 
_pdbx_database_status.status_code_mr                  ? 
_pdbx_database_status.entry_id                        7QWV 
_pdbx_database_status.recvd_initial_deposition_date   2022-01-25 
_pdbx_database_status.SG_entry                        N 
_pdbx_database_status.deposit_site                    PDBE 
_pdbx_database_status.process_site                    PDBE 
_pdbx_database_status.status_code_cs                  ? 
_pdbx_database_status.status_code_nmr_data            ? 
_pdbx_database_status.methods_development_category    ? 
_pdbx_database_status.pdb_format_compatible           Y 
# 
_pdbx_contact_author.id                 2 
_pdbx_contact_author.email              jan.kadlec@ibs.fr 
_pdbx_contact_author.name_first         Jan 
_pdbx_contact_author.name_last          Kadlec 
_pdbx_contact_author.name_mi            ? 
_pdbx_contact_author.role               'principal investigator/group leader' 
_pdbx_contact_author.identifier_ORCID   0000-0002-4853-6918 
# 
loop_
_audit_author.name 
_audit_author.pdbx_ordinal 
_audit_author.identifier_ORCID 
'Juarez-Martinez, A.B.' 1 ?                   
'Robert, T.'            2 ?                   
'de Massy, B.'          3 0000-0002-0950-2758 
'Kadlec, J.'            4 0000-0002-4853-6918 
# 
_citation.abstract                  ? 
_citation.abstract_id_CAS           ? 
_citation.book_id_ISBN              ? 
_citation.book_publisher            ? 
_citation.book_publisher_city       ? 
_citation.book_title                ? 
_citation.coordinate_linkage        ? 
_citation.country                   UK 
_citation.database_id_Medline       ? 
_citation.details                   ? 
_citation.id                        primary 
_citation.journal_abbrev            'Nat Commun' 
_citation.journal_id_ASTM           ? 
_citation.journal_id_CSD            ? 
_citation.journal_id_ISSN           2041-1723 
_citation.journal_full              ? 
_citation.journal_issue             ? 
_citation.journal_volume            13 
_citation.language                  ? 
_citation.page_first                7048 
_citation.page_last                 7048 
_citation.title                     'TOPOVIBL-REC114 interaction regulates meiotic DNA double-strand breaks.' 
_citation.year                      2022 
_citation.database_id_CSD           ? 
_citation.pdbx_database_id_DOI      10.1038/s41467-022-34799-0 
_citation.pdbx_database_id_PubMed   36396648 
_citation.pdbx_database_id_patent   ? 
_citation.unpublished_flag          ? 
# 
loop_
_citation_author.citation_id 
_citation_author.name 
_citation_author.ordinal 
_citation_author.identifier_ORCID 
primary 'Nore, A.'              1  0000-0003-1882-8917 
primary 'Juarez-Martinez, A.B.' 2  0000-0003-1257-6018 
primary 'Clement, J.'           3  0000-0002-3243-9718 
primary 'Brun, C.'              4  ?                   
primary 'Diagouraga, B.'        5  ?                   
primary 'Laroussi, H.'          6  ?                   
primary 'Grey, C.'              7  ?                   
primary 'Bourbon, H.M.'         8  ?                   
primary 'Kadlec, J.'            9  0000-0002-4853-6918 
primary 'Robert, T.'            10 0000-0002-2458-7454 
primary 'de Massy, B.'          11 0000-0002-0950-2758 
# 
loop_
_entity.id 
_entity.type 
_entity.src_method 
_entity.pdbx_description 
_entity.formula_weight 
_entity.pdbx_number_of_molecules 
_entity.pdbx_ec 
_entity.pdbx_mutation 
_entity.pdbx_fragment 
_entity.details 
1 polymer man 'Meiotic recombination protein REC114'      16296.439 1 ? ? ? ? 
2 polymer man 'Type 2 DNA topoisomerase 6 subunit B-like' 2129.282  1 ? ? ? ? 
3 water   nat water                                       18.015    4 ? ? ? ? 
# 
_entity_name_com.entity_id   2 
_entity_name_com.name        'Type 2 DNA topoisomerase VI subunit B-like,TOPOVIBL' 
# 
loop_
_entity_poly.entity_id 
_entity_poly.type 
_entity_poly.nstd_linkage 
_entity_poly.nstd_monomer 
_entity_poly.pdbx_seq_one_letter_code 
_entity_poly.pdbx_seq_one_letter_code_can 
_entity_poly.pdbx_strand_id 
_entity_poly.pdbx_target_identifier 
1 'polypeptide(L)' no no 
;GAMGEVSQWSLKRYGRFMLLDNVGSPGPSSEAAAAGSPTWKVFESSEESGSLVLTIVVSGHFFISQGQTLLEGFSLIGSK
NWLKIVRRMDCLLFGTTIKNKSRMFRVQFSGESKEEALERCCGCVQTLAQYVTVQEPDSTTQELQQSQ
;
;GAMGEVSQWSLKRYGRFMLLDNVGSPGPSSEAAAAGSPTWKVFESSEESGSLVLTIVVSGHFFISQGQTLLEGFSLIGSK
NWLKIVRRMDCLLFGTTIKNKSRMFRVQFSGESKEEALERCCGCVQTLAQYVTVQEPDSTTQELQQSQ
;
A ? 
2 'polypeptide(L)' no no EDLWLQEVSNLSEWLNPG EDLWLQEVSNLSEWLNPG B ? 
# 
_pdbx_entity_nonpoly.entity_id   3 
_pdbx_entity_nonpoly.name        water 
_pdbx_entity_nonpoly.comp_id     HOH 
# 
loop_
_entity_poly_seq.entity_id 
_entity_poly_seq.num 
_entity_poly_seq.mon_id 
_entity_poly_seq.hetero 
1 1   GLY n 
1 2   ALA n 
1 3   MET n 
1 4   GLY n 
1 5   GLU n 
1 6   VAL n 
1 7   SER n 
1 8   GLN n 
1 9   TRP n 
1 10  SER n 
1 11  LEU n 
1 12  LYS n 
1 13  ARG n 
1 14  TYR n 
1 15  GLY n 
1 16  ARG n 
1 17  PHE n 
1 18  MET n 
1 19  LEU n 
1 20  LEU n 
1 21  ASP n 
1 22  ASN n 
1 23  VAL n 
1 24  GLY n 
1 25  SER n 
1 26  PRO n 
1 27  GLY n 
1 28  PRO n 
1 29  SER n 
1 30  SER n 
1 31  GLU n 
1 32  ALA n 
1 33  ALA n 
1 34  ALA n 
1 35  ALA n 
1 36  GLY n 
1 37  SER n 
1 38  PRO n 
1 39  THR n 
1 40  TRP n 
1 41  LYS n 
1 42  VAL n 
1 43  PHE n 
1 44  GLU n 
1 45  SER n 
1 46  SER n 
1 47  GLU n 
1 48  GLU n 
1 49  SER n 
1 50  GLY n 
1 51  SER n 
1 52  LEU n 
1 53  VAL n 
1 54  LEU n 
1 55  THR n 
1 56  ILE n 
1 57  VAL n 
1 58  VAL n 
1 59  SER n 
1 60  GLY n 
1 61  HIS n 
1 62  PHE n 
1 63  PHE n 
1 64  ILE n 
1 65  SER n 
1 66  GLN n 
1 67  GLY n 
1 68  GLN n 
1 69  THR n 
1 70  LEU n 
1 71  LEU n 
1 72  GLU n 
1 73  GLY n 
1 74  PHE n 
1 75  SER n 
1 76  LEU n 
1 77  ILE n 
1 78  GLY n 
1 79  SER n 
1 80  LYS n 
1 81  ASN n 
1 82  TRP n 
1 83  LEU n 
1 84  LYS n 
1 85  ILE n 
1 86  VAL n 
1 87  ARG n 
1 88  ARG n 
1 89  MET n 
1 90  ASP n 
1 91  CYS n 
1 92  LEU n 
1 93  LEU n 
1 94  PHE n 
1 95  GLY n 
1 96  THR n 
1 97  THR n 
1 98  ILE n 
1 99  LYS n 
1 100 ASN n 
1 101 LYS n 
1 102 SER n 
1 103 ARG n 
1 104 MET n 
1 105 PHE n 
1 106 ARG n 
1 107 VAL n 
1 108 GLN n 
1 109 PHE n 
1 110 SER n 
1 111 GLY n 
1 112 GLU n 
1 113 SER n 
1 114 LYS n 
1 115 GLU n 
1 116 GLU n 
1 117 ALA n 
1 118 LEU n 
1 119 GLU n 
1 120 ARG n 
1 121 CYS n 
1 122 CYS n 
1 123 GLY n 
1 124 CYS n 
1 125 VAL n 
1 126 GLN n 
1 127 THR n 
1 128 LEU n 
1 129 ALA n 
1 130 GLN n 
1 131 TYR n 
1 132 VAL n 
1 133 THR n 
1 134 VAL n 
1 135 GLN n 
1 136 GLU n 
1 137 PRO n 
1 138 ASP n 
1 139 SER n 
1 140 THR n 
1 141 THR n 
1 142 GLN n 
1 143 GLU n 
1 144 LEU n 
1 145 GLN n 
1 146 GLN n 
1 147 SER n 
1 148 GLN n 
2 1   GLU n 
2 2   ASP n 
2 3   LEU n 
2 4   TRP n 
2 5   LEU n 
2 6   GLN n 
2 7   GLU n 
2 8   VAL n 
2 9   SER n 
2 10  ASN n 
2 11  LEU n 
2 12  SER n 
2 13  GLU n 
2 14  TRP n 
2 15  LEU n 
2 16  ASN n 
2 17  PRO n 
2 18  GLY n 
# 
loop_
_entity_src_gen.entity_id 
_entity_src_gen.pdbx_src_id 
_entity_src_gen.pdbx_alt_source_flag 
_entity_src_gen.pdbx_seq_type 
_entity_src_gen.pdbx_beg_seq_num 
_entity_src_gen.pdbx_end_seq_num 
_entity_src_gen.gene_src_common_name 
_entity_src_gen.gene_src_genus 
_entity_src_gen.pdbx_gene_src_gene 
_entity_src_gen.gene_src_species 
_entity_src_gen.gene_src_strain 
_entity_src_gen.gene_src_tissue 
_entity_src_gen.gene_src_tissue_fraction 
_entity_src_gen.gene_src_details 
_entity_src_gen.pdbx_gene_src_fragment 
_entity_src_gen.pdbx_gene_src_scientific_name 
_entity_src_gen.pdbx_gene_src_ncbi_taxonomy_id 
_entity_src_gen.pdbx_gene_src_variant 
_entity_src_gen.pdbx_gene_src_cell_line 
_entity_src_gen.pdbx_gene_src_atcc 
_entity_src_gen.pdbx_gene_src_organ 
_entity_src_gen.pdbx_gene_src_organelle 
_entity_src_gen.pdbx_gene_src_cell 
_entity_src_gen.pdbx_gene_src_cellular_location 
_entity_src_gen.host_org_common_name 
_entity_src_gen.pdbx_host_org_scientific_name 
_entity_src_gen.pdbx_host_org_ncbi_taxonomy_id 
_entity_src_gen.host_org_genus 
_entity_src_gen.pdbx_host_org_gene 
_entity_src_gen.pdbx_host_org_organ 
_entity_src_gen.host_org_species 
_entity_src_gen.pdbx_host_org_tissue 
_entity_src_gen.pdbx_host_org_tissue_fraction 
_entity_src_gen.pdbx_host_org_strain 
_entity_src_gen.pdbx_host_org_variant 
_entity_src_gen.pdbx_host_org_cell_line 
_entity_src_gen.pdbx_host_org_atcc 
_entity_src_gen.pdbx_host_org_culture_collection 
_entity_src_gen.pdbx_host_org_cell 
_entity_src_gen.pdbx_host_org_organelle 
_entity_src_gen.pdbx_host_org_cellular_location 
_entity_src_gen.pdbx_host_org_vector_type 
_entity_src_gen.pdbx_host_org_vector 
_entity_src_gen.host_org_details 
_entity_src_gen.expression_system_id 
_entity_src_gen.plasmid_name 
_entity_src_gen.plasmid_details 
_entity_src_gen.pdbx_description 
1 1 sample 'Biological sequence' 1 148 'house mouse' ? Rec114          ? ? ? ? ? ? 'Mus musculus' 10090 ? ? ? ? ? ? ? ? 
'Escherichia coli BL21(DE3)' 469008 ? ? ? ? ? ? ? GOLD ? ? ? ? ? ? ? ? ? ? ? ? ? 
2 1 sample 'Biological sequence' 1 18  'house mouse' ? 'Top6bl, Gm960' ? ? ? ? ? ? 'Mus musculus' 10090 ? ? ? ? ? ? ? ? 
'Escherichia coli BL21(DE3)' 469008 ? ? ? ? ? ? ? GOLD ? ? ? ? ? ? ? ? ? ? ? ? ? 
# 
loop_
_chem_comp.id 
_chem_comp.type 
_chem_comp.mon_nstd_flag 
_chem_comp.name 
_chem_comp.pdbx_synonyms 
_chem_comp.formula 
_chem_comp.formula_weight 
ALA 'L-peptide linking' y ALANINE         ? 'C3 H7 N O2'     89.093  
ARG 'L-peptide linking' y ARGININE        ? 'C6 H15 N4 O2 1' 175.209 
ASN 'L-peptide linking' y ASPARAGINE      ? 'C4 H8 N2 O3'    132.118 
ASP 'L-peptide linking' y 'ASPARTIC ACID' ? 'C4 H7 N O4'     133.103 
CYS 'L-peptide linking' y CYSTEINE        ? 'C3 H7 N O2 S'   121.158 
GLN 'L-peptide linking' y GLUTAMINE       ? 'C5 H10 N2 O3'   146.144 
GLU 'L-peptide linking' y 'GLUTAMIC ACID' ? 'C5 H9 N O4'     147.129 
GLY 'peptide linking'   y GLYCINE         ? 'C2 H5 N O2'     75.067  
HIS 'L-peptide linking' y HISTIDINE       ? 'C6 H10 N3 O2 1' 156.162 
HOH non-polymer         . WATER           ? 'H2 O'           18.015  
ILE 'L-peptide linking' y ISOLEUCINE      ? 'C6 H13 N O2'    131.173 
LEU 'L-peptide linking' y LEUCINE         ? 'C6 H13 N O2'    131.173 
LYS 'L-peptide linking' y LYSINE          ? 'C6 H15 N2 O2 1' 147.195 
MET 'L-peptide linking' y METHIONINE      ? 'C5 H11 N O2 S'  149.211 
PHE 'L-peptide linking' y PHENYLALANINE   ? 'C9 H11 N O2'    165.189 
PRO 'L-peptide linking' y PROLINE         ? 'C5 H9 N O2'     115.130 
SER 'L-peptide linking' y SERINE          ? 'C3 H7 N O3'     105.093 
THR 'L-peptide linking' y THREONINE       ? 'C4 H9 N O3'     119.119 
TRP 'L-peptide linking' y TRYPTOPHAN      ? 'C11 H12 N2 O2'  204.225 
TYR 'L-peptide linking' y TYROSINE        ? 'C9 H11 N O3'    181.189 
VAL 'L-peptide linking' y VALINE          ? 'C5 H11 N O2'    117.146 
# 
loop_
_pdbx_poly_seq_scheme.asym_id 
_pdbx_poly_seq_scheme.entity_id 
_pdbx_poly_seq_scheme.seq_id 
_pdbx_poly_seq_scheme.mon_id 
_pdbx_poly_seq_scheme.ndb_seq_num 
_pdbx_poly_seq_scheme.pdb_seq_num 
_pdbx_poly_seq_scheme.auth_seq_num 
_pdbx_poly_seq_scheme.pdb_mon_id 
_pdbx_poly_seq_scheme.auth_mon_id 
_pdbx_poly_seq_scheme.pdb_strand_id 
_pdbx_poly_seq_scheme.pdb_ins_code 
_pdbx_poly_seq_scheme.hetero 
A 1 1   GLY 1   12  ?   ?   ?   A . n 
A 1 2   ALA 2   13  13  ALA ALA A . n 
A 1 3   MET 3   14  14  MET MET A . n 
A 1 4   GLY 4   15  15  GLY GLY A . n 
A 1 5   GLU 5   16  16  GLU GLU A . n 
A 1 6   VAL 6   17  17  VAL VAL A . n 
A 1 7   SER 7   18  18  SER SER A . n 
A 1 8   GLN 8   19  19  GLN GLN A . n 
A 1 9   TRP 9   20  20  TRP TRP A . n 
A 1 10  SER 10  21  21  SER SER A . n 
A 1 11  LEU 11  22  22  LEU LEU A . n 
A 1 12  LYS 12  23  23  LYS LYS A . n 
A 1 13  ARG 13  24  24  ARG ARG A . n 
A 1 14  TYR 14  25  25  TYR TYR A . n 
A 1 15  GLY 15  26  26  GLY GLY A . n 
A 1 16  ARG 16  27  27  ARG ARG A . n 
A 1 17  PHE 17  28  28  PHE PHE A . n 
A 1 18  MET 18  29  29  MET MET A . n 
A 1 19  LEU 19  30  30  LEU LEU A . n 
A 1 20  LEU 20  31  31  LEU LEU A . n 
A 1 21  ASP 21  32  ?   ?   ?   A . n 
A 1 22  ASN 22  33  ?   ?   ?   A . n 
A 1 23  VAL 23  34  ?   ?   ?   A . n 
A 1 24  GLY 24  35  ?   ?   ?   A . n 
A 1 25  SER 25  36  ?   ?   ?   A . n 
A 1 26  PRO 26  37  ?   ?   ?   A . n 
A 1 27  GLY 27  38  ?   ?   ?   A . n 
A 1 28  PRO 28  39  ?   ?   ?   A . n 
A 1 29  SER 29  40  ?   ?   ?   A . n 
A 1 30  SER 30  41  ?   ?   ?   A . n 
A 1 31  GLU 31  42  ?   ?   ?   A . n 
A 1 32  ALA 32  43  ?   ?   ?   A . n 
A 1 33  ALA 33  44  ?   ?   ?   A . n 
A 1 34  ALA 34  45  ?   ?   ?   A . n 
A 1 35  ALA 35  46  ?   ?   ?   A . n 
A 1 36  GLY 36  47  47  GLY GLY A . n 
A 1 37  SER 37  48  48  SER SER A . n 
A 1 38  PRO 38  49  49  PRO PRO A . n 
A 1 39  THR 39  50  50  THR THR A . n 
A 1 40  TRP 40  51  51  TRP TRP A . n 
A 1 41  LYS 41  52  52  LYS LYS A . n 
A 1 42  VAL 42  53  53  VAL VAL A . n 
A 1 43  PHE 43  54  54  PHE PHE A . n 
A 1 44  GLU 44  55  55  GLU GLU A . n 
A 1 45  SER 45  56  56  SER SER A . n 
A 1 46  SER 46  57  57  SER SER A . n 
A 1 47  GLU 47  58  58  GLU GLU A . n 
A 1 48  GLU 48  59  59  GLU GLU A . n 
A 1 49  SER 49  60  60  SER SER A . n 
A 1 50  GLY 50  61  61  GLY GLY A . n 
A 1 51  SER 51  62  62  SER SER A . n 
A 1 52  LEU 52  63  63  LEU LEU A . n 
A 1 53  VAL 53  64  64  VAL VAL A . n 
A 1 54  LEU 54  65  65  LEU LEU A . n 
A 1 55  THR 55  66  66  THR THR A . n 
A 1 56  ILE 56  67  67  ILE ILE A . n 
A 1 57  VAL 57  68  68  VAL VAL A . n 
A 1 58  VAL 58  69  69  VAL VAL A . n 
A 1 59  SER 59  70  70  SER SER A . n 
A 1 60  GLY 60  71  71  GLY GLY A . n 
A 1 61  HIS 61  72  72  HIS HIS A . n 
A 1 62  PHE 62  73  73  PHE PHE A . n 
A 1 63  PHE 63  74  74  PHE PHE A . n 
A 1 64  ILE 64  75  75  ILE ILE A . n 
A 1 65  SER 65  76  76  SER SER A . n 
A 1 66  GLN 66  77  77  GLN GLN A . n 
A 1 67  GLY 67  78  78  GLY GLY A . n 
A 1 68  GLN 68  79  79  GLN GLN A . n 
A 1 69  THR 69  80  80  THR THR A . n 
A 1 70  LEU 70  81  81  LEU LEU A . n 
A 1 71  LEU 71  82  82  LEU LEU A . n 
A 1 72  GLU 72  83  83  GLU GLU A . n 
A 1 73  GLY 73  84  84  GLY GLY A . n 
A 1 74  PHE 74  85  85  PHE PHE A . n 
A 1 75  SER 75  86  86  SER SER A . n 
A 1 76  LEU 76  87  87  LEU LEU A . n 
A 1 77  ILE 77  88  88  ILE ILE A . n 
A 1 78  GLY 78  89  89  GLY GLY A . n 
A 1 79  SER 79  90  90  SER SER A . n 
A 1 80  LYS 80  91  91  LYS LYS A . n 
A 1 81  ASN 81  92  92  ASN ASN A . n 
A 1 82  TRP 82  93  93  TRP TRP A . n 
A 1 83  LEU 83  94  94  LEU LEU A . n 
A 1 84  LYS 84  95  95  LYS LYS A . n 
A 1 85  ILE 85  96  96  ILE ILE A . n 
A 1 86  VAL 86  97  97  VAL VAL A . n 
A 1 87  ARG 87  98  98  ARG ARG A . n 
A 1 88  ARG 88  99  99  ARG ARG A . n 
A 1 89  MET 89  100 100 MET MET A . n 
A 1 90  ASP 90  101 101 ASP ASP A . n 
A 1 91  CYS 91  102 102 CYS CYS A . n 
A 1 92  LEU 92  103 103 LEU LEU A . n 
A 1 93  LEU 93  104 104 LEU LEU A . n 
A 1 94  PHE 94  105 105 PHE PHE A . n 
A 1 95  GLY 95  106 106 GLY GLY A . n 
A 1 96  THR 96  107 107 THR THR A . n 
A 1 97  THR 97  108 108 THR THR A . n 
A 1 98  ILE 98  109 ?   ?   ?   A . n 
A 1 99  LYS 99  110 ?   ?   ?   A . n 
A 1 100 ASN 100 111 ?   ?   ?   A . n 
A 1 101 LYS 101 112 ?   ?   ?   A . n 
A 1 102 SER 102 113 113 SER SER A . n 
A 1 103 ARG 103 114 114 ARG ARG A . n 
A 1 104 MET 104 115 115 MET MET A . n 
A 1 105 PHE 105 116 116 PHE PHE A . n 
A 1 106 ARG 106 117 117 ARG ARG A . n 
A 1 107 VAL 107 118 118 VAL VAL A . n 
A 1 108 GLN 108 119 119 GLN GLN A . n 
A 1 109 PHE 109 120 120 PHE PHE A . n 
A 1 110 SER 110 121 121 SER SER A . n 
A 1 111 GLY 111 122 122 GLY GLY A . n 
A 1 112 GLU 112 123 123 GLU GLU A . n 
A 1 113 SER 113 124 124 SER SER A . n 
A 1 114 LYS 114 125 125 LYS LYS A . n 
A 1 115 GLU 115 126 126 GLU GLU A . n 
A 1 116 GLU 116 127 127 GLU GLU A . n 
A 1 117 ALA 117 128 128 ALA ALA A . n 
A 1 118 LEU 118 129 129 LEU LEU A . n 
A 1 119 GLU 119 130 130 GLU GLU A . n 
A 1 120 ARG 120 131 131 ARG ARG A . n 
A 1 121 CYS 121 132 132 CYS CYS A . n 
A 1 122 CYS 122 133 133 CYS CYS A . n 
A 1 123 GLY 123 134 134 GLY GLY A . n 
A 1 124 CYS 124 135 135 CYS CYS A . n 
A 1 125 VAL 125 136 136 VAL VAL A . n 
A 1 126 GLN 126 137 137 GLN GLN A . n 
A 1 127 THR 127 138 138 THR THR A . n 
A 1 128 LEU 128 139 139 LEU LEU A . n 
A 1 129 ALA 129 140 140 ALA ALA A . n 
A 1 130 GLN 130 141 141 GLN GLN A . n 
A 1 131 TYR 131 142 142 TYR TYR A . n 
A 1 132 VAL 132 143 143 VAL VAL A . n 
A 1 133 THR 133 144 144 THR THR A . n 
A 1 134 VAL 134 145 145 VAL VAL A . n 
A 1 135 GLN 135 146 146 GLN GLN A . n 
A 1 136 GLU 136 147 147 GLU GLU A . n 
A 1 137 PRO 137 148 148 PRO PRO A . n 
A 1 138 ASP 138 149 ?   ?   ?   A . n 
A 1 139 SER 139 150 ?   ?   ?   A . n 
A 1 140 THR 140 151 ?   ?   ?   A . n 
A 1 141 THR 141 152 ?   ?   ?   A . n 
A 1 142 GLN 142 153 ?   ?   ?   A . n 
A 1 143 GLU 143 154 ?   ?   ?   A . n 
A 1 144 LEU 144 155 ?   ?   ?   A . n 
A 1 145 GLN 145 156 ?   ?   ?   A . n 
A 1 146 GLN 146 157 ?   ?   ?   A . n 
A 1 147 SER 147 158 ?   ?   ?   A . n 
A 1 148 GLN 148 159 ?   ?   ?   A . n 
B 2 1   GLU 1   559 ?   ?   ?   B . n 
B 2 2   ASP 2   560 560 ASP ASP B . n 
B 2 3   LEU 3   561 561 LEU LEU B . n 
B 2 4   TRP 4   562 562 TRP TRP B . n 
B 2 5   LEU 5   563 563 LEU LEU B . n 
B 2 6   GLN 6   564 564 GLN GLN B . n 
B 2 7   GLU 7   565 565 GLU GLU B . n 
B 2 8   VAL 8   566 566 VAL VAL B . n 
B 2 9   SER 9   567 567 SER SER B . n 
B 2 10  ASN 10  568 568 ASN ASN B . n 
B 2 11  LEU 11  569 569 LEU LEU B . n 
B 2 12  SER 12  570 570 SER SER B . n 
B 2 13  GLU 13  571 571 GLU GLU B . n 
B 2 14  TRP 14  572 572 TRP TRP B . n 
B 2 15  LEU 15  573 573 LEU LEU B . n 
B 2 16  ASN 16  574 574 ASN ASN B . n 
B 2 17  PRO 17  575 ?   ?   ?   B . n 
B 2 18  GLY 18  576 ?   ?   ?   B . n 
# 
loop_
_pdbx_nonpoly_scheme.asym_id 
_pdbx_nonpoly_scheme.entity_id 
_pdbx_nonpoly_scheme.mon_id 
_pdbx_nonpoly_scheme.ndb_seq_num 
_pdbx_nonpoly_scheme.pdb_seq_num 
_pdbx_nonpoly_scheme.auth_seq_num 
_pdbx_nonpoly_scheme.pdb_mon_id 
_pdbx_nonpoly_scheme.auth_mon_id 
_pdbx_nonpoly_scheme.pdb_strand_id 
_pdbx_nonpoly_scheme.pdb_ins_code 
C 3 HOH 1 201 23 HOH HOH A . 
C 3 HOH 2 202 4  HOH HOH A . 
C 3 HOH 3 203 14 HOH HOH A . 
C 3 HOH 4 204 27 HOH HOH A . 
# 
loop_
_software.citation_id 
_software.classification 
_software.compiler_name 
_software.compiler_version 
_software.contact_author 
_software.contact_author_email 
_software.date 
_software.description 
_software.dependencies 
_software.hardware 
_software.language 
_software.location 
_software.mods 
_software.name 
_software.os 
_software.os_version 
_software.type 
_software.version 
_software.pdbx_ordinal 
? refinement        ? ? ? ? ? ? ? ? ? ? ? REFMAC      ? ? ? 5.8.0267 1 
? 'data scaling'    ? ? ? ? ? ? ? ? ? ? ? Aimless     ? ? ? .        2 
? 'data extraction' ? ? ? ? ? ? ? ? ? ? ? PDB_EXTRACT ? ? ? 3.27     3 
? 'data reduction'  ? ? ? ? ? ? ? ? ? ? ? autoPROC    ? ? ? .        4 
? phasing           ? ? ? ? ? ? ? ? ? ? ? PHASER      ? ? ? .        5 
# 
_cell.angle_alpha                  90.000 
_cell.angle_alpha_esd              ? 
_cell.angle_beta                   90.000 
_cell.angle_beta_esd               ? 
_cell.angle_gamma                  120.000 
_cell.angle_gamma_esd              ? 
_cell.entry_id                     7QWV 
_cell.details                      ? 
_cell.formula_units_Z              ? 
_cell.length_a                     108.729 
_cell.length_a_esd                 ? 
_cell.length_b                     108.729 
_cell.length_b_esd                 ? 
_cell.length_c                     82.980 
_cell.length_c_esd                 ? 
_cell.volume                       ? 
_cell.volume_esd                   ? 
_cell.Z_PDB                        12 
_cell.reciprocal_angle_alpha       ? 
_cell.reciprocal_angle_beta        ? 
_cell.reciprocal_angle_gamma       ? 
_cell.reciprocal_angle_alpha_esd   ? 
_cell.reciprocal_angle_beta_esd    ? 
_cell.reciprocal_angle_gamma_esd   ? 
_cell.reciprocal_length_a          ? 
_cell.reciprocal_length_b          ? 
_cell.reciprocal_length_c          ? 
_cell.reciprocal_length_a_esd      ? 
_cell.reciprocal_length_b_esd      ? 
_cell.reciprocal_length_c_esd      ? 
_cell.pdbx_unique_axis             ? 
# 
_symmetry.entry_id                         7QWV 
_symmetry.cell_setting                     ? 
_symmetry.Int_Tables_number                178 
_symmetry.space_group_name_Hall            ? 
_symmetry.space_group_name_H-M             'P 61 2 2' 
_symmetry.pdbx_full_space_group_name_H-M   ? 
# 
_exptl.absorpt_coefficient_mu     ? 
_exptl.absorpt_correction_T_max   ? 
_exptl.absorpt_correction_T_min   ? 
_exptl.absorpt_correction_type    ? 
_exptl.absorpt_process_details    ? 
_exptl.entry_id                   7QWV 
_exptl.crystals_number            1 
_exptl.details                    ? 
_exptl.method                     'X-RAY DIFFRACTION' 
_exptl.method_details             ? 
# 
_exptl_crystal.colour                      ? 
_exptl_crystal.density_diffrn              ? 
_exptl_crystal.density_Matthews            3.84 
_exptl_crystal.density_method              ? 
_exptl_crystal.density_percent_sol         68 
_exptl_crystal.description                 ? 
_exptl_crystal.F_000                       ? 
_exptl_crystal.id                          1 
_exptl_crystal.preparation                 ? 
_exptl_crystal.size_max                    ? 
_exptl_crystal.size_mid                    ? 
_exptl_crystal.size_min                    ? 
_exptl_crystal.size_rad                    ? 
_exptl_crystal.colour_lustre               ? 
_exptl_crystal.colour_modifier             ? 
_exptl_crystal.colour_primary              ? 
_exptl_crystal.density_meas                ? 
_exptl_crystal.density_meas_esd            ? 
_exptl_crystal.density_meas_gt             ? 
_exptl_crystal.density_meas_lt             ? 
_exptl_crystal.density_meas_temp           ? 
_exptl_crystal.density_meas_temp_esd       ? 
_exptl_crystal.density_meas_temp_gt        ? 
_exptl_crystal.density_meas_temp_lt        ? 
_exptl_crystal.pdbx_crystal_image_url      ? 
_exptl_crystal.pdbx_crystal_image_format   ? 
_exptl_crystal.pdbx_mosaicity              ? 
_exptl_crystal.pdbx_mosaicity_esd          ? 
# 
_exptl_crystal_grow.apparatus       ? 
_exptl_crystal_grow.atmosphere      ? 
_exptl_crystal_grow.crystal_id      1 
_exptl_crystal_grow.details         ? 
_exptl_crystal_grow.method          'VAPOR DIFFUSION, HANGING DROP' 
_exptl_crystal_grow.method_ref      ? 
_exptl_crystal_grow.pH              6.5 
_exptl_crystal_grow.pressure        ? 
_exptl_crystal_grow.pressure_esd    ? 
_exptl_crystal_grow.seeding         ? 
_exptl_crystal_grow.seeding_ref     ? 
_exptl_crystal_grow.temp            293.15 
_exptl_crystal_grow.temp_details    ? 
_exptl_crystal_grow.temp_esd        ? 
_exptl_crystal_grow.time            ? 
_exptl_crystal_grow.pdbx_details    '1.6M MgSO4, 0.1 M MES (pH 6.5), 10% dioxane' 
_exptl_crystal_grow.pdbx_pH_range   ? 
# 
_diffrn.ambient_environment              ? 
_diffrn.ambient_temp                     100 
_diffrn.ambient_temp_details             ? 
_diffrn.ambient_temp_esd                 ? 
_diffrn.crystal_id                       1 
_diffrn.crystal_support                  ? 
_diffrn.crystal_treatment                ? 
_diffrn.details                          ? 
_diffrn.id                               1 
_diffrn.ambient_pressure                 ? 
_diffrn.ambient_pressure_esd             ? 
_diffrn.ambient_pressure_gt              ? 
_diffrn.ambient_pressure_lt              ? 
_diffrn.ambient_temp_gt                  ? 
_diffrn.ambient_temp_lt                  ? 
_diffrn.pdbx_serial_crystal_experiment   N 
# 
_diffrn_detector.details                      ? 
_diffrn_detector.detector                     PIXEL 
_diffrn_detector.diffrn_id                    1 
_diffrn_detector.type                         'DECTRIS PILATUS3 6M' 
_diffrn_detector.area_resol_mean              ? 
_diffrn_detector.dtime                        ? 
_diffrn_detector.pdbx_frames_total            ? 
_diffrn_detector.pdbx_collection_time_total   ? 
_diffrn_detector.pdbx_collection_date         2018-06-02 
_diffrn_detector.pdbx_frequency               ? 
# 
_diffrn_radiation.collimation                      ? 
_diffrn_radiation.diffrn_id                        1 
_diffrn_radiation.filter_edge                      ? 
_diffrn_radiation.inhomogeneity                    ? 
_diffrn_radiation.monochromator                    ? 
_diffrn_radiation.polarisn_norm                    ? 
_diffrn_radiation.polarisn_ratio                   ? 
_diffrn_radiation.probe                            ? 
_diffrn_radiation.type                             ? 
_diffrn_radiation.xray_symbol                      ? 
_diffrn_radiation.wavelength_id                    1 
_diffrn_radiation.pdbx_monochromatic_or_laue_m_l   M 
_diffrn_radiation.pdbx_wavelength_list             ? 
_diffrn_radiation.pdbx_wavelength                  ? 
_diffrn_radiation.pdbx_diffrn_protocol             'SINGLE WAVELENGTH' 
_diffrn_radiation.pdbx_analyzer                    ? 
_diffrn_radiation.pdbx_scattering_type             x-ray 
# 
_diffrn_radiation_wavelength.id           1 
_diffrn_radiation_wavelength.wavelength   0.97625 
_diffrn_radiation_wavelength.wt           1.0 
# 
_diffrn_source.current                     ? 
_diffrn_source.details                     ? 
_diffrn_source.diffrn_id                   1 
_diffrn_source.power                       ? 
_diffrn_source.size                        ? 
_diffrn_source.source                      SYNCHROTRON 
_diffrn_source.target                      ? 
_diffrn_source.type                        'ESRF BEAMLINE ID30B' 
_diffrn_source.voltage                     ? 
_diffrn_source.take-off_angle              ? 
_diffrn_source.pdbx_wavelength_list        0.97625 
_diffrn_source.pdbx_wavelength             ? 
_diffrn_source.pdbx_synchrotron_beamline   ID30B 
_diffrn_source.pdbx_synchrotron_site       ESRF 
# 
_reflns.B_iso_Wilson_estimate                          ? 
_reflns.entry_id                                       7QWV 
_reflns.data_reduction_details                         ? 
_reflns.data_reduction_method                          ? 
_reflns.d_resolution_high                              2.26 
_reflns.d_resolution_low                               94.16 
_reflns.details                                        ? 
_reflns.limit_h_max                                    ? 
_reflns.limit_h_min                                    ? 
_reflns.limit_k_max                                    ? 
_reflns.limit_k_min                                    ? 
_reflns.limit_l_max                                    ? 
_reflns.limit_l_min                                    ? 
_reflns.number_all                                     ? 
_reflns.number_obs                                     11909 
_reflns.observed_criterion                             ? 
_reflns.observed_criterion_F_max                       ? 
_reflns.observed_criterion_F_min                       ? 
_reflns.observed_criterion_I_max                       ? 
_reflns.observed_criterion_I_min                       ? 
_reflns.observed_criterion_sigma_F                     ? 
_reflns.observed_criterion_sigma_I                     ? 
_reflns.percent_possible_obs                           84.4 
_reflns.R_free_details                                 ? 
_reflns.Rmerge_F_all                                   ? 
_reflns.Rmerge_F_obs                                   ? 
_reflns.Friedel_coverage                               ? 
_reflns.number_gt                                      ? 
_reflns.threshold_expression                           ? 
_reflns.pdbx_redundancy                                18 
_reflns.pdbx_Rmerge_I_obs                              ? 
_reflns.pdbx_Rmerge_I_all                              ? 
_reflns.pdbx_Rsym_value                                ? 
_reflns.pdbx_netI_over_av_sigmaI                       ? 
_reflns.pdbx_netI_over_sigmaI                          23.9 
_reflns.pdbx_res_netI_over_av_sigmaI_2                 ? 
_reflns.pdbx_res_netI_over_sigmaI_2                    ? 
_reflns.pdbx_chi_squared                               ? 
_reflns.pdbx_scaling_rejects                           ? 
_reflns.pdbx_d_res_high_opt                            ? 
_reflns.pdbx_d_res_low_opt                             ? 
_reflns.pdbx_d_res_opt_method                          ? 
_reflns.phase_calculation_details                      ? 
_reflns.pdbx_Rrim_I_all                                ? 
_reflns.pdbx_Rpim_I_all                                ? 
_reflns.pdbx_d_opt                                     ? 
_reflns.pdbx_number_measured_all                       ? 
_reflns.pdbx_diffrn_id                                 1 
_reflns.pdbx_ordinal                                   1 
_reflns.pdbx_CC_half                                   0.999 
_reflns.pdbx_CC_star                                   ? 
_reflns.pdbx_R_split                                   ? 
_reflns.pdbx_aniso_diffraction_limit_axis_1_ortho[1]   ? 
_reflns.pdbx_aniso_diffraction_limit_axis_1_ortho[2]   ? 
_reflns.pdbx_aniso_diffraction_limit_axis_1_ortho[3]   ? 
_reflns.pdbx_aniso_diffraction_limit_axis_2_ortho[1]   ? 
_reflns.pdbx_aniso_diffraction_limit_axis_2_ortho[2]   ? 
_reflns.pdbx_aniso_diffraction_limit_axis_2_ortho[3]   ? 
_reflns.pdbx_aniso_diffraction_limit_axis_3_ortho[1]   ? 
_reflns.pdbx_aniso_diffraction_limit_axis_3_ortho[2]   ? 
_reflns.pdbx_aniso_diffraction_limit_axis_3_ortho[3]   ? 
_reflns.pdbx_aniso_diffraction_limit_1                 ? 
_reflns.pdbx_aniso_diffraction_limit_2                 ? 
_reflns.pdbx_aniso_diffraction_limit_3                 ? 
_reflns.pdbx_aniso_B_tensor_eigenvector_1_ortho[1]     ? 
_reflns.pdbx_aniso_B_tensor_eigenvector_1_ortho[2]     ? 
_reflns.pdbx_aniso_B_tensor_eigenvector_1_ortho[3]     ? 
_reflns.pdbx_aniso_B_tensor_eigenvector_2_ortho[1]     ? 
_reflns.pdbx_aniso_B_tensor_eigenvector_2_ortho[2]     ? 
_reflns.pdbx_aniso_B_tensor_eigenvector_2_ortho[3]     ? 
_reflns.pdbx_aniso_B_tensor_eigenvector_3_ortho[1]     ? 
_reflns.pdbx_aniso_B_tensor_eigenvector_3_ortho[2]     ? 
_reflns.pdbx_aniso_B_tensor_eigenvector_3_ortho[3]     ? 
_reflns.pdbx_aniso_B_tensor_eigenvalue_1               ? 
_reflns.pdbx_aniso_B_tensor_eigenvalue_2               ? 
_reflns.pdbx_aniso_B_tensor_eigenvalue_3               ? 
_reflns.pdbx_orthogonalization_convention              ? 
_reflns.pdbx_percent_possible_ellipsoidal              ? 
_reflns.pdbx_percent_possible_spherical                ? 
_reflns.pdbx_percent_possible_ellipsoidal_anomalous    ? 
_reflns.pdbx_percent_possible_spherical_anomalous      ? 
_reflns.pdbx_redundancy_anomalous                      ? 
_reflns.pdbx_CC_half_anomalous                         ? 
_reflns.pdbx_absDiff_over_sigma_anomalous              ? 
_reflns.pdbx_percent_possible_anomalous                ? 
_reflns.pdbx_observed_signal_threshold                 ? 
_reflns.pdbx_signal_type                               ? 
_reflns.pdbx_signal_details                            ? 
_reflns.pdbx_signal_software_id                        ? 
# 
_reflns_shell.d_res_high                                    2.26 
_reflns_shell.d_res_low                                     2.348 
_reflns_shell.meanI_over_sigI_all                           ? 
_reflns_shell.meanI_over_sigI_obs                           1.37 
_reflns_shell.number_measured_all                           ? 
_reflns_shell.number_measured_obs                           ? 
_reflns_shell.number_possible                               ? 
_reflns_shell.number_unique_all                             ? 
_reflns_shell.number_unique_obs                             596 
_reflns_shell.percent_possible_all                          38.9 
_reflns_shell.percent_possible_obs                          ? 
_reflns_shell.Rmerge_F_all                                  ? 
_reflns_shell.Rmerge_F_obs                                  ? 
_reflns_shell.Rmerge_I_all                                  ? 
_reflns_shell.Rmerge_I_obs                                  ? 
_reflns_shell.meanI_over_sigI_gt                            ? 
_reflns_shell.meanI_over_uI_all                             ? 
_reflns_shell.meanI_over_uI_gt                              ? 
_reflns_shell.number_measured_gt                            ? 
_reflns_shell.number_unique_gt                              ? 
_reflns_shell.percent_possible_gt                           ? 
_reflns_shell.Rmerge_F_gt                                   ? 
_reflns_shell.Rmerge_I_gt                                   ? 
_reflns_shell.pdbx_redundancy                               ? 
_reflns_shell.pdbx_Rsym_value                               ? 
_reflns_shell.pdbx_chi_squared                              ? 
_reflns_shell.pdbx_netI_over_sigmaI_all                     ? 
_reflns_shell.pdbx_netI_over_sigmaI_obs                     ? 
_reflns_shell.pdbx_Rrim_I_all                               ? 
_reflns_shell.pdbx_Rpim_I_all                               ? 
_reflns_shell.pdbx_rejects                                  ? 
_reflns_shell.pdbx_ordinal                                  1 
_reflns_shell.pdbx_diffrn_id                                1 
_reflns_shell.pdbx_CC_half                                  0.57 
_reflns_shell.pdbx_CC_star                                  ? 
_reflns_shell.pdbx_R_split                                  ? 
_reflns_shell.pdbx_percent_possible_ellipsoidal             ? 
_reflns_shell.pdbx_percent_possible_spherical               ? 
_reflns_shell.pdbx_percent_possible_ellipsoidal_anomalous   ? 
_reflns_shell.pdbx_percent_possible_spherical_anomalous     ? 
_reflns_shell.pdbx_redundancy_anomalous                     ? 
_reflns_shell.pdbx_CC_half_anomalous                        ? 
_reflns_shell.pdbx_absDiff_over_sigma_anomalous             ? 
_reflns_shell.pdbx_percent_possible_anomalous               ? 
# 
_refine.aniso_B[1][1]                            -3.9000 
_refine.aniso_B[1][2]                            -0.0000 
_refine.aniso_B[1][3]                            -0.0000 
_refine.aniso_B[2][2]                            -3.9000 
_refine.aniso_B[2][3]                            -0.0000 
_refine.aniso_B[3][3]                            7.8000 
_refine.B_iso_max                                149.380 
_refine.B_iso_mean                               70.7770 
_refine.B_iso_min                                46.420 
_refine.correlation_coeff_Fo_to_Fc               0.9520 
_refine.correlation_coeff_Fo_to_Fc_free          0.9340 
_refine.details                                  
'HYDROGENS HAVE BEEN ADDED IN THE RIDING POSITIONS U VALUES      : REFINED INDIVIDUALLY' 
_refine.diff_density_max                         ? 
_refine.diff_density_max_esd                     ? 
_refine.diff_density_min                         ? 
_refine.diff_density_min_esd                     ? 
_refine.diff_density_rms                         ? 
_refine.diff_density_rms_esd                     ? 
_refine.entry_id                                 7QWV 
_refine.pdbx_refine_id                           'X-RAY DIFFRACTION' 
_refine.ls_abs_structure_details                 ? 
_refine.ls_abs_structure_Flack                   ? 
_refine.ls_abs_structure_Flack_esd               ? 
_refine.ls_abs_structure_Rogers                  ? 
_refine.ls_abs_structure_Rogers_esd              ? 
_refine.ls_d_res_high                            2.2600 
_refine.ls_d_res_low                             94.1600 
_refine.ls_extinction_coef                       ? 
_refine.ls_extinction_coef_esd                   ? 
_refine.ls_extinction_expression                 ? 
_refine.ls_extinction_method                     ? 
_refine.ls_goodness_of_fit_all                   ? 
_refine.ls_goodness_of_fit_all_esd               ? 
_refine.ls_goodness_of_fit_obs                   ? 
_refine.ls_goodness_of_fit_obs_esd               ? 
_refine.ls_hydrogen_treatment                    ? 
_refine.ls_matrix_type                           ? 
_refine.ls_number_constraints                    ? 
_refine.ls_number_parameters                     ? 
_refine.ls_number_reflns_all                     ? 
_refine.ls_number_reflns_obs                     11281 
_refine.ls_number_reflns_R_free                  629 
_refine.ls_number_reflns_R_work                  ? 
_refine.ls_number_restraints                     ? 
_refine.ls_percent_reflns_obs                    84.3700 
_refine.ls_percent_reflns_R_free                 5.3000 
_refine.ls_R_factor_all                          ? 
_refine.ls_R_factor_obs                          0.2274 
_refine.ls_R_factor_R_free                       0.2487 
_refine.ls_R_factor_R_free_error                 ? 
_refine.ls_R_factor_R_free_error_details         ? 
_refine.ls_R_factor_R_work                       0.2262 
_refine.ls_R_Fsqd_factor_obs                     ? 
_refine.ls_R_I_factor_obs                        ? 
_refine.ls_redundancy_reflns_all                 ? 
_refine.ls_redundancy_reflns_obs                 ? 
_refine.ls_restrained_S_all                      ? 
_refine.ls_restrained_S_obs                      ? 
_refine.ls_shift_over_esd_max                    ? 
_refine.ls_shift_over_esd_mean                   ? 
_refine.ls_structure_factor_coef                 ? 
_refine.ls_weighting_details                     ? 
_refine.ls_weighting_scheme                      ? 
_refine.ls_wR_factor_all                         ? 
_refine.ls_wR_factor_obs                         ? 
_refine.ls_wR_factor_R_free                      ? 
_refine.ls_wR_factor_R_work                      ? 
_refine.occupancy_max                            ? 
_refine.occupancy_min                            ? 
_refine.solvent_model_details                    MASK 
_refine.solvent_model_param_bsol                 ? 
_refine.solvent_model_param_ksol                 ? 
_refine.pdbx_R_complete                          ? 
_refine.ls_R_factor_gt                           ? 
_refine.ls_goodness_of_fit_gt                    ? 
_refine.ls_goodness_of_fit_ref                   ? 
_refine.ls_shift_over_su_max                     ? 
_refine.ls_shift_over_su_max_lt                  ? 
_refine.ls_shift_over_su_mean                    ? 
_refine.ls_shift_over_su_mean_lt                 ? 
_refine.pdbx_ls_sigma_I                          ? 
_refine.pdbx_ls_sigma_F                          0.000 
_refine.pdbx_ls_sigma_Fsqd                       ? 
_refine.pdbx_data_cutoff_high_absF               ? 
_refine.pdbx_data_cutoff_high_rms_absF           ? 
_refine.pdbx_data_cutoff_low_absF                ? 
_refine.pdbx_isotropic_thermal_model             ? 
_refine.pdbx_ls_cross_valid_method               THROUGHOUT 
_refine.pdbx_method_to_determine_struct          'MOLECULAR REPLACEMENT' 
_refine.pdbx_starting_model                      6HFG 
_refine.pdbx_stereochemistry_target_values       'MAXIMUM LIKELIHOOD' 
_refine.pdbx_R_Free_selection_details            RANDOM 
_refine.pdbx_stereochem_target_val_spec_case     ? 
_refine.pdbx_overall_ESU_R                       0.0450 
_refine.pdbx_overall_ESU_R_Free                  0.0390 
_refine.pdbx_solvent_vdw_probe_radii             1.2000 
_refine.pdbx_solvent_ion_probe_radii             0.8000 
_refine.pdbx_solvent_shrinkage_radii             0.8000 
_refine.pdbx_real_space_R                        ? 
_refine.pdbx_density_correlation                 ? 
_refine.pdbx_pd_number_of_powder_patterns        ? 
_refine.pdbx_pd_number_of_points                 ? 
_refine.pdbx_pd_meas_number_of_points            ? 
_refine.pdbx_pd_proc_ls_prof_R_factor            ? 
_refine.pdbx_pd_proc_ls_prof_wR_factor           ? 
_refine.pdbx_pd_Marquardt_correlation_coeff      ? 
_refine.pdbx_pd_Fsqrd_R_factor                   ? 
_refine.pdbx_pd_ls_matrix_band_width             ? 
_refine.pdbx_overall_phase_error                 ? 
_refine.pdbx_overall_SU_R_free_Cruickshank_DPI   ? 
_refine.pdbx_overall_SU_R_free_Blow_DPI          ? 
_refine.pdbx_overall_SU_R_Blow_DPI               ? 
_refine.pdbx_TLS_residual_ADP_flag               ? 
_refine.pdbx_diffrn_id                           1 
_refine.overall_SU_B                             3.4270 
_refine.overall_SU_ML                            0.0900 
_refine.overall_SU_R_Cruickshank_DPI             ? 
_refine.overall_SU_R_free                        ? 
_refine.overall_FOM_free_R_set                   ? 
_refine.overall_FOM_work_R_set                   ? 
_refine.pdbx_average_fsc_overall                 ? 
_refine.pdbx_average_fsc_work                    ? 
_refine.pdbx_average_fsc_free                    ? 
# 
_refine_hist.pdbx_refine_id                   'X-RAY DIFFRACTION' 
_refine_hist.cycle_id                         final 
_refine_hist.details                          ? 
_refine_hist.d_res_high                       2.2600 
_refine_hist.d_res_low                        94.1600 
_refine_hist.number_atoms_solvent             4 
_refine_hist.number_atoms_total               1057 
_refine_hist.number_reflns_all                ? 
_refine_hist.number_reflns_obs                ? 
_refine_hist.number_reflns_R_free             ? 
_refine_hist.number_reflns_R_work             ? 
_refine_hist.R_factor_all                     ? 
_refine_hist.R_factor_obs                     ? 
_refine_hist.R_factor_R_free                  ? 
_refine_hist.R_factor_R_work                  ? 
_refine_hist.pdbx_number_residues_total       132 
_refine_hist.pdbx_B_iso_mean_ligand           ? 
_refine_hist.pdbx_B_iso_mean_solvent          54.31 
_refine_hist.pdbx_number_atoms_protein        1053 
_refine_hist.pdbx_number_atoms_nucleic_acid   0 
_refine_hist.pdbx_number_atoms_ligand         0 
_refine_hist.pdbx_number_atoms_lipid          ? 
_refine_hist.pdbx_number_atoms_carb           ? 
_refine_hist.pdbx_pseudo_atom_details         ? 
# 
loop_
_refine_ls_restr.pdbx_refine_id 
_refine_ls_restr.criterion 
_refine_ls_restr.dev_ideal 
_refine_ls_restr.dev_ideal_target 
_refine_ls_restr.number 
_refine_ls_restr.rejects 
_refine_ls_restr.type 
_refine_ls_restr.weight 
_refine_ls_restr.pdbx_restraint_function 
'X-RAY DIFFRACTION' ? 0.005  0.013  1072 ? r_bond_refined_d       ? ? 
'X-RAY DIFFRACTION' ? 0.003  0.015  1020 ? r_bond_other_d         ? ? 
'X-RAY DIFFRACTION' ? 1.365  1.624  1441 ? r_angle_refined_deg    ? ? 
'X-RAY DIFFRACTION' ? 1.163  1.577  2343 ? r_angle_other_deg      ? ? 
'X-RAY DIFFRACTION' ? 7.846  5.000  128  ? r_dihedral_angle_1_deg ? ? 
'X-RAY DIFFRACTION' ? 30.260 22.000 55   ? r_dihedral_angle_2_deg ? ? 
'X-RAY DIFFRACTION' ? 16.660 15.000 194  ? r_dihedral_angle_3_deg ? ? 
'X-RAY DIFFRACTION' ? 16.117 15.000 7    ? r_dihedral_angle_4_deg ? ? 
'X-RAY DIFFRACTION' ? 0.049  0.200  132  ? r_chiral_restr         ? ? 
'X-RAY DIFFRACTION' ? 0.005  0.020  1183 ? r_gen_planes_refined   ? ? 
'X-RAY DIFFRACTION' ? 0.001  0.020  263  ? r_gen_planes_other     ? ? 
# 
_refine_ls_shell.pdbx_refine_id                   'X-RAY DIFFRACTION' 
_refine_ls_shell.d_res_high                       2.26 
_refine_ls_shell.d_res_low                        2.3150 
_refine_ls_shell.number_reflns_all                ? 
_refine_ls_shell.number_reflns_obs                ? 
_refine_ls_shell.number_reflns_R_free             14 
_refine_ls_shell.number_reflns_R_work             296 
_refine_ls_shell.percent_reflns_obs               30.3000 
_refine_ls_shell.percent_reflns_R_free            ? 
_refine_ls_shell.R_factor_all                     ? 
_refine_ls_shell.R_factor_obs                     ? 
_refine_ls_shell.R_factor_R_free                  0.3610 
_refine_ls_shell.R_factor_R_free_error            0.0000 
_refine_ls_shell.R_factor_R_work                  0.2990 
_refine_ls_shell.redundancy_reflns_all            ? 
_refine_ls_shell.redundancy_reflns_obs            ? 
_refine_ls_shell.wR_factor_all                    ? 
_refine_ls_shell.wR_factor_obs                    ? 
_refine_ls_shell.wR_factor_R_free                 ? 
_refine_ls_shell.wR_factor_R_work                 ? 
_refine_ls_shell.pdbx_R_complete                  ? 
_refine_ls_shell.pdbx_total_number_of_bins_used   ? 
_refine_ls_shell.pdbx_phase_error                 ? 
_refine_ls_shell.pdbx_fsc_work                    ? 
_refine_ls_shell.pdbx_fsc_free                    ? 
# 
_struct.entry_id                     7QWV 
_struct.title                        'Crystal structure of the REC114-TOPOVIBL complex.' 
_struct.pdbx_model_details           ? 
_struct.pdbx_formula_weight          ? 
_struct.pdbx_formula_weight_method   ? 
_struct.pdbx_model_type_details      ? 
_struct.pdbx_CASP_flag               N 
# 
_struct_keywords.entry_id        7QWV 
_struct_keywords.text            'meiosis, recombination' 
_struct_keywords.pdbx_keywords   RECOMBINATION 
# 
loop_
_struct_asym.id 
_struct_asym.pdbx_blank_PDB_chainid_flag 
_struct_asym.pdbx_modified 
_struct_asym.entity_id 
_struct_asym.details 
A N N 1 ? 
B N N 2 ? 
C N N 3 ? 
# 
loop_
_struct_ref.id 
_struct_ref.db_name 
_struct_ref.db_code 
_struct_ref.pdbx_db_accession 
_struct_ref.pdbx_db_isoform 
_struct_ref.entity_id 
_struct_ref.pdbx_seq_one_letter_code 
_struct_ref.pdbx_align_begin 
1 UNP RE114_MOUSE Q9CWH4 ? 1 
;GEVSQWSLKRYGRFMLLDNVGSPGPSSEAAAAGSPTWKVFESSEESGSLVLTIVVSGHFFISQGQTLLEGFSLIGSKNWL
KIVRRMDCLLFGTTIKNKSRMFRVQFSGESKEEALERCCGCVQTLAQYVTVQEPDSTTQELQQSQ
;
15  
2 UNP TO6BL_MOUSE J3QMY9 ? 2 EDLWLQEVSNLSEWLNPG 559 
# 
loop_
_struct_ref_seq.align_id 
_struct_ref_seq.ref_id 
_struct_ref_seq.pdbx_PDB_id_code 
_struct_ref_seq.pdbx_strand_id 
_struct_ref_seq.seq_align_beg 
_struct_ref_seq.pdbx_seq_align_beg_ins_code 
_struct_ref_seq.seq_align_end 
_struct_ref_seq.pdbx_seq_align_end_ins_code 
_struct_ref_seq.pdbx_db_accession 
_struct_ref_seq.db_align_beg 
_struct_ref_seq.pdbx_db_align_beg_ins_code 
_struct_ref_seq.db_align_end 
_struct_ref_seq.pdbx_db_align_end_ins_code 
_struct_ref_seq.pdbx_auth_seq_align_beg 
_struct_ref_seq.pdbx_auth_seq_align_end 
1 1 7QWV A 4 ? 148 ? Q9CWH4 15  ? 159 ? 15  159 
2 2 7QWV B 1 ? 18  ? J3QMY9 559 ? 576 ? 559 576 
# 
loop_
_struct_ref_seq_dif.align_id 
_struct_ref_seq_dif.pdbx_pdb_id_code 
_struct_ref_seq_dif.mon_id 
_struct_ref_seq_dif.pdbx_pdb_strand_id 
_struct_ref_seq_dif.seq_num 
_struct_ref_seq_dif.pdbx_pdb_ins_code 
_struct_ref_seq_dif.pdbx_seq_db_name 
_struct_ref_seq_dif.pdbx_seq_db_accession_code 
_struct_ref_seq_dif.db_mon_id 
_struct_ref_seq_dif.pdbx_seq_db_seq_num 
_struct_ref_seq_dif.details 
_struct_ref_seq_dif.pdbx_auth_seq_num 
_struct_ref_seq_dif.pdbx_ordinal 
1 7QWV GLY A 1 ? UNP Q9CWH4 ? ? 'expression tag' 12 1 
1 7QWV ALA A 2 ? UNP Q9CWH4 ? ? 'expression tag' 13 2 
1 7QWV MET A 3 ? UNP Q9CWH4 ? ? 'expression tag' 14 3 
# 
_pdbx_struct_assembly.id                   1 
_pdbx_struct_assembly.details              author_defined_assembly 
_pdbx_struct_assembly.method_details       ? 
_pdbx_struct_assembly.oligomeric_details   dimeric 
_pdbx_struct_assembly.oligomeric_count     2 
# 
_pdbx_struct_assembly_gen.assembly_id       1 
_pdbx_struct_assembly_gen.oper_expression   1 
_pdbx_struct_assembly_gen.asym_id_list      A,B,C 
# 
_pdbx_struct_assembly_auth_evidence.id                     1 
_pdbx_struct_assembly_auth_evidence.assembly_id            1 
_pdbx_struct_assembly_auth_evidence.experimental_support   'isothermal titration calorimetry' 
_pdbx_struct_assembly_auth_evidence.details                ? 
# 
_pdbx_struct_oper_list.id                   1 
_pdbx_struct_oper_list.type                 'identity operation' 
_pdbx_struct_oper_list.name                 1_555 
_pdbx_struct_oper_list.symmetry_operation   x,y,z 
_pdbx_struct_oper_list.matrix[1][1]         1.0000000000 
_pdbx_struct_oper_list.matrix[1][2]         0.0000000000 
_pdbx_struct_oper_list.matrix[1][3]         0.0000000000 
_pdbx_struct_oper_list.vector[1]            0.0000000000 
_pdbx_struct_oper_list.matrix[2][1]         0.0000000000 
_pdbx_struct_oper_list.matrix[2][2]         1.0000000000 
_pdbx_struct_oper_list.matrix[2][3]         0.0000000000 
_pdbx_struct_oper_list.vector[2]            0.0000000000 
_pdbx_struct_oper_list.matrix[3][1]         0.0000000000 
_pdbx_struct_oper_list.matrix[3][2]         0.0000000000 
_pdbx_struct_oper_list.matrix[3][3]         1.0000000000 
_pdbx_struct_oper_list.vector[3]            0.0000000000 
# 
loop_
_struct_conf.conf_type_id 
_struct_conf.id 
_struct_conf.pdbx_PDB_helix_id 
_struct_conf.beg_label_comp_id 
_struct_conf.beg_label_asym_id 
_struct_conf.beg_label_seq_id 
_struct_conf.pdbx_beg_PDB_ins_code 
_struct_conf.end_label_comp_id 
_struct_conf.end_label_asym_id 
_struct_conf.end_label_seq_id 
_struct_conf.pdbx_end_PDB_ins_code 
_struct_conf.beg_auth_comp_id 
_struct_conf.beg_auth_asym_id 
_struct_conf.beg_auth_seq_id 
_struct_conf.end_auth_comp_id 
_struct_conf.end_auth_asym_id 
_struct_conf.end_auth_seq_id 
_struct_conf.pdbx_PDB_helix_class 
_struct_conf.details 
_struct_conf.pdbx_PDB_helix_length 
HELX_P HELX_P1 AA1 GLY A 78  ? ASN A 81  ? GLY A 89  ASN A 92  5 ? 4  
HELX_P HELX_P2 AA2 SER A 113 ? ALA A 129 ? SER A 124 ALA A 140 1 ? 17 
HELX_P HELX_P3 AA3 LEU B 3   ? LEU B 11  ? LEU B 561 LEU B 569 1 ? 9  
HELX_P HELX_P4 AA4 SER B 12  ? LEU B 15  ? SER B 570 LEU B 573 5 ? 4  
# 
_struct_conf_type.id          HELX_P 
_struct_conf_type.criteria    ? 
_struct_conf_type.reference   ? 
# 
_struct_conn.id                            disulf1 
_struct_conn.conn_type_id                  disulf 
_struct_conn.pdbx_leaving_atom_flag        ? 
_struct_conn.pdbx_PDB_id                   ? 
_struct_conn.ptnr1_label_asym_id           A 
_struct_conn.ptnr1_label_comp_id           CYS 
_struct_conn.ptnr1_label_seq_id            122 
_struct_conn.ptnr1_label_atom_id           SG 
_struct_conn.pdbx_ptnr1_label_alt_id       ? 
_struct_conn.pdbx_ptnr1_PDB_ins_code       ? 
_struct_conn.pdbx_ptnr1_standard_comp_id   ? 
_struct_conn.ptnr1_symmetry                1_555 
_struct_conn.ptnr2_label_asym_id           A 
_struct_conn.ptnr2_label_comp_id           CYS 
_struct_conn.ptnr2_label_seq_id            122 
_struct_conn.ptnr2_label_atom_id           SG 
_struct_conn.pdbx_ptnr2_label_alt_id       ? 
_struct_conn.pdbx_ptnr2_PDB_ins_code       ? 
_struct_conn.ptnr1_auth_asym_id            A 
_struct_conn.ptnr1_auth_comp_id            CYS 
_struct_conn.ptnr1_auth_seq_id             133 
_struct_conn.ptnr2_auth_asym_id            A 
_struct_conn.ptnr2_auth_comp_id            CYS 
_struct_conn.ptnr2_auth_seq_id             133 
_struct_conn.ptnr2_symmetry                10_554 
_struct_conn.pdbx_ptnr3_label_atom_id      ? 
_struct_conn.pdbx_ptnr3_label_seq_id       ? 
_struct_conn.pdbx_ptnr3_label_comp_id      ? 
_struct_conn.pdbx_ptnr3_label_asym_id      ? 
_struct_conn.pdbx_ptnr3_label_alt_id       ? 
_struct_conn.pdbx_ptnr3_PDB_ins_code       ? 
_struct_conn.details                       ? 
_struct_conn.pdbx_dist_value               2.782 
_struct_conn.pdbx_value_order              ? 
_struct_conn.pdbx_role                     ? 
# 
_struct_conn_type.id          disulf 
_struct_conn_type.criteria    ? 
_struct_conn_type.reference   ? 
# 
_pdbx_modification_feature.ordinal                            1 
_pdbx_modification_feature.label_comp_id                      CYS 
_pdbx_modification_feature.label_asym_id                      A 
_pdbx_modification_feature.label_seq_id                       122 
_pdbx_modification_feature.label_alt_id                       ? 
_pdbx_modification_feature.modified_residue_label_comp_id     CYS 
_pdbx_modification_feature.modified_residue_label_asym_id     A 
_pdbx_modification_feature.modified_residue_label_seq_id      122 
_pdbx_modification_feature.modified_residue_label_alt_id      ? 
_pdbx_modification_feature.auth_comp_id                       CYS 
_pdbx_modification_feature.auth_asym_id                       A 
_pdbx_modification_feature.auth_seq_id                        133 
_pdbx_modification_feature.PDB_ins_code                       ? 
_pdbx_modification_feature.symmetry                           1_555 
_pdbx_modification_feature.modified_residue_auth_comp_id      CYS 
_pdbx_modification_feature.modified_residue_auth_asym_id      A 
_pdbx_modification_feature.modified_residue_auth_seq_id       133 
_pdbx_modification_feature.modified_residue_PDB_ins_code      ? 
_pdbx_modification_feature.modified_residue_symmetry          10_554 
_pdbx_modification_feature.comp_id_linking_atom               SG 
_pdbx_modification_feature.modified_residue_id_linking_atom   SG 
_pdbx_modification_feature.modified_residue_id                . 
_pdbx_modification_feature.ref_pcm_id                         . 
_pdbx_modification_feature.ref_comp_id                        . 
_pdbx_modification_feature.type                               None 
_pdbx_modification_feature.category                           'Disulfide bridge' 
# 
loop_
_struct_sheet.id 
_struct_sheet.type 
_struct_sheet.number_strands 
_struct_sheet.details 
AA1 ? 5 ? 
AA2 ? 6 ? 
# 
loop_
_struct_sheet_order.sheet_id 
_struct_sheet_order.range_id_1 
_struct_sheet_order.range_id_2 
_struct_sheet_order.offset 
_struct_sheet_order.sense 
AA1 1 2 ? anti-parallel 
AA1 2 3 ? anti-parallel 
AA1 3 4 ? anti-parallel 
AA1 4 5 ? anti-parallel 
AA2 1 2 ? anti-parallel 
AA2 2 3 ? anti-parallel 
AA2 3 4 ? anti-parallel 
AA2 4 5 ? anti-parallel 
AA2 5 6 ? parallel      
# 
loop_
_struct_sheet_range.sheet_id 
_struct_sheet_range.id 
_struct_sheet_range.beg_label_comp_id 
_struct_sheet_range.beg_label_asym_id 
_struct_sheet_range.beg_label_seq_id 
_struct_sheet_range.pdbx_beg_PDB_ins_code 
_struct_sheet_range.end_label_comp_id 
_struct_sheet_range.end_label_asym_id 
_struct_sheet_range.end_label_seq_id 
_struct_sheet_range.pdbx_end_PDB_ins_code 
_struct_sheet_range.beg_auth_comp_id 
_struct_sheet_range.beg_auth_asym_id 
_struct_sheet_range.beg_auth_seq_id 
_struct_sheet_range.end_auth_comp_id 
_struct_sheet_range.end_auth_asym_id 
_struct_sheet_range.end_auth_seq_id 
AA1 1 TRP A 40  ? GLU A 44  ? TRP A 51  GLU A 55  
AA1 2 VAL A 6   ? PHE A 17  ? VAL A 17  PHE A 28  
AA1 3 LEU A 52  ? VAL A 57  ? LEU A 63  VAL A 68  
AA1 4 HIS A 61  ? GLN A 66  ? HIS A 72  GLN A 77  
AA1 5 THR A 69  ? SER A 75  ? THR A 80  SER A 86  
AA2 1 TRP A 40  ? GLU A 44  ? TRP A 51  GLU A 55  
AA2 2 VAL A 6   ? PHE A 17  ? VAL A 17  PHE A 28  
AA2 3 ARG A 103 ? PHE A 109 ? ARG A 114 PHE A 120 
AA2 4 CYS A 91  ? THR A 96  ? CYS A 102 THR A 107 
AA2 5 LEU A 83  ? ARG A 88  ? LEU A 94  ARG A 99  
AA2 6 VAL A 134 ? GLN A 135 ? VAL A 145 GLN A 146 
# 
loop_
_pdbx_struct_sheet_hbond.sheet_id 
_pdbx_struct_sheet_hbond.range_id_1 
_pdbx_struct_sheet_hbond.range_id_2 
_pdbx_struct_sheet_hbond.range_1_label_atom_id 
_pdbx_struct_sheet_hbond.range_1_label_comp_id 
_pdbx_struct_sheet_hbond.range_1_label_asym_id 
_pdbx_struct_sheet_hbond.range_1_label_seq_id 
_pdbx_struct_sheet_hbond.range_1_PDB_ins_code 
_pdbx_struct_sheet_hbond.range_1_auth_atom_id 
_pdbx_struct_sheet_hbond.range_1_auth_comp_id 
_pdbx_struct_sheet_hbond.range_1_auth_asym_id 
_pdbx_struct_sheet_hbond.range_1_auth_seq_id 
_pdbx_struct_sheet_hbond.range_2_label_atom_id 
_pdbx_struct_sheet_hbond.range_2_label_comp_id 
_pdbx_struct_sheet_hbond.range_2_label_asym_id 
_pdbx_struct_sheet_hbond.range_2_label_seq_id 
_pdbx_struct_sheet_hbond.range_2_PDB_ins_code 
_pdbx_struct_sheet_hbond.range_2_auth_atom_id 
_pdbx_struct_sheet_hbond.range_2_auth_comp_id 
_pdbx_struct_sheet_hbond.range_2_auth_asym_id 
_pdbx_struct_sheet_hbond.range_2_auth_seq_id 
AA1 1 2 O PHE A 43  ? O PHE A 54  N TYR A 14  ? N TYR A 25  
AA1 2 3 N TRP A 9   ? N TRP A 20  O LEU A 54  ? O LEU A 65  
AA1 3 4 N THR A 55  ? N THR A 66  O PHE A 63  ? O PHE A 74  
AA1 4 5 N PHE A 62  ? N PHE A 73  O PHE A 74  ? O PHE A 85  
AA2 1 2 O PHE A 43  ? O PHE A 54  N TYR A 14  ? N TYR A 25  
AA2 2 3 N GLY A 15  ? N GLY A 26  O ARG A 106 ? O ARG A 117 
AA2 3 4 O PHE A 105 ? O PHE A 116 N PHE A 94  ? N PHE A 105 
AA2 4 5 O GLY A 95  ? O GLY A 106 N LYS A 84  ? N LYS A 95  
AA2 5 6 N ARG A 87  ? N ARG A 98  O GLN A 135 ? O GLN A 146 
# 
_pdbx_entry_details.entry_id                   7QWV 
_pdbx_entry_details.compound_details           ? 
_pdbx_entry_details.source_details             ? 
_pdbx_entry_details.nonpolymer_details         ? 
_pdbx_entry_details.sequence_details           ? 
_pdbx_entry_details.has_ligand_of_interest     ? 
_pdbx_entry_details.has_protein_modification   Y 
# 
loop_
_pdbx_validate_torsion.id 
_pdbx_validate_torsion.PDB_model_num 
_pdbx_validate_torsion.auth_comp_id 
_pdbx_validate_torsion.auth_asym_id 
_pdbx_validate_torsion.auth_seq_id 
_pdbx_validate_torsion.PDB_ins_code 
_pdbx_validate_torsion.label_alt_id 
_pdbx_validate_torsion.phi 
_pdbx_validate_torsion.psi 
1 1 LEU A 30  ? ? -112.15 61.99   
2 1 MET A 100 ? ? 52.21   -111.73 
# 
loop_
_pdbx_unobs_or_zero_occ_residues.id 
_pdbx_unobs_or_zero_occ_residues.PDB_model_num 
_pdbx_unobs_or_zero_occ_residues.polymer_flag 
_pdbx_unobs_or_zero_occ_residues.occupancy_flag 
_pdbx_unobs_or_zero_occ_residues.auth_asym_id 
_pdbx_unobs_or_zero_occ_residues.auth_comp_id 
_pdbx_unobs_or_zero_occ_residues.auth_seq_id 
_pdbx_unobs_or_zero_occ_residues.PDB_ins_code 
_pdbx_unobs_or_zero_occ_residues.label_asym_id 
_pdbx_unobs_or_zero_occ_residues.label_comp_id 
_pdbx_unobs_or_zero_occ_residues.label_seq_id 
1  1 Y 1 A GLY 12  ? A GLY 1   
2  1 Y 1 A ASP 32  ? A ASP 21  
3  1 Y 1 A ASN 33  ? A ASN 22  
4  1 Y 1 A VAL 34  ? A VAL 23  
5  1 Y 1 A GLY 35  ? A GLY 24  
6  1 Y 1 A SER 36  ? A SER 25  
7  1 Y 1 A PRO 37  ? A PRO 26  
8  1 Y 1 A GLY 38  ? A GLY 27  
9  1 Y 1 A PRO 39  ? A PRO 28  
10 1 Y 1 A SER 40  ? A SER 29  
11 1 Y 1 A SER 41  ? A SER 30  
12 1 Y 1 A GLU 42  ? A GLU 31  
13 1 Y 1 A ALA 43  ? A ALA 32  
14 1 Y 1 A ALA 44  ? A ALA 33  
15 1 Y 1 A ALA 45  ? A ALA 34  
16 1 Y 1 A ALA 46  ? A ALA 35  
17 1 Y 1 A ILE 109 ? A ILE 98  
18 1 Y 1 A LYS 110 ? A LYS 99  
19 1 Y 1 A ASN 111 ? A ASN 100 
20 1 Y 1 A LYS 112 ? A LYS 101 
21 1 Y 1 A ASP 149 ? A ASP 138 
22 1 Y 1 A SER 150 ? A SER 139 
23 1 Y 1 A THR 151 ? A THR 140 
24 1 Y 1 A THR 152 ? A THR 141 
25 1 Y 1 A GLN 153 ? A GLN 142 
26 1 Y 1 A GLU 154 ? A GLU 143 
27 1 Y 1 A LEU 155 ? A LEU 144 
28 1 Y 1 A GLN 156 ? A GLN 145 
29 1 Y 1 A GLN 157 ? A GLN 146 
30 1 Y 1 A SER 158 ? A SER 147 
31 1 Y 1 A GLN 159 ? A GLN 148 
32 1 Y 1 B GLU 559 ? B GLU 1   
33 1 Y 1 B PRO 575 ? B PRO 17  
34 1 Y 1 B GLY 576 ? B GLY 18  
# 
loop_
_chem_comp_atom.comp_id 
_chem_comp_atom.atom_id 
_chem_comp_atom.type_symbol 
_chem_comp_atom.pdbx_aromatic_flag 
_chem_comp_atom.pdbx_stereo_config 
_chem_comp_atom.pdbx_ordinal 
ALA N    N N N 1   
ALA CA   C N S 2   
ALA C    C N N 3   
ALA O    O N N 4   
ALA CB   C N N 5   
ALA OXT  O N N 6   
ALA H    H N N 7   
ALA H2   H N N 8   
ALA HA   H N N 9   
ALA HB1  H N N 10  
ALA HB2  H N N 11  
ALA HB3  H N N 12  
ALA HXT  H N N 13  
ARG N    N N N 14  
ARG CA   C N S 15  
ARG C    C N N 16  
ARG O    O N N 17  
ARG CB   C N N 18  
ARG CG   C N N 19  
ARG CD   C N N 20  
ARG NE   N N N 21  
ARG CZ   C N N 22  
ARG NH1  N N N 23  
ARG NH2  N N N 24  
ARG OXT  O N N 25  
ARG H    H N N 26  
ARG H2   H N N 27  
ARG HA   H N N 28  
ARG HB2  H N N 29  
ARG HB3  H N N 30  
ARG HG2  H N N 31  
ARG HG3  H N N 32  
ARG HD2  H N N 33  
ARG HD3  H N N 34  
ARG HE   H N N 35  
ARG HH11 H N N 36  
ARG HH12 H N N 37  
ARG HH21 H N N 38  
ARG HH22 H N N 39  
ARG HXT  H N N 40  
ASN N    N N N 41  
ASN CA   C N S 42  
ASN C    C N N 43  
ASN O    O N N 44  
ASN CB   C N N 45  
ASN CG   C N N 46  
ASN OD1  O N N 47  
ASN ND2  N N N 48  
ASN OXT  O N N 49  
ASN H    H N N 50  
ASN H2   H N N 51  
ASN HA   H N N 52  
ASN HB2  H N N 53  
ASN HB3  H N N 54  
ASN HD21 H N N 55  
ASN HD22 H N N 56  
ASN HXT  H N N 57  
ASP N    N N N 58  
ASP CA   C N S 59  
ASP C    C N N 60  
ASP O    O N N 61  
ASP CB   C N N 62  
ASP CG   C N N 63  
ASP OD1  O N N 64  
ASP OD2  O N N 65  
ASP OXT  O N N 66  
ASP H    H N N 67  
ASP H2   H N N 68  
ASP HA   H N N 69  
ASP HB2  H N N 70  
ASP HB3  H N N 71  
ASP HD2  H N N 72  
ASP HXT  H N N 73  
CYS N    N N N 74  
CYS CA   C N R 75  
CYS C    C N N 76  
CYS O    O N N 77  
CYS CB   C N N 78  
CYS SG   S N N 79  
CYS OXT  O N N 80  
CYS H    H N N 81  
CYS H2   H N N 82  
CYS HA   H N N 83  
CYS HB2  H N N 84  
CYS HB3  H N N 85  
CYS HG   H N N 86  
CYS HXT  H N N 87  
GLN N    N N N 88  
GLN CA   C N S 89  
GLN C    C N N 90  
GLN O    O N N 91  
GLN CB   C N N 92  
GLN CG   C N N 93  
GLN CD   C N N 94  
GLN OE1  O N N 95  
GLN NE2  N N N 96  
GLN OXT  O N N 97  
GLN H    H N N 98  
GLN H2   H N N 99  
GLN HA   H N N 100 
GLN HB2  H N N 101 
GLN HB3  H N N 102 
GLN HG2  H N N 103 
GLN HG3  H N N 104 
GLN HE21 H N N 105 
GLN HE22 H N N 106 
GLN HXT  H N N 107 
GLU N    N N N 108 
GLU CA   C N S 109 
GLU C    C N N 110 
GLU O    O N N 111 
GLU CB   C N N 112 
GLU CG   C N N 113 
GLU CD   C N N 114 
GLU OE1  O N N 115 
GLU OE2  O N N 116 
GLU OXT  O N N 117 
GLU H    H N N 118 
GLU H2   H N N 119 
GLU HA   H N N 120 
GLU HB2  H N N 121 
GLU HB3  H N N 122 
GLU HG2  H N N 123 
GLU HG3  H N N 124 
GLU HE2  H N N 125 
GLU HXT  H N N 126 
GLY N    N N N 127 
GLY CA   C N N 128 
GLY C    C N N 129 
GLY O    O N N 130 
GLY OXT  O N N 131 
GLY H    H N N 132 
GLY H2   H N N 133 
GLY HA2  H N N 134 
GLY HA3  H N N 135 
GLY HXT  H N N 136 
HIS N    N N N 137 
HIS CA   C N S 138 
HIS C    C N N 139 
HIS O    O N N 140 
HIS CB   C N N 141 
HIS CG   C Y N 142 
HIS ND1  N Y N 143 
HIS CD2  C Y N 144 
HIS CE1  C Y N 145 
HIS NE2  N Y N 146 
HIS OXT  O N N 147 
HIS H    H N N 148 
HIS H2   H N N 149 
HIS HA   H N N 150 
HIS HB2  H N N 151 
HIS HB3  H N N 152 
HIS HD1  H N N 153 
HIS HD2  H N N 154 
HIS HE1  H N N 155 
HIS HE2  H N N 156 
HIS HXT  H N N 157 
HOH O    O N N 158 
HOH H1   H N N 159 
HOH H2   H N N 160 
ILE N    N N N 161 
ILE CA   C N S 162 
ILE C    C N N 163 
ILE O    O N N 164 
ILE CB   C N S 165 
ILE CG1  C N N 166 
ILE CG2  C N N 167 
ILE CD1  C N N 168 
ILE OXT  O N N 169 
ILE H    H N N 170 
ILE H2   H N N 171 
ILE HA   H N N 172 
ILE HB   H N N 173 
ILE HG12 H N N 174 
ILE HG13 H N N 175 
ILE HG21 H N N 176 
ILE HG22 H N N 177 
ILE HG23 H N N 178 
ILE HD11 H N N 179 
ILE HD12 H N N 180 
ILE HD13 H N N 181 
ILE HXT  H N N 182 
LEU N    N N N 183 
LEU CA   C N S 184 
LEU C    C N N 185 
LEU O    O N N 186 
LEU CB   C N N 187 
LEU CG   C N N 188 
LEU CD1  C N N 189 
LEU CD2  C N N 190 
LEU OXT  O N N 191 
LEU H    H N N 192 
LEU H2   H N N 193 
LEU HA   H N N 194 
LEU HB2  H N N 195 
LEU HB3  H N N 196 
LEU HG   H N N 197 
LEU HD11 H N N 198 
LEU HD12 H N N 199 
LEU HD13 H N N 200 
LEU HD21 H N N 201 
LEU HD22 H N N 202 
LEU HD23 H N N 203 
LEU HXT  H N N 204 
LYS N    N N N 205 
LYS CA   C N S 206 
LYS C    C N N 207 
LYS O    O N N 208 
LYS CB   C N N 209 
LYS CG   C N N 210 
LYS CD   C N N 211 
LYS CE   C N N 212 
LYS NZ   N N N 213 
LYS OXT  O N N 214 
LYS H    H N N 215 
LYS H2   H N N 216 
LYS HA   H N N 217 
LYS HB2  H N N 218 
LYS HB3  H N N 219 
LYS HG2  H N N 220 
LYS HG3  H N N 221 
LYS HD2  H N N 222 
LYS HD3  H N N 223 
LYS HE2  H N N 224 
LYS HE3  H N N 225 
LYS HZ1  H N N 226 
LYS HZ2  H N N 227 
LYS HZ3  H N N 228 
LYS HXT  H N N 229 
MET N    N N N 230 
MET CA   C N S 231 
MET C    C N N 232 
MET O    O N N 233 
MET CB   C N N 234 
MET CG   C N N 235 
MET SD   S N N 236 
MET CE   C N N 237 
MET OXT  O N N 238 
MET H    H N N 239 
MET H2   H N N 240 
MET HA   H N N 241 
MET HB2  H N N 242 
MET HB3  H N N 243 
MET HG2  H N N 244 
MET HG3  H N N 245 
MET HE1  H N N 246 
MET HE2  H N N 247 
MET HE3  H N N 248 
MET HXT  H N N 249 
PHE N    N N N 250 
PHE CA   C N S 251 
PHE C    C N N 252 
PHE O    O N N 253 
PHE CB   C N N 254 
PHE CG   C Y N 255 
PHE CD1  C Y N 256 
PHE CD2  C Y N 257 
PHE CE1  C Y N 258 
PHE CE2  C Y N 259 
PHE CZ   C Y N 260 
PHE OXT  O N N 261 
PHE H    H N N 262 
PHE H2   H N N 263 
PHE HA   H N N 264 
PHE HB2  H N N 265 
PHE HB3  H N N 266 
PHE HD1  H N N 267 
PHE HD2  H N N 268 
PHE HE1  H N N 269 
PHE HE2  H N N 270 
PHE HZ   H N N 271 
PHE HXT  H N N 272 
PRO N    N N N 273 
PRO CA   C N S 274 
PRO C    C N N 275 
PRO O    O N N 276 
PRO CB   C N N 277 
PRO CG   C N N 278 
PRO CD   C N N 279 
PRO OXT  O N N 280 
PRO H    H N N 281 
PRO HA   H N N 282 
PRO HB2  H N N 283 
PRO HB3  H N N 284 
PRO HG2  H N N 285 
PRO HG3  H N N 286 
PRO HD2  H N N 287 
PRO HD3  H N N 288 
PRO HXT  H N N 289 
SER N    N N N 290 
SER CA   C N S 291 
SER C    C N N 292 
SER O    O N N 293 
SER CB   C N N 294 
SER OG   O N N 295 
SER OXT  O N N 296 
SER H    H N N 297 
SER H2   H N N 298 
SER HA   H N N 299 
SER HB2  H N N 300 
SER HB3  H N N 301 
SER HG   H N N 302 
SER HXT  H N N 303 
THR N    N N N 304 
THR CA   C N S 305 
THR C    C N N 306 
THR O    O N N 307 
THR CB   C N R 308 
THR OG1  O N N 309 
THR CG2  C N N 310 
THR OXT  O N N 311 
THR H    H N N 312 
THR H2   H N N 313 
THR HA   H N N 314 
THR HB   H N N 315 
THR HG1  H N N 316 
THR HG21 H N N 317 
THR HG22 H N N 318 
THR HG23 H N N 319 
THR HXT  H N N 320 
TRP N    N N N 321 
TRP CA   C N S 322 
TRP C    C N N 323 
TRP O    O N N 324 
TRP CB   C N N 325 
TRP CG   C Y N 326 
TRP CD1  C Y N 327 
TRP CD2  C Y N 328 
TRP NE1  N Y N 329 
TRP CE2  C Y N 330 
TRP CE3  C Y N 331 
TRP CZ2  C Y N 332 
TRP CZ3  C Y N 333 
TRP CH2  C Y N 334 
TRP OXT  O N N 335 
TRP H    H N N 336 
TRP H2   H N N 337 
TRP HA   H N N 338 
TRP HB2  H N N 339 
TRP HB3  H N N 340 
TRP HD1  H N N 341 
TRP HE1  H N N 342 
TRP HE3  H N N 343 
TRP HZ2  H N N 344 
TRP HZ3  H N N 345 
TRP HH2  H N N 346 
TRP HXT  H N N 347 
TYR N    N N N 348 
TYR CA   C N S 349 
TYR C    C N N 350 
TYR O    O N N 351 
TYR CB   C N N 352 
TYR CG   C Y N 353 
TYR CD1  C Y N 354 
TYR CD2  C Y N 355 
TYR CE1  C Y N 356 
TYR CE2  C Y N 357 
TYR CZ   C Y N 358 
TYR OH   O N N 359 
TYR OXT  O N N 360 
TYR H    H N N 361 
TYR H2   H N N 362 
TYR HA   H N N 363 
TYR HB2  H N N 364 
TYR HB3  H N N 365 
TYR HD1  H N N 366 
TYR HD2  H N N 367 
TYR HE1  H N N 368 
TYR HE2  H N N 369 
TYR HH   H N N 370 
TYR HXT  H N N 371 
VAL N    N N N 372 
VAL CA   C N S 373 
VAL C    C N N 374 
VAL O    O N N 375 
VAL CB   C N N 376 
VAL CG1  C N N 377 
VAL CG2  C N N 378 
VAL OXT  O N N 379 
VAL H    H N N 380 
VAL H2   H N N 381 
VAL HA   H N N 382 
VAL HB   H N N 383 
VAL HG11 H N N 384 
VAL HG12 H N N 385 
VAL HG13 H N N 386 
VAL HG21 H N N 387 
VAL HG22 H N N 388 
VAL HG23 H N N 389 
VAL HXT  H N N 390 
# 
loop_
_chem_comp_bond.comp_id 
_chem_comp_bond.atom_id_1 
_chem_comp_bond.atom_id_2 
_chem_comp_bond.value_order 
_chem_comp_bond.pdbx_aromatic_flag 
_chem_comp_bond.pdbx_stereo_config 
_chem_comp_bond.pdbx_ordinal 
ALA N   CA   sing N N 1   
ALA N   H    sing N N 2   
ALA N   H2   sing N N 3   
ALA CA  C    sing N N 4   
ALA CA  CB   sing N N 5   
ALA CA  HA   sing N N 6   
ALA C   O    doub N N 7   
ALA C   OXT  sing N N 8   
ALA CB  HB1  sing N N 9   
ALA CB  HB2  sing N N 10  
ALA CB  HB3  sing N N 11  
ALA OXT HXT  sing N N 12  
ARG N   CA   sing N N 13  
ARG N   H    sing N N 14  
ARG N   H2   sing N N 15  
ARG CA  C    sing N N 16  
ARG CA  CB   sing N N 17  
ARG CA  HA   sing N N 18  
ARG C   O    doub N N 19  
ARG C   OXT  sing N N 20  
ARG CB  CG   sing N N 21  
ARG CB  HB2  sing N N 22  
ARG CB  HB3  sing N N 23  
ARG CG  CD   sing N N 24  
ARG CG  HG2  sing N N 25  
ARG CG  HG3  sing N N 26  
ARG CD  NE   sing N N 27  
ARG CD  HD2  sing N N 28  
ARG CD  HD3  sing N N 29  
ARG NE  CZ   sing N N 30  
ARG NE  HE   sing N N 31  
ARG CZ  NH1  sing N N 32  
ARG CZ  NH2  doub N N 33  
ARG NH1 HH11 sing N N 34  
ARG NH1 HH12 sing N N 35  
ARG NH2 HH21 sing N N 36  
ARG NH2 HH22 sing N N 37  
ARG OXT HXT  sing N N 38  
ASN N   CA   sing N N 39  
ASN N   H    sing N N 40  
ASN N   H2   sing N N 41  
ASN CA  C    sing N N 42  
ASN CA  CB   sing N N 43  
ASN CA  HA   sing N N 44  
ASN C   O    doub N N 45  
ASN C   OXT  sing N N 46  
ASN CB  CG   sing N N 47  
ASN CB  HB2  sing N N 48  
ASN CB  HB3  sing N N 49  
ASN CG  OD1  doub N N 50  
ASN CG  ND2  sing N N 51  
ASN ND2 HD21 sing N N 52  
ASN ND2 HD22 sing N N 53  
ASN OXT HXT  sing N N 54  
ASP N   CA   sing N N 55  
ASP N   H    sing N N 56  
ASP N   H2   sing N N 57  
ASP CA  C    sing N N 58  
ASP CA  CB   sing N N 59  
ASP CA  HA   sing N N 60  
ASP C   O    doub N N 61  
ASP C   OXT  sing N N 62  
ASP CB  CG   sing N N 63  
ASP CB  HB2  sing N N 64  
ASP CB  HB3  sing N N 65  
ASP CG  OD1  doub N N 66  
ASP CG  OD2  sing N N 67  
ASP OD2 HD2  sing N N 68  
ASP OXT HXT  sing N N 69  
CYS N   CA   sing N N 70  
CYS N   H    sing N N 71  
CYS N   H2   sing N N 72  
CYS CA  C    sing N N 73  
CYS CA  CB   sing N N 74  
CYS CA  HA   sing N N 75  
CYS C   O    doub N N 76  
CYS C   OXT  sing N N 77  
CYS CB  SG   sing N N 78  
CYS CB  HB2  sing N N 79  
CYS CB  HB3  sing N N 80  
CYS SG  HG   sing N N 81  
CYS OXT HXT  sing N N 82  
GLN N   CA   sing N N 83  
GLN N   H    sing N N 84  
GLN N   H2   sing N N 85  
GLN CA  C    sing N N 86  
GLN CA  CB   sing N N 87  
GLN CA  HA   sing N N 88  
GLN C   O    doub N N 89  
GLN C   OXT  sing N N 90  
GLN CB  CG   sing N N 91  
GLN CB  HB2  sing N N 92  
GLN CB  HB3  sing N N 93  
GLN CG  CD   sing N N 94  
GLN CG  HG2  sing N N 95  
GLN CG  HG3  sing N N 96  
GLN CD  OE1  doub N N 97  
GLN CD  NE2  sing N N 98  
GLN NE2 HE21 sing N N 99  
GLN NE2 HE22 sing N N 100 
GLN OXT HXT  sing N N 101 
GLU N   CA   sing N N 102 
GLU N   H    sing N N 103 
GLU N   H2   sing N N 104 
GLU CA  C    sing N N 105 
GLU CA  CB   sing N N 106 
GLU CA  HA   sing N N 107 
GLU C   O    doub N N 108 
GLU C   OXT  sing N N 109 
GLU CB  CG   sing N N 110 
GLU CB  HB2  sing N N 111 
GLU CB  HB3  sing N N 112 
GLU CG  CD   sing N N 113 
GLU CG  HG2  sing N N 114 
GLU CG  HG3  sing N N 115 
GLU CD  OE1  doub N N 116 
GLU CD  OE2  sing N N 117 
GLU OE2 HE2  sing N N 118 
GLU OXT HXT  sing N N 119 
GLY N   CA   sing N N 120 
GLY N   H    sing N N 121 
GLY N   H2   sing N N 122 
GLY CA  C    sing N N 123 
GLY CA  HA2  sing N N 124 
GLY CA  HA3  sing N N 125 
GLY C   O    doub N N 126 
GLY C   OXT  sing N N 127 
GLY OXT HXT  sing N N 128 
HIS N   CA   sing N N 129 
HIS N   H    sing N N 130 
HIS N   H2   sing N N 131 
HIS CA  C    sing N N 132 
HIS CA  CB   sing N N 133 
HIS CA  HA   sing N N 134 
HIS C   O    doub N N 135 
HIS C   OXT  sing N N 136 
HIS CB  CG   sing N N 137 
HIS CB  HB2  sing N N 138 
HIS CB  HB3  sing N N 139 
HIS CG  ND1  sing Y N 140 
HIS CG  CD2  doub Y N 141 
HIS ND1 CE1  doub Y N 142 
HIS ND1 HD1  sing N N 143 
HIS CD2 NE2  sing Y N 144 
HIS CD2 HD2  sing N N 145 
HIS CE1 NE2  sing Y N 146 
HIS CE1 HE1  sing N N 147 
HIS NE2 HE2  sing N N 148 
HIS OXT HXT  sing N N 149 
HOH O   H1   sing N N 150 
HOH O   H2   sing N N 151 
ILE N   CA   sing N N 152 
ILE N   H    sing N N 153 
ILE N   H2   sing N N 154 
ILE CA  C    sing N N 155 
ILE CA  CB   sing N N 156 
ILE CA  HA   sing N N 157 
ILE C   O    doub N N 158 
ILE C   OXT  sing N N 159 
ILE CB  CG1  sing N N 160 
ILE CB  CG2  sing N N 161 
ILE CB  HB   sing N N 162 
ILE CG1 CD1  sing N N 163 
ILE CG1 HG12 sing N N 164 
ILE CG1 HG13 sing N N 165 
ILE CG2 HG21 sing N N 166 
ILE CG2 HG22 sing N N 167 
ILE CG2 HG23 sing N N 168 
ILE CD1 HD11 sing N N 169 
ILE CD1 HD12 sing N N 170 
ILE CD1 HD13 sing N N 171 
ILE OXT HXT  sing N N 172 
LEU N   CA   sing N N 173 
LEU N   H    sing N N 174 
LEU N   H2   sing N N 175 
LEU CA  C    sing N N 176 
LEU CA  CB   sing N N 177 
LEU CA  HA   sing N N 178 
LEU C   O    doub N N 179 
LEU C   OXT  sing N N 180 
LEU CB  CG   sing N N 181 
LEU CB  HB2  sing N N 182 
LEU CB  HB3  sing N N 183 
LEU CG  CD1  sing N N 184 
LEU CG  CD2  sing N N 185 
LEU CG  HG   sing N N 186 
LEU CD1 HD11 sing N N 187 
LEU CD1 HD12 sing N N 188 
LEU CD1 HD13 sing N N 189 
LEU CD2 HD21 sing N N 190 
LEU CD2 HD22 sing N N 191 
LEU CD2 HD23 sing N N 192 
LEU OXT HXT  sing N N 193 
LYS N   CA   sing N N 194 
LYS N   H    sing N N 195 
LYS N   H2   sing N N 196 
LYS CA  C    sing N N 197 
LYS CA  CB   sing N N 198 
LYS CA  HA   sing N N 199 
LYS C   O    doub N N 200 
LYS C   OXT  sing N N 201 
LYS CB  CG   sing N N 202 
LYS CB  HB2  sing N N 203 
LYS CB  HB3  sing N N 204 
LYS CG  CD   sing N N 205 
LYS CG  HG2  sing N N 206 
LYS CG  HG3  sing N N 207 
LYS CD  CE   sing N N 208 
LYS CD  HD2  sing N N 209 
LYS CD  HD3  sing N N 210 
LYS CE  NZ   sing N N 211 
LYS CE  HE2  sing N N 212 
LYS CE  HE3  sing N N 213 
LYS NZ  HZ1  sing N N 214 
LYS NZ  HZ2  sing N N 215 
LYS NZ  HZ3  sing N N 216 
LYS OXT HXT  sing N N 217 
MET N   CA   sing N N 218 
MET N   H    sing N N 219 
MET N   H2   sing N N 220 
MET CA  C    sing N N 221 
MET CA  CB   sing N N 222 
MET CA  HA   sing N N 223 
MET C   O    doub N N 224 
MET C   OXT  sing N N 225 
MET CB  CG   sing N N 226 
MET CB  HB2  sing N N 227 
MET CB  HB3  sing N N 228 
MET CG  SD   sing N N 229 
MET CG  HG2  sing N N 230 
MET CG  HG3  sing N N 231 
MET SD  CE   sing N N 232 
MET CE  HE1  sing N N 233 
MET CE  HE2  sing N N 234 
MET CE  HE3  sing N N 235 
MET OXT HXT  sing N N 236 
PHE N   CA   sing N N 237 
PHE N   H    sing N N 238 
PHE N   H2   sing N N 239 
PHE CA  C    sing N N 240 
PHE CA  CB   sing N N 241 
PHE CA  HA   sing N N 242 
PHE C   O    doub N N 243 
PHE C   OXT  sing N N 244 
PHE CB  CG   sing N N 245 
PHE CB  HB2  sing N N 246 
PHE CB  HB3  sing N N 247 
PHE CG  CD1  doub Y N 248 
PHE CG  CD2  sing Y N 249 
PHE CD1 CE1  sing Y N 250 
PHE CD1 HD1  sing N N 251 
PHE CD2 CE2  doub Y N 252 
PHE CD2 HD2  sing N N 253 
PHE CE1 CZ   doub Y N 254 
PHE CE1 HE1  sing N N 255 
PHE CE2 CZ   sing Y N 256 
PHE CE2 HE2  sing N N 257 
PHE CZ  HZ   sing N N 258 
PHE OXT HXT  sing N N 259 
PRO N   CA   sing N N 260 
PRO N   CD   sing N N 261 
PRO N   H    sing N N 262 
PRO CA  C    sing N N 263 
PRO CA  CB   sing N N 264 
PRO CA  HA   sing N N 265 
PRO C   O    doub N N 266 
PRO C   OXT  sing N N 267 
PRO CB  CG   sing N N 268 
PRO CB  HB2  sing N N 269 
PRO CB  HB3  sing N N 270 
PRO CG  CD   sing N N 271 
PRO CG  HG2  sing N N 272 
PRO CG  HG3  sing N N 273 
PRO CD  HD2  sing N N 274 
PRO CD  HD3  sing N N 275 
PRO OXT HXT  sing N N 276 
SER N   CA   sing N N 277 
SER N   H    sing N N 278 
SER N   H2   sing N N 279 
SER CA  C    sing N N 280 
SER CA  CB   sing N N 281 
SER CA  HA   sing N N 282 
SER C   O    doub N N 283 
SER C   OXT  sing N N 284 
SER CB  OG   sing N N 285 
SER CB  HB2  sing N N 286 
SER CB  HB3  sing N N 287 
SER OG  HG   sing N N 288 
SER OXT HXT  sing N N 289 
THR N   CA   sing N N 290 
THR N   H    sing N N 291 
THR N   H2   sing N N 292 
THR CA  C    sing N N 293 
THR CA  CB   sing N N 294 
THR CA  HA   sing N N 295 
THR C   O    doub N N 296 
THR C   OXT  sing N N 297 
THR CB  OG1  sing N N 298 
THR CB  CG2  sing N N 299 
THR CB  HB   sing N N 300 
THR OG1 HG1  sing N N 301 
THR CG2 HG21 sing N N 302 
THR CG2 HG22 sing N N 303 
THR CG2 HG23 sing N N 304 
THR OXT HXT  sing N N 305 
TRP N   CA   sing N N 306 
TRP N   H    sing N N 307 
TRP N   H2   sing N N 308 
TRP CA  C    sing N N 309 
TRP CA  CB   sing N N 310 
TRP CA  HA   sing N N 311 
TRP C   O    doub N N 312 
TRP C   OXT  sing N N 313 
TRP CB  CG   sing N N 314 
TRP CB  HB2  sing N N 315 
TRP CB  HB3  sing N N 316 
TRP CG  CD1  doub Y N 317 
TRP CG  CD2  sing Y N 318 
TRP CD1 NE1  sing Y N 319 
TRP CD1 HD1  sing N N 320 
TRP CD2 CE2  doub Y N 321 
TRP CD2 CE3  sing Y N 322 
TRP NE1 CE2  sing Y N 323 
TRP NE1 HE1  sing N N 324 
TRP CE2 CZ2  sing Y N 325 
TRP CE3 CZ3  doub Y N 326 
TRP CE3 HE3  sing N N 327 
TRP CZ2 CH2  doub Y N 328 
TRP CZ2 HZ2  sing N N 329 
TRP CZ3 CH2  sing Y N 330 
TRP CZ3 HZ3  sing N N 331 
TRP CH2 HH2  sing N N 332 
TRP OXT HXT  sing N N 333 
TYR N   CA   sing N N 334 
TYR N   H    sing N N 335 
TYR N   H2   sing N N 336 
TYR CA  C    sing N N 337 
TYR CA  CB   sing N N 338 
TYR CA  HA   sing N N 339 
TYR C   O    doub N N 340 
TYR C   OXT  sing N N 341 
TYR CB  CG   sing N N 342 
TYR CB  HB2  sing N N 343 
TYR CB  HB3  sing N N 344 
TYR CG  CD1  doub Y N 345 
TYR CG  CD2  sing Y N 346 
TYR CD1 CE1  sing Y N 347 
TYR CD1 HD1  sing N N 348 
TYR CD2 CE2  doub Y N 349 
TYR CD2 HD2  sing N N 350 
TYR CE1 CZ   doub Y N 351 
TYR CE1 HE1  sing N N 352 
TYR CE2 CZ   sing Y N 353 
TYR CE2 HE2  sing N N 354 
TYR CZ  OH   sing N N 355 
TYR OH  HH   sing N N 356 
TYR OXT HXT  sing N N 357 
VAL N   CA   sing N N 358 
VAL N   H    sing N N 359 
VAL N   H2   sing N N 360 
VAL CA  C    sing N N 361 
VAL CA  CB   sing N N 362 
VAL CA  HA   sing N N 363 
VAL C   O    doub N N 364 
VAL C   OXT  sing N N 365 
VAL CB  CG1  sing N N 366 
VAL CB  CG2  sing N N 367 
VAL CB  HB   sing N N 368 
VAL CG1 HG11 sing N N 369 
VAL CG1 HG12 sing N N 370 
VAL CG1 HG13 sing N N 371 
VAL CG2 HG21 sing N N 372 
VAL CG2 HG22 sing N N 373 
VAL CG2 HG23 sing N N 374 
VAL OXT HXT  sing N N 375 
# 
_pdbx_audit_support.funding_organization   'Agence Nationale de la Recherche (ANR)' 
_pdbx_audit_support.country                France 
_pdbx_audit_support.grant_number           'ANR- 18-CE11-0024-01' 
_pdbx_audit_support.ordinal                1 
# 
_pdbx_initial_refinement_model.id               1 
_pdbx_initial_refinement_model.entity_id_list   ? 
_pdbx_initial_refinement_model.type             'experimental model' 
_pdbx_initial_refinement_model.source_name      PDB 
_pdbx_initial_refinement_model.accession_code   6HFG 
_pdbx_initial_refinement_model.details          ? 
# 
_atom_sites.entry_id                    7QWV 
_atom_sites.Cartn_transf_matrix[1][1]   ? 
_atom_sites.Cartn_transf_matrix[1][2]   ? 
_atom_sites.Cartn_transf_matrix[1][3]   ? 
_atom_sites.Cartn_transf_matrix[2][1]   ? 
_atom_sites.Cartn_transf_matrix[2][2]   ? 
_atom_sites.Cartn_transf_matrix[2][3]   ? 
_atom_sites.Cartn_transf_matrix[3][1]   ? 
_atom_sites.Cartn_transf_matrix[3][2]   ? 
_atom_sites.Cartn_transf_matrix[3][3]   ? 
_atom_sites.Cartn_transf_vector[1]      ? 
_atom_sites.Cartn_transf_vector[2]      ? 
_atom_sites.Cartn_transf_vector[3]      ? 
_atom_sites.fract_transf_matrix[1][1]   0.00268761 
_atom_sites.fract_transf_matrix[1][2]   -0.00879300 
_atom_sites.fract_transf_matrix[1][3]   -0.00531420 
_atom_sites.fract_transf_matrix[2][1]   -0.00713943 
_atom_sites.fract_transf_matrix[2][2]   -0.00773086 
_atom_sites.fract_transf_matrix[2][3]   -0.00143064 
_atom_sites.fract_transf_matrix[3][1]   -0.00351685 
_atom_sites.fract_transf_matrix[3][2]   0.00515557 
_atom_sites.fract_transf_matrix[3][3]   -0.01030914 
_atom_sites.fract_transf_vector[1]      0.105617 
_atom_sites.fract_transf_vector[2]      -0.344605 
_atom_sites.fract_transf_vector[3]      -0.028148 
_atom_sites.solution_primary            ? 
_atom_sites.solution_secondary          ? 
_atom_sites.solution_hydrogens          ? 
_atom_sites.special_details             ? 
# 
loop_
_atom_type.symbol 
C 
N 
O 
S 
# 
loop_
_atom_site.group_PDB 
_atom_site.id 
_atom_site.type_symbol 
_atom_site.label_atom_id 
_atom_site.label_alt_id 
_atom_site.label_comp_id 
_atom_site.label_asym_id 
_atom_site.label_entity_id 
_atom_site.label_seq_id 
_atom_site.pdbx_PDB_ins_code 
_atom_site.Cartn_x 
_atom_site.Cartn_y 
_atom_site.Cartn_z 
_atom_site.occupancy 
_atom_site.B_iso_or_equiv 
_atom_site.pdbx_formal_charge 
_atom_site.auth_seq_id 
_atom_site.auth_comp_id 
_atom_site.auth_asym_id 
_atom_site.auth_atom_id 
_atom_site.pdbx_PDB_model_num 
ATOM   1    N N   . ALA A 1 2   ? 6.236   -4.851  17.268  1.00 91.98  ? 13  ALA A N   1 
ATOM   2    C CA  . ALA A 1 2   ? 6.434   -6.332  17.377  1.00 102.08 ? 13  ALA A CA  1 
ATOM   3    C C   . ALA A 1 2   ? 5.458   -6.931  18.405  1.00 104.92 ? 13  ALA A C   1 
ATOM   4    O O   . ALA A 1 2   ? 5.838   -7.909  19.077  1.00 113.08 ? 13  ALA A O   1 
ATOM   5    C CB  . ALA A 1 2   ? 7.874   -6.636  17.733  1.00 105.95 ? 13  ALA A CB  1 
ATOM   6    N N   . MET A 1 3   ? 4.242   -6.377  18.505  1.00 101.93 ? 14  MET A N   1 
ATOM   7    C CA  . MET A 1 3   ? 3.166   -6.829  19.431  1.00 92.64  ? 14  MET A CA  1 
ATOM   8    C C   . MET A 1 3   ? 2.386   -7.980  18.779  1.00 88.71  ? 14  MET A C   1 
ATOM   9    O O   . MET A 1 3   ? 2.655   -8.273  17.606  1.00 81.15  ? 14  MET A O   1 
ATOM   10   C CB  . MET A 1 3   ? 2.190   -5.682  19.726  1.00 92.69  ? 14  MET A CB  1 
ATOM   11   C CG  . MET A 1 3   ? 2.775   -4.549  20.546  1.00 94.02  ? 14  MET A CG  1 
ATOM   12   S SD  . MET A 1 3   ? 3.339   -5.057  22.193  1.00 105.26 ? 14  MET A SD  1 
ATOM   13   C CE  . MET A 1 3   ? 2.107   -6.279  22.655  1.00 94.95  ? 14  MET A CE  1 
ATOM   14   N N   . GLY A 1 4   ? 1.441   -8.586  19.511  1.00 81.87  ? 15  GLY A N   1 
ATOM   15   C CA  . GLY A 1 4   ? 0.366   -9.432  18.953  1.00 78.89  ? 15  GLY A CA  1 
ATOM   16   C C   . GLY A 1 4   ? -0.862  -8.599  18.625  1.00 78.72  ? 15  GLY A C   1 
ATOM   17   O O   . GLY A 1 4   ? -1.939  -9.190  18.398  1.00 85.36  ? 15  GLY A O   1 
ATOM   18   N N   . GLU A 1 5   ? -0.679  -7.273  18.560  1.00 73.10  ? 16  GLU A N   1 
ATOM   19   C CA  . GLU A 1 5   ? -1.731  -6.217  18.520  1.00 74.09  ? 16  GLU A CA  1 
ATOM   20   C C   . GLU A 1 5   ? -1.771  -5.585  17.117  1.00 65.68  ? 16  GLU A C   1 
ATOM   21   O O   . GLU A 1 5   ? -2.750  -4.905  16.753  1.00 66.76  ? 16  GLU A O   1 
ATOM   22   C CB  . GLU A 1 5   ? -1.378  -5.189  19.601  1.00 71.60  ? 16  GLU A CB  1 
ATOM   23   C CG  . GLU A 1 5   ? -2.518  -4.831  20.521  1.00 75.91  ? 16  GLU A CG  1 
ATOM   24   C CD  . GLU A 1 5   ? -3.325  -5.988  21.081  1.00 67.97  ? 16  GLU A CD  1 
ATOM   25   O OE1 . GLU A 1 5   ? -2.718  -6.867  21.705  1.00 82.23  ? 16  GLU A OE1 1 
ATOM   26   O OE2 . GLU A 1 5   ? -4.558  -6.003  20.896  1.00 76.07  ? 16  GLU A OE2 1 
ATOM   27   N N   . VAL A 1 6   ? -0.740  -5.866  16.336  1.00 63.98  ? 17  VAL A N   1 
ATOM   28   C CA  . VAL A 1 6   ? -0.373  -5.134  15.103  1.00 62.97  ? 17  VAL A CA  1 
ATOM   29   C C   . VAL A 1 6   ? 0.352   -6.118  14.179  1.00 61.73  ? 17  VAL A C   1 
ATOM   30   O O   . VAL A 1 6   ? 1.020   -7.032  14.699  1.00 67.30  ? 17  VAL A O   1 
ATOM   31   C CB  . VAL A 1 6   ? 0.490   -3.928  15.519  1.00 64.75  ? 17  VAL A CB  1 
ATOM   32   C CG1 . VAL A 1 6   ? 1.870   -3.933  14.889  1.00 64.89  ? 17  VAL A CG1 1 
ATOM   33   C CG2 . VAL A 1 6   ? -0.225  -2.616  15.281  1.00 68.44  ? 17  VAL A CG2 1 
ATOM   34   N N   . SER A 1 7   ? 0.216   -5.965  12.865  1.00 59.09  ? 18  SER A N   1 
ATOM   35   C CA  . SER A 1 7   ? 1.158   -6.551  11.874  1.00 60.64  ? 18  SER A CA  1 
ATOM   36   C C   . SER A 1 7   ? 1.792   -5.411  11.085  1.00 51.83  ? 18  SER A C   1 
ATOM   37   O O   . SER A 1 7   ? 1.064   -4.481  10.710  1.00 52.51  ? 18  SER A O   1 
ATOM   38   C CB  . SER A 1 7   ? 0.486   -7.559  10.964  1.00 65.23  ? 18  SER A CB  1 
ATOM   39   O OG  . SER A 1 7   ? 0.052   -8.699  11.694  1.00 64.94  ? 18  SER A OG  1 
ATOM   40   N N   . GLN A 1 8   ? 3.095   -5.505  10.823  1.00 55.65  ? 19  GLN A N   1 
ATOM   41   C CA  . GLN A 1 8   ? 3.866   -4.445  10.136  1.00 57.54  ? 19  GLN A CA  1 
ATOM   42   C C   . GLN A 1 8   ? 4.716   -5.043  9.027   1.00 54.14  ? 19  GLN A C   1 
ATOM   43   O O   . GLN A 1 8   ? 5.251   -6.140  9.223   1.00 54.68  ? 19  GLN A O   1 
ATOM   44   C CB  . GLN A 1 8   ? 4.768   -3.719  11.127  1.00 62.29  ? 19  GLN A CB  1 
ATOM   45   C CG  . GLN A 1 8   ? 3.976   -2.971  12.185  1.00 66.91  ? 19  GLN A CG  1 
ATOM   46   C CD  . GLN A 1 8   ? 4.883   -2.082  12.997  1.00 70.84  ? 19  GLN A CD  1 
ATOM   47   O OE1 . GLN A 1 8   ? 5.758   -2.563  13.714  1.00 61.17  ? 19  GLN A OE1 1 
ATOM   48   N NE2 . GLN A 1 8   ? 4.699   -0.777  12.857  1.00 67.16  ? 19  GLN A NE2 1 
ATOM   49   N N   . TRP A 1 9   ? 4.856   -4.301  7.929   1.00 52.14  ? 20  TRP A N   1 
ATOM   50   C CA  . TRP A 1 9   ? 5.707   -4.671  6.770   1.00 56.63  ? 20  TRP A CA  1 
ATOM   51   C C   . TRP A 1 9   ? 6.448   -3.424  6.326   1.00 52.50  ? 20  TRP A C   1 
ATOM   52   O O   . TRP A 1 9   ? 5.812   -2.360  6.292   1.00 53.95  ? 20  TRP A O   1 
ATOM   53   C CB  . TRP A 1 9   ? 4.867   -5.213  5.606   1.00 58.16  ? 20  TRP A CB  1 
ATOM   54   C CG  . TRP A 1 9   ? 4.097   -6.451  5.918   1.00 53.26  ? 20  TRP A CG  1 
ATOM   55   C CD1 . TRP A 1 9   ? 4.474   -7.736  5.658   1.00 47.36  ? 20  TRP A CD1 1 
ATOM   56   C CD2 . TRP A 1 9   ? 2.804   -6.523  6.540   1.00 53.89  ? 20  TRP A CD2 1 
ATOM   57   N NE1 . TRP A 1 9   ? 3.515   -8.602  6.099   1.00 51.59  ? 20  TRP A NE1 1 
ATOM   58   C CE2 . TRP A 1 9   ? 2.472   -7.893  6.628   1.00 52.42  ? 20  TRP A CE2 1 
ATOM   59   C CE3 . TRP A 1 9   ? 1.898   -5.575  7.028   1.00 56.77  ? 20  TRP A CE3 1 
ATOM   60   C CZ2 . TRP A 1 9   ? 1.277   -8.335  7.195   1.00 53.99  ? 20  TRP A CZ2 1 
ATOM   61   C CZ3 . TRP A 1 9   ? 0.716   -6.013  7.584   1.00 54.26  ? 20  TRP A CZ3 1 
ATOM   62   C CH2 . TRP A 1 9   ? 0.404   -7.371  7.646   1.00 57.87  ? 20  TRP A CH2 1 
ATOM   63   N N   . SER A 1 10  ? 7.714   -3.557  5.954   1.00 53.90  ? 21  SER A N   1 
ATOM   64   C CA  . SER A 1 10  ? 8.504   -2.416  5.441   1.00 59.21  ? 21  SER A CA  1 
ATOM   65   C C   . SER A 1 10  ? 8.271   -2.297  3.929   1.00 54.70  ? 21  SER A C   1 
ATOM   66   O O   . SER A 1 10  ? 8.174   -3.331  3.238   1.00 53.02  ? 21  SER A O   1 
ATOM   67   C CB  . SER A 1 10  ? 9.965   -2.521  5.823   1.00 61.00  ? 21  SER A CB  1 
ATOM   68   O OG  . SER A 1 10  ? 10.619  -3.492  5.056   1.00 69.22  ? 21  SER A OG  1 
ATOM   69   N N   . LEU A 1 11  ? 8.105   -1.062  3.469   1.00 51.49  ? 22  LEU A N   1 
ATOM   70   C CA  . LEU A 1 11  ? 7.853   -0.696  2.061   1.00 51.10  ? 22  LEU A CA  1 
ATOM   71   C C   . LEU A 1 11  ? 9.149   -0.152  1.477   1.00 52.76  ? 22  LEU A C   1 
ATOM   72   O O   . LEU A 1 11  ? 9.863   0.562   2.188   1.00 57.26  ? 22  LEU A O   1 
ATOM   73   C CB  . LEU A 1 11  ? 6.778   0.391   1.993   1.00 46.58  ? 22  LEU A CB  1 
ATOM   74   C CG  . LEU A 1 11  ? 5.444   0.057   2.642   1.00 47.28  ? 22  LEU A CG  1 
ATOM   75   C CD1 . LEU A 1 11  ? 4.486   1.224   2.453   1.00 46.42  ? 22  LEU A CD1 1 
ATOM   76   C CD2 . LEU A 1 11  ? 4.876   -1.224  2.053   1.00 47.09  ? 22  LEU A CD2 1 
ATOM   77   N N   . LYS A 1 12  ? 9.412   -0.478  0.220   1.00 56.79  ? 23  LYS A N   1 
ATOM   78   C CA  . LYS A 1 12  ? 10.438  0.191   -0.602  1.00 59.66  ? 23  LYS A CA  1 
ATOM   79   C C   . LYS A 1 12  ? 9.930   1.607   -0.863  1.00 56.40  ? 23  LYS A C   1 
ATOM   80   O O   . LYS A 1 12  ? 10.659  2.564   -0.605  1.00 60.89  ? 23  LYS A O   1 
ATOM   81   C CB  . LYS A 1 12  ? 10.647  -0.617  -1.884  1.00 68.97  ? 23  LYS A CB  1 
ATOM   82   C CG  . LYS A 1 12  ? 11.770  -0.136  -2.787  1.00 75.66  ? 23  LYS A CG  1 
ATOM   83   C CD  . LYS A 1 12  ? 12.039  -1.064  -3.955  1.00 79.16  ? 23  LYS A CD  1 
ATOM   84   C CE  . LYS A 1 12  ? 13.262  -0.651  -4.751  1.00 86.03  ? 23  LYS A CE  1 
ATOM   85   N NZ  . LYS A 1 12  ? 13.000  -0.700  -6.209  1.00 92.42  ? 23  LYS A NZ  1 
ATOM   86   N N   . ARG A 1 13  ? 8.689   1.738   -1.326  1.00 55.79  ? 24  ARG A N   1 
ATOM   87   C CA  . ARG A 1 13  ? 8.161   3.056   -1.739  1.00 55.62  ? 24  ARG A CA  1 
ATOM   88   C C   . ARG A 1 13  ? 6.639   3.072   -1.669  1.00 54.95  ? 24  ARG A C   1 
ATOM   89   O O   . ARG A 1 13  ? 6.013   1.992   -1.695  1.00 52.83  ? 24  ARG A O   1 
ATOM   90   C CB  . ARG A 1 13  ? 8.662   3.437   -3.132  1.00 62.41  ? 24  ARG A CB  1 
ATOM   91   C CG  . ARG A 1 13  ? 8.541   2.335   -4.173  1.00 68.38  ? 24  ARG A CG  1 
ATOM   92   C CD  . ARG A 1 13  ? 9.126   2.757   -5.509  1.00 71.29  ? 24  ARG A CD  1 
ATOM   93   N NE  . ARG A 1 13  ? 9.492   1.602   -6.317  1.00 82.33  ? 24  ARG A NE  1 
ATOM   94   C CZ  . ARG A 1 13  ? 9.700   1.615   -7.633  1.00 87.76  ? 24  ARG A CZ  1 
ATOM   95   N NH1 . ARG A 1 13  ? 10.032  0.493   -8.250  1.00 86.19  ? 24  ARG A NH1 1 
ATOM   96   N NH2 . ARG A 1 13  ? 9.573   2.734   -8.330  1.00 82.67  ? 24  ARG A NH2 1 
ATOM   97   N N   . TYR A 1 14  ? 6.121   4.293   -1.557  1.00 53.23  ? 25  TYR A N   1 
ATOM   98   C CA  . TYR A 1 14  ? 4.698   4.684   -1.426  1.00 56.60  ? 25  TYR A CA  1 
ATOM   99   C C   . TYR A 1 14  ? 4.495   5.857   -2.378  1.00 51.87  ? 25  TYR A C   1 
ATOM   100  O O   . TYR A 1 14  ? 5.307   6.787   -2.340  1.00 54.61  ? 25  TYR A O   1 
ATOM   101  C CB  . TYR A 1 14  ? 4.367   5.087   0.018   1.00 55.21  ? 25  TYR A CB  1 
ATOM   102  C CG  . TYR A 1 14  ? 3.159   5.983   0.190   1.00 55.87  ? 25  TYR A CG  1 
ATOM   103  C CD1 . TYR A 1 14  ? 3.297   7.335   0.460   1.00 56.14  ? 25  TYR A CD1 1 
ATOM   104  C CD2 . TYR A 1 14  ? 1.874   5.484   0.094   1.00 56.42  ? 25  TYR A CD2 1 
ATOM   105  C CE1 . TYR A 1 14  ? 2.198   8.164   0.620   1.00 53.72  ? 25  TYR A CE1 1 
ATOM   106  C CE2 . TYR A 1 14  ? 0.763   6.296   0.256   1.00 54.65  ? 25  TYR A CE2 1 
ATOM   107  C CZ  . TYR A 1 14  ? 0.925   7.640   0.531   1.00 57.47  ? 25  TYR A CZ  1 
ATOM   108  O OH  . TYR A 1 14  ? -0.167  8.444   0.700   1.00 54.23  ? 25  TYR A OH  1 
ATOM   109  N N   . GLY A 1 15  ? 3.489   5.774   -3.239  1.00 55.33  ? 26  GLY A N   1 
ATOM   110  C CA  . GLY A 1 15  ? 3.167   6.838   -4.201  1.00 56.50  ? 26  GLY A CA  1 
ATOM   111  C C   . GLY A 1 15  ? 1.751   7.300   -3.969  1.00 55.55  ? 26  GLY A C   1 
ATOM   112  O O   . GLY A 1 15  ? 0.846   6.440   -4.046  1.00 56.95  ? 26  GLY A O   1 
ATOM   113  N N   . ARG A 1 16  ? 1.586   8.584   -3.649  1.00 57.76  ? 27  ARG A N   1 
ATOM   114  C CA  . ARG A 1 16  ? 0.274   9.255   -3.483  1.00 64.22  ? 27  ARG A CA  1 
ATOM   115  C C   . ARG A 1 16  ? -0.129  9.857   -4.828  1.00 63.80  ? 27  ARG A C   1 
ATOM   116  O O   . ARG A 1 16  ? 0.614   10.717  -5.311  1.00 61.91  ? 27  ARG A O   1 
ATOM   117  C CB  . ARG A 1 16  ? 0.367   10.345  -2.411  1.00 67.55  ? 27  ARG A CB  1 
ATOM   118  C CG  . ARG A 1 16  ? -0.923  10.541  -1.633  1.00 77.83  ? 27  ARG A CG  1 
ATOM   119  C CD  . ARG A 1 16  ? -1.054  11.889  -0.955  1.00 80.18  ? 27  ARG A CD  1 
ATOM   120  N NE  . ARG A 1 16  ? 0.101   12.329  -0.183  1.00 86.08  ? 27  ARG A NE  1 
ATOM   121  C CZ  . ARG A 1 16  ? 0.352   12.032  1.092   1.00 85.25  ? 27  ARG A CZ  1 
ATOM   122  N NH1 . ARG A 1 16  ? -0.446  11.236  1.776   1.00 81.39  ? 27  ARG A NH1 1 
ATOM   123  N NH2 . ARG A 1 16  ? 1.419   12.537  1.683   1.00 91.65  ? 27  ARG A NH2 1 
ATOM   124  N N   . PHE A 1 17  ? -1.236  9.399   -5.417  1.00 67.32  ? 28  PHE A N   1 
ATOM   125  C CA  . PHE A 1 17  ? -1.852  9.997   -6.633  1.00 68.77  ? 28  PHE A CA  1 
ATOM   126  C C   . PHE A 1 17  ? -2.443  11.360  -6.270  1.00 67.68  ? 28  PHE A C   1 
ATOM   127  O O   . PHE A 1 17  ? -3.215  11.417  -5.307  1.00 70.21  ? 28  PHE A O   1 
ATOM   128  C CB  . PHE A 1 17  ? -2.926  9.077   -7.203  1.00 72.49  ? 28  PHE A CB  1 
ATOM   129  C CG  . PHE A 1 17  ? -3.392  9.460   -8.582  1.00 74.73  ? 28  PHE A CG  1 
ATOM   130  C CD1 . PHE A 1 17  ? -4.607  10.101  -8.772  1.00 83.03  ? 28  PHE A CD1 1 
ATOM   131  C CD2 . PHE A 1 17  ? -2.608  9.184   -9.689  1.00 75.48  ? 28  PHE A CD2 1 
ATOM   132  C CE1 . PHE A 1 17  ? -5.031  10.451  -10.044 1.00 85.49  ? 28  PHE A CE1 1 
ATOM   133  C CE2 . PHE A 1 17  ? -3.034  9.532   -10.961 1.00 81.29  ? 28  PHE A CE2 1 
ATOM   134  C CZ  . PHE A 1 17  ? -4.242  10.168  -11.136 1.00 84.72  ? 28  PHE A CZ  1 
ATOM   135  N N   . MET A 1 18  ? -2.089  12.414  -7.008  1.00 74.60  ? 29  MET A N   1 
ATOM   136  C CA  . MET A 1 18  ? -2.259  13.821  -6.555  1.00 77.76  ? 29  MET A CA  1 
ATOM   137  C C   . MET A 1 18  ? -3.424  14.532  -7.264  1.00 81.30  ? 29  MET A C   1 
ATOM   138  O O   . MET A 1 18  ? -3.673  15.689  -6.900  1.00 87.80  ? 29  MET A O   1 
ATOM   139  C CB  . MET A 1 18  ? -0.972  14.616  -6.792  1.00 78.38  ? 29  MET A CB  1 
ATOM   140  C CG  . MET A 1 18  ? -0.569  15.480  -5.609  1.00 87.48  ? 29  MET A CG  1 
ATOM   141  S SD  . MET A 1 18  ? -0.276  14.500  -4.125  1.00 84.45  ? 29  MET A SD  1 
ATOM   142  C CE  . MET A 1 18  ? 0.897   13.341  -4.803  1.00 92.36  ? 29  MET A CE  1 
ATOM   143  N N   . LEU A 1 19  ? -4.113  13.900  -8.223  1.00 83.96  ? 30  LEU A N   1 
ATOM   144  C CA  . LEU A 1 19  ? -5.114  14.578  -9.102  1.00 90.77  ? 30  LEU A CA  1 
ATOM   145  C C   . LEU A 1 19  ? -6.541  14.080  -8.812  1.00 93.57  ? 30  LEU A C   1 
ATOM   146  O O   . LEU A 1 19  ? -7.148  13.528  -9.746  1.00 98.35  ? 30  LEU A O   1 
ATOM   147  C CB  . LEU A 1 19  ? -4.774  14.286  -10.570 1.00 92.98  ? 30  LEU A CB  1 
ATOM   148  C CG  . LEU A 1 19  ? -3.609  15.056  -11.199 1.00 95.38  ? 30  LEU A CG  1 
ATOM   149  C CD1 . LEU A 1 19  ? -2.412  15.137  -10.268 1.00 105.09 ? 30  LEU A CD1 1 
ATOM   150  C CD2 . LEU A 1 19  ? -3.199  14.392  -12.508 1.00 94.09  ? 30  LEU A CD2 1 
ATOM   151  N N   . LEU A 1 20  ? -7.078  14.272  -7.599  1.00 101.76 ? 31  LEU A N   1 
ATOM   152  C CA  . LEU A 1 20  ? -8.473  13.863  -7.248  1.00 101.33 ? 31  LEU A CA  1 
ATOM   153  C C   . LEU A 1 20  ? -9.078  14.829  -6.219  1.00 95.11  ? 31  LEU A C   1 
ATOM   154  O O   . LEU A 1 20  ? -8.319  15.673  -5.710  1.00 92.29  ? 31  LEU A O   1 
ATOM   155  C CB  . LEU A 1 20  ? -8.465  12.425  -6.711  1.00 106.54 ? 31  LEU A CB  1 
ATOM   156  C CG  . LEU A 1 20  ? -8.313  11.306  -7.748  1.00 105.65 ? 31  LEU A CG  1 
ATOM   157  C CD1 . LEU A 1 20  ? -8.267  9.941   -7.072  1.00 102.39 ? 31  LEU A CD1 1 
ATOM   158  C CD2 . LEU A 1 20  ? -9.439  11.345  -8.773  1.00 110.22 ? 31  LEU A CD2 1 
ATOM   159  N N   . GLY A 1 36  ? 3.526   23.356  -10.181 1.00 79.81  ? 47  GLY A N   1 
ATOM   160  C CA  . GLY A 1 36  ? 2.650   22.769  -11.219 1.00 84.99  ? 47  GLY A CA  1 
ATOM   161  C C   . GLY A 1 36  ? 1.708   21.726  -10.637 1.00 86.78  ? 47  GLY A C   1 
ATOM   162  O O   . GLY A 1 36  ? 1.467   21.782  -9.424  1.00 82.87  ? 47  GLY A O   1 
ATOM   163  N N   . SER A 1 37  ? 1.206   20.794  -11.458 1.00 84.81  ? 48  SER A N   1 
ATOM   164  C CA  . SER A 1 37  ? 0.253   19.727  -11.047 1.00 82.08  ? 48  SER A CA  1 
ATOM   165  C C   . SER A 1 37  ? 0.922   18.356  -11.131 1.00 74.99  ? 48  SER A C   1 
ATOM   166  O O   . SER A 1 37  ? 0.738   17.641  -12.115 1.00 68.77  ? 48  SER A O   1 
ATOM   167  C CB  . SER A 1 37  ? -1.005  19.769  -11.881 1.00 84.13  ? 48  SER A CB  1 
ATOM   168  O OG  . SER A 1 37  ? -1.632  21.036  -11.789 1.00 88.03  ? 48  SER A OG  1 
ATOM   169  N N   . PRO A 1 38  ? 1.684   17.917  -10.100 1.00 69.07  ? 49  PRO A N   1 
ATOM   170  C CA  . PRO A 1 38  ? 2.323   16.604  -10.133 1.00 67.63  ? 49  PRO A CA  1 
ATOM   171  C C   . PRO A 1 38  ? 1.240   15.528  -10.075 1.00 70.11  ? 49  PRO A C   1 
ATOM   172  O O   . PRO A 1 38  ? 0.214   15.804  -9.498  1.00 80.65  ? 49  PRO A O   1 
ATOM   173  C CB  . PRO A 1 38  ? 3.200   16.576  -8.875  1.00 71.50  ? 49  PRO A CB  1 
ATOM   174  C CG  . PRO A 1 38  ? 2.526   17.558  -7.937  1.00 70.09  ? 49  PRO A CG  1 
ATOM   175  C CD  . PRO A 1 38  ? 1.951   18.631  -8.841  1.00 72.53  ? 49  PRO A CD  1 
ATOM   176  N N   . THR A 1 39  ? 1.481   14.375  -10.695 1.00 67.82  ? 50  THR A N   1 
ATOM   177  C CA  . THR A 1 39  ? 0.582   13.194  -10.672 1.00 66.20  ? 50  THR A CA  1 
ATOM   178  C C   . THR A 1 39  ? 0.862   12.378  -9.404  1.00 66.94  ? 50  THR A C   1 
ATOM   179  O O   . THR A 1 39  ? -0.100  11.954  -8.749  1.00 64.82  ? 50  THR A O   1 
ATOM   180  C CB  . THR A 1 39  ? 0.756   12.340  -11.933 1.00 70.35  ? 50  THR A CB  1 
ATOM   181  O OG1 . THR A 1 39  ? 0.712   13.201  -13.069 1.00 74.80  ? 50  THR A OG1 1 
ATOM   182  C CG2 . THR A 1 39  ? -0.312  11.279  -12.072 1.00 78.32  ? 50  THR A CG2 1 
ATOM   183  N N   . TRP A 1 40  ? 2.139   12.152  -9.092  1.00 67.54  ? 51  TRP A N   1 
ATOM   184  C CA  . TRP A 1 40  ? 2.578   11.381  -7.904  1.00 63.48  ? 51  TRP A CA  1 
ATOM   185  C C   . TRP A 1 40  ? 3.506   12.228  -7.040  1.00 61.05  ? 51  TRP A C   1 
ATOM   186  O O   . TRP A 1 40  ? 4.282   13.013  -7.601  1.00 64.58  ? 51  TRP A O   1 
ATOM   187  C CB  . TRP A 1 40  ? 3.281   10.091  -8.323  1.00 61.08  ? 51  TRP A CB  1 
ATOM   188  C CG  . TRP A 1 40  ? 2.433   9.188   -9.153  1.00 63.06  ? 51  TRP A CG  1 
ATOM   189  C CD1 . TRP A 1 40  ? 2.413   9.100   -10.513 1.00 70.14  ? 51  TRP A CD1 1 
ATOM   190  C CD2 . TRP A 1 40  ? 1.475   8.231   -8.672  1.00 66.38  ? 51  TRP A CD2 1 
ATOM   191  N NE1 . TRP A 1 40  ? 1.508   8.152   -10.910 1.00 74.69  ? 51  TRP A NE1 1 
ATOM   192  C CE2 . TRP A 1 40  ? 0.912   7.608   -9.804  1.00 67.43  ? 51  TRP A CE2 1 
ATOM   193  C CE3 . TRP A 1 40  ? 1.042   7.842   -7.402  1.00 64.08  ? 51  TRP A CE3 1 
ATOM   194  C CZ2 . TRP A 1 40  ? -0.060  6.614   -9.700  1.00 71.35  ? 51  TRP A CZ2 1 
ATOM   195  C CZ3 . TRP A 1 40  ? 0.072   6.870   -7.298  1.00 66.43  ? 51  TRP A CZ3 1 
ATOM   196  C CH2 . TRP A 1 40  ? -0.471  6.264   -8.433  1.00 71.13  ? 51  TRP A CH2 1 
ATOM   197  N N   . LYS A 1 41  ? 3.396   12.047  -5.725  1.00 64.28  ? 52  LYS A N   1 
ATOM   198  C CA  . LYS A 1 41  ? 4.468   12.281  -4.727  1.00 67.59  ? 52  LYS A CA  1 
ATOM   199  C C   . LYS A 1 41  ? 4.945   10.899  -4.311  1.00 61.44  ? 52  LYS A C   1 
ATOM   200  O O   . LYS A 1 41  ? 4.095   10.096  -3.912  1.00 60.69  ? 52  LYS A O   1 
ATOM   201  C CB  . LYS A 1 41  ? 3.978   13.008  -3.473  1.00 69.59  ? 52  LYS A CB  1 
ATOM   202  C CG  . LYS A 1 41  ? 3.873   14.522  -3.575  1.00 83.98  ? 52  LYS A CG  1 
ATOM   203  C CD  . LYS A 1 41  ? 3.349   15.160  -2.302  1.00 89.12  ? 52  LYS A CD  1 
ATOM   204  C CE  . LYS A 1 41  ? 3.117   16.649  -2.431  1.00 95.15  ? 52  LYS A CE  1 
ATOM   205  N NZ  . LYS A 1 41  ? 2.691   17.232  -1.138  1.00 97.68  ? 52  LYS A NZ  1 
ATOM   206  N N   . VAL A 1 42  ? 6.240   10.639  -4.413  1.00 64.04  ? 53  VAL A N   1 
ATOM   207  C CA  . VAL A 1 42  ? 6.814   9.298   -4.129  1.00 63.47  ? 53  VAL A CA  1 
ATOM   208  C C   . VAL A 1 42  ? 7.709   9.405   -2.893  1.00 61.74  ? 53  VAL A C   1 
ATOM   209  O O   . VAL A 1 42  ? 8.594   10.271  -2.862  1.00 62.57  ? 53  VAL A O   1 
ATOM   210  C CB  . VAL A 1 42  ? 7.547   8.741   -5.362  1.00 65.15  ? 53  VAL A CB  1 
ATOM   211  C CG1 . VAL A 1 42  ? 8.116   7.365   -5.085  1.00 63.18  ? 53  VAL A CG1 1 
ATOM   212  C CG2 . VAL A 1 42  ? 6.629   8.704   -6.579  1.00 66.14  ? 53  VAL A CG2 1 
ATOM   213  N N   . PHE A 1 43  ? 7.447   8.557   -1.901  1.00 65.74  ? 54  PHE A N   1 
ATOM   214  C CA  . PHE A 1 43  ? 8.181   8.479   -0.615  1.00 60.58  ? 54  PHE A CA  1 
ATOM   215  C C   . PHE A 1 43  ? 8.975   7.173   -0.619  1.00 63.09  ? 54  PHE A C   1 
ATOM   216  O O   . PHE A 1 43  ? 8.444   6.169   -1.140  1.00 65.14  ? 54  PHE A O   1 
ATOM   217  C CB  . PHE A 1 43  ? 7.196   8.541   0.552   1.00 61.96  ? 54  PHE A CB  1 
ATOM   218  C CG  . PHE A 1 43  ? 6.351   9.792   0.615   1.00 65.40  ? 54  PHE A CG  1 
ATOM   219  C CD1 . PHE A 1 43  ? 6.596   10.767  1.571   1.00 64.42  ? 54  PHE A CD1 1 
ATOM   220  C CD2 . PHE A 1 43  ? 5.308   9.995   -0.277  1.00 63.41  ? 54  PHE A CD2 1 
ATOM   221  C CE1 . PHE A 1 43  ? 5.816   11.914  1.634   1.00 67.30  ? 54  PHE A CE1 1 
ATOM   222  C CE2 . PHE A 1 43  ? 4.520   11.134  -0.202  1.00 62.91  ? 54  PHE A CE2 1 
ATOM   223  C CZ  . PHE A 1 43  ? 4.778   12.096  0.748   1.00 65.79  ? 54  PHE A CZ  1 
ATOM   224  N N   . GLU A 1 44  ? 10.198  7.200   -0.086  1.00 68.50  ? 55  GLU A N   1 
ATOM   225  C CA  . GLU A 1 44  ? 11.118  6.032   -0.001  1.00 71.44  ? 55  GLU A CA  1 
ATOM   226  C C   . GLU A 1 44  ? 11.625  5.904   1.441   1.00 70.82  ? 55  GLU A C   1 
ATOM   227  O O   . GLU A 1 44  ? 11.445  6.859   2.227   1.00 69.40  ? 55  GLU A O   1 
ATOM   228  C CB  . GLU A 1 44  ? 12.213  6.178   -1.057  1.00 74.01  ? 55  GLU A CB  1 
ATOM   229  C CG  . GLU A 1 44  ? 11.653  6.106   -2.471  1.00 79.15  ? 55  GLU A CG  1 
ATOM   230  C CD  . GLU A 1 44  ? 12.667  6.142   -3.600  1.00 85.29  ? 55  GLU A CD  1 
ATOM   231  O OE1 . GLU A 1 44  ? 13.826  6.497   -3.323  1.00 88.91  ? 55  GLU A OE1 1 
ATOM   232  O OE2 . GLU A 1 44  ? 12.284  5.835   -4.762  1.00 94.45  ? 55  GLU A OE2 1 
ATOM   233  N N   . SER A 1 45  ? 12.120  4.725   1.812   1.00 74.51  ? 56  SER A N   1 
ATOM   234  C CA  . SER A 1 45  ? 12.797  4.499   3.115   1.00 86.81  ? 56  SER A CA  1 
ATOM   235  C C   . SER A 1 45  ? 14.176  5.157   3.059   1.00 92.05  ? 56  SER A C   1 
ATOM   236  O O   . SER A 1 45  ? 14.976  4.749   2.194   1.00 90.62  ? 56  SER A O   1 
ATOM   237  C CB  . SER A 1 45  ? 12.902  3.037   3.449   1.00 89.68  ? 56  SER A CB  1 
ATOM   238  O OG  . SER A 1 45  ? 11.659  2.542   3.904   1.00 95.05  ? 56  SER A OG  1 
ATOM   239  N N   . SER A 1 46  ? 14.414  6.155   3.916   1.00 100.89 ? 57  SER A N   1 
ATOM   240  C CA  . SER A 1 46  ? 15.690  6.907   4.042   1.00 108.66 ? 57  SER A CA  1 
ATOM   241  C C   . SER A 1 46  ? 16.232  6.724   5.459   1.00 115.87 ? 57  SER A C   1 
ATOM   242  O O   . SER A 1 46  ? 15.436  6.404   6.363   1.00 110.86 ? 57  SER A O   1 
ATOM   243  C CB  . SER A 1 46  ? 15.514  8.372   3.736   1.00 114.64 ? 57  SER A CB  1 
ATOM   244  O OG  . SER A 1 46  ? 14.716  8.575   2.577   1.00 123.92 ? 57  SER A OG  1 
ATOM   245  N N   . GLU A 1 47  ? 17.533  6.942   5.641   1.00 121.78 ? 58  GLU A N   1 
ATOM   246  C CA  . GLU A 1 47  ? 18.188  6.913   6.972   1.00 126.21 ? 58  GLU A CA  1 
ATOM   247  C C   . GLU A 1 47  ? 17.864  8.224   7.699   1.00 121.43 ? 58  GLU A C   1 
ATOM   248  O O   . GLU A 1 47  ? 17.774  8.193   8.941   1.00 113.62 ? 58  GLU A O   1 
ATOM   249  C CB  . GLU A 1 47  ? 19.683  6.635   6.806   1.00 134.72 ? 58  GLU A CB  1 
ATOM   250  C CG  . GLU A 1 47  ? 19.961  5.255   6.226   1.00 136.85 ? 58  GLU A CG  1 
ATOM   251  C CD  . GLU A 1 47  ? 21.417  4.938   5.931   1.00 141.57 ? 58  GLU A CD  1 
ATOM   252  O OE1 . GLU A 1 47  ? 22.273  5.827   6.122   1.00 149.38 ? 58  GLU A OE1 1 
ATOM   253  O OE2 . GLU A 1 47  ? 21.694  3.800   5.502   1.00 136.06 ? 58  GLU A OE2 1 
ATOM   254  N N   . GLU A 1 48  ? 17.650  9.318   6.956   1.00 126.69 ? 59  GLU A N   1 
ATOM   255  C CA  . GLU A 1 48  ? 17.309  10.654  7.521   1.00 129.11 ? 59  GLU A CA  1 
ATOM   256  C C   . GLU A 1 48  ? 15.785  10.791  7.666   1.00 126.98 ? 59  GLU A C   1 
ATOM   257  O O   . GLU A 1 48  ? 15.344  11.156  8.775   1.00 115.73 ? 59  GLU A O   1 
ATOM   258  C CB  . GLU A 1 48  ? 17.879  11.776  6.650   1.00 137.28 ? 59  GLU A CB  1 
ATOM   259  C CG  . GLU A 1 48  ? 18.036  13.091  7.398   1.00 139.95 ? 59  GLU A CG  1 
ATOM   260  C CD  . GLU A 1 48  ? 18.112  14.327  6.517   1.00 143.30 ? 59  GLU A CD  1 
ATOM   261  O OE1 . GLU A 1 48  ? 17.689  15.409  6.976   1.00 136.88 ? 59  GLU A OE1 1 
ATOM   262  O OE2 . GLU A 1 48  ? 18.594  14.205  5.373   1.00 147.56 ? 59  GLU A OE2 1 
ATOM   263  N N   . SER A 1 49  ? 15.028  10.527  6.589   1.00 125.61 ? 60  SER A N   1 
ATOM   264  C CA  . SER A 1 49  ? 13.543  10.660  6.496   1.00 116.42 ? 60  SER A CA  1 
ATOM   265  C C   . SER A 1 49  ? 12.844  9.706   7.476   1.00 111.10 ? 60  SER A C   1 
ATOM   266  O O   . SER A 1 49  ? 11.863  10.132  8.120   1.00 95.15  ? 60  SER A O   1 
ATOM   267  C CB  . SER A 1 49  ? 13.047  10.411  5.088   1.00 113.23 ? 60  SER A CB  1 
ATOM   268  O OG  . SER A 1 49  ? 13.912  10.994  4.125   1.00 116.38 ? 60  SER A OG  1 
ATOM   269  N N   . GLY A 1 50  ? 13.320  8.458   7.554   1.00 102.03 ? 61  GLY A N   1 
ATOM   270  C CA  . GLY A 1 50  ? 12.709  7.368   8.337   1.00 92.74  ? 61  GLY A CA  1 
ATOM   271  C C   . GLY A 1 50  ? 12.322  6.198   7.445   1.00 85.54  ? 61  GLY A C   1 
ATOM   272  O O   . GLY A 1 50  ? 12.188  6.388   6.213   1.00 75.80  ? 61  GLY A O   1 
ATOM   273  N N   . SER A 1 51  ? 12.160  5.015   8.040   1.00 82.64  ? 62  SER A N   1 
ATOM   274  C CA  . SER A 1 51  ? 11.694  3.780   7.357   1.00 75.22  ? 62  SER A CA  1 
ATOM   275  C C   . SER A 1 51  ? 10.213  3.915   6.992   1.00 66.80  ? 62  SER A C   1 
ATOM   276  O O   . SER A 1 51  ? 9.434   4.435   7.833   1.00 65.73  ? 62  SER A O   1 
ATOM   277  C CB  . SER A 1 51  ? 11.938  2.572   8.214   1.00 77.36  ? 62  SER A CB  1 
ATOM   278  O OG  . SER A 1 51  ? 13.323  2.412   8.461   1.00 92.82  ? 62  SER A OG  1 
ATOM   279  N N   . LEU A 1 52  ? 9.850   3.482   5.779   1.00 65.28  ? 63  LEU A N   1 
ATOM   280  C CA  . LEU A 1 52  ? 8.445   3.346   5.300   1.00 59.54  ? 63  LEU A CA  1 
ATOM   281  C C   . LEU A 1 52  ? 7.871   2.033   5.821   1.00 54.65  ? 63  LEU A C   1 
ATOM   282  O O   . LEU A 1 52  ? 8.461   0.980   5.553   1.00 58.12  ? 63  LEU A O   1 
ATOM   283  C CB  . LEU A 1 52  ? 8.402   3.357   3.773   1.00 65.34  ? 63  LEU A CB  1 
ATOM   284  C CG  . LEU A 1 52  ? 7.857   4.610   3.096   1.00 66.11  ? 63  LEU A CG  1 
ATOM   285  C CD1 . LEU A 1 52  ? 7.647   4.332   1.612   1.00 72.88  ? 63  LEU A CD1 1 
ATOM   286  C CD2 . LEU A 1 52  ? 6.561   5.068   3.728   1.00 69.38  ? 63  LEU A CD2 1 
ATOM   287  N N   . VAL A 1 53  ? 6.752   2.101   6.530   1.00 56.47  ? 64  VAL A N   1 
ATOM   288  C CA  . VAL A 1 53  ? 6.141   0.927   7.205   1.00 52.53  ? 64  VAL A CA  1 
ATOM   289  C C   . VAL A 1 53  ? 4.641   0.949   6.956   1.00 54.42  ? 64  VAL A C   1 
ATOM   290  O O   . VAL A 1 53  ? 4.028   2.017   7.140   1.00 57.37  ? 64  VAL A O   1 
ATOM   291  C CB  . VAL A 1 53  ? 6.457   0.908   8.712   1.00 54.59  ? 64  VAL A CB  1 
ATOM   292  C CG1 . VAL A 1 53  ? 5.769   -0.254  9.401   1.00 51.37  ? 64  VAL A CG1 1 
ATOM   293  C CG2 . VAL A 1 53  ? 7.960   0.848   8.947   1.00 55.90  ? 64  VAL A CG2 1 
ATOM   294  N N   . LEU A 1 54  ? 4.100   -0.202  6.558   1.00 51.68  ? 65  LEU A N   1 
ATOM   295  C CA  . LEU A 1 54  ? 2.647   -0.456  6.472   1.00 52.07  ? 65  LEU A CA  1 
ATOM   296  C C   . LEU A 1 54  ? 2.255   -1.210  7.736   1.00 51.82  ? 65  LEU A C   1 
ATOM   297  O O   . LEU A 1 54  ? 2.869   -2.249  8.010   1.00 52.40  ? 65  LEU A O   1 
ATOM   298  C CB  . LEU A 1 54  ? 2.355   -1.257  5.204   1.00 52.91  ? 65  LEU A CB  1 
ATOM   299  C CG  . LEU A 1 54  ? 0.894   -1.332  4.775   1.00 52.92  ? 65  LEU A CG  1 
ATOM   300  C CD1 . LEU A 1 54  ? 0.802   -1.698  3.295   1.00 51.34  ? 65  LEU A CD1 1 
ATOM   301  C CD2 . LEU A 1 54  ? 0.134   -2.340  5.612   1.00 50.51  ? 65  LEU A CD2 1 
ATOM   302  N N   . THR A 1 55  ? 1.280   -0.682  8.470   1.00 51.45  ? 66  THR A N   1 
ATOM   303  C CA  . THR A 1 55  ? 0.796   -1.244  9.748   1.00 53.49  ? 66  THR A CA  1 
ATOM   304  C C   . THR A 1 55  ? -0.675  -1.570  9.596   1.00 49.33  ? 66  THR A C   1 
ATOM   305  O O   . THR A 1 55  ? -1.430  -0.665  9.165   1.00 53.34  ? 66  THR A O   1 
ATOM   306  C CB  . THR A 1 55  ? 0.940   -0.246  10.908  1.00 53.27  ? 66  THR A CB  1 
ATOM   307  O OG1 . THR A 1 55  ? 2.303   0.140   10.998  1.00 54.99  ? 66  THR A OG1 1 
ATOM   308  C CG2 . THR A 1 55  ? 0.500   -0.820  12.234  1.00 53.88  ? 66  THR A CG2 1 
ATOM   309  N N   . ILE A 1 56  ? -1.051  -2.793  9.948   1.00 49.82  ? 67  ILE A N   1 
ATOM   310  C CA  . ILE A 1 56  ? -2.471  -3.165  10.159  1.00 53.58  ? 67  ILE A CA  1 
ATOM   311  C C   . ILE A 1 56  ? -2.612  -3.562  11.627  1.00 57.86  ? 67  ILE A C   1 
ATOM   312  O O   . ILE A 1 56  ? -1.919  -4.497  12.074  1.00 59.41  ? 67  ILE A O   1 
ATOM   313  C CB  . ILE A 1 56  ? -2.947  -4.276  9.199   1.00 56.07  ? 67  ILE A CB  1 
ATOM   314  C CG1 . ILE A 1 56  ? -2.726  -3.899  7.730   1.00 57.70  ? 67  ILE A CG1 1 
ATOM   315  C CG2 . ILE A 1 56  ? -4.406  -4.613  9.486   1.00 57.21  ? 67  ILE A CG2 1 
ATOM   316  C CD1 . ILE A 1 56  ? -2.993  -5.034  6.760   1.00 58.77  ? 67  ILE A CD1 1 
ATOM   317  N N   . VAL A 1 57  ? -3.493  -2.861  12.329  1.00 58.16  ? 68  VAL A N   1 
ATOM   318  C CA  . VAL A 1 57  ? -3.854  -3.125  13.747  1.00 63.33  ? 68  VAL A CA  1 
ATOM   319  C C   . VAL A 1 57  ? -4.950  -4.193  13.742  1.00 61.78  ? 68  VAL A C   1 
ATOM   320  O O   . VAL A 1 57  ? -5.811  -4.148  12.853  1.00 68.17  ? 68  VAL A O   1 
ATOM   321  C CB  . VAL A 1 57  ? -4.296  -1.820  14.440  1.00 58.95  ? 68  VAL A CB  1 
ATOM   322  C CG1 . VAL A 1 57  ? -4.494  -1.999  15.935  1.00 62.98  ? 68  VAL A CG1 1 
ATOM   323  C CG2 . VAL A 1 57  ? -3.315  -0.697  14.170  1.00 57.78  ? 68  VAL A CG2 1 
ATOM   324  N N   . VAL A 1 58  ? -4.904  -5.116  14.700  1.00 65.94  ? 69  VAL A N   1 
ATOM   325  C CA  . VAL A 1 58  ? -5.855  -6.259  14.822  1.00 71.37  ? 69  VAL A CA  1 
ATOM   326  C C   . VAL A 1 58  ? -7.296  -5.722  14.864  1.00 69.03  ? 69  VAL A C   1 
ATOM   327  O O   . VAL A 1 58  ? -8.196  -6.449  14.424  1.00 67.47  ? 69  VAL A O   1 
ATOM   328  C CB  . VAL A 1 58  ? -5.489  -7.121  16.047  1.00 82.00  ? 69  VAL A CB  1 
ATOM   329  C CG1 . VAL A 1 58  ? -6.557  -8.144  16.390  1.00 90.46  ? 69  VAL A CG1 1 
ATOM   330  C CG2 . VAL A 1 58  ? -4.153  -7.817  15.839  1.00 84.42  ? 69  VAL A CG2 1 
ATOM   331  N N   . SER A 1 59  ? -7.506  -4.495  15.355  1.00 67.58  ? 70  SER A N   1 
ATOM   332  C CA  . SER A 1 59  ? -8.824  -3.798  15.423  1.00 70.03  ? 70  SER A CA  1 
ATOM   333  C C   . SER A 1 59  ? -9.327  -3.417  14.023  1.00 68.71  ? 70  SER A C   1 
ATOM   334  O O   . SER A 1 59  ? -10.524 -3.092  13.907  1.00 71.14  ? 70  SER A O   1 
ATOM   335  C CB  . SER A 1 59  ? -8.750  -2.569  16.315  1.00 74.20  ? 70  SER A CB  1 
ATOM   336  O OG  . SER A 1 59  ? -8.018  -1.508  15.693  1.00 82.75  ? 70  SER A OG  1 
ATOM   337  N N   . GLY A 1 60  ? -8.445  -3.386  13.018  1.00 67.48  ? 71  GLY A N   1 
ATOM   338  C CA  . GLY A 1 60  ? -8.819  -3.254  11.595  1.00 64.42  ? 71  GLY A CA  1 
ATOM   339  C C   . GLY A 1 60  ? -8.371  -1.948  10.962  1.00 63.55  ? 71  GLY A C   1 
ATOM   340  O O   . GLY A 1 60  ? -8.820  -1.654  9.831   1.00 64.23  ? 71  GLY A O   1 
ATOM   341  N N   . HIS A 1 61  ? -7.488  -1.199  11.624  1.00 57.96  ? 72  HIS A N   1 
ATOM   342  C CA  . HIS A 1 61  ? -6.946  0.075   11.090  1.00 56.74  ? 72  HIS A CA  1 
ATOM   343  C C   . HIS A 1 61  ? -5.700  -0.189  10.257  1.00 53.10  ? 72  HIS A C   1 
ATOM   344  O O   . HIS A 1 61  ? -4.833  -0.972  10.673  1.00 57.31  ? 72  HIS A O   1 
ATOM   345  C CB  . HIS A 1 61  ? -6.645  1.110   12.185  1.00 61.32  ? 72  HIS A CB  1 
ATOM   346  C CG  . HIS A 1 61  ? -7.807  1.998   12.459  1.00 61.14  ? 72  HIS A CG  1 
ATOM   347  N ND1 . HIS A 1 61  ? -7.898  3.290   11.972  1.00 64.52  ? 72  HIS A ND1 1 
ATOM   348  C CD2 . HIS A 1 61  ? -8.943  1.760   13.141  1.00 63.35  ? 72  HIS A CD2 1 
ATOM   349  C CE1 . HIS A 1 61  ? -9.046  3.811   12.377  1.00 63.79  ? 72  HIS A CE1 1 
ATOM   350  N NE2 . HIS A 1 61  ? -9.702  2.895   13.084  1.00 64.80  ? 72  HIS A NE2 1 
ATOM   351  N N   . PHE A 1 62  ? -5.588  0.585   9.190   1.00 51.64  ? 73  PHE A N   1 
ATOM   352  C CA  . PHE A 1 62  ? -4.499  0.548   8.197   1.00 47.25  ? 73  PHE A CA  1 
ATOM   353  C C   . PHE A 1 62  ? -3.735  1.865   8.278   1.00 47.17  ? 73  PHE A C   1 
ATOM   354  O O   . PHE A 1 62  ? -4.366  2.930   8.182   1.00 51.44  ? 73  PHE A O   1 
ATOM   355  C CB  . PHE A 1 62  ? -5.153  0.343   6.833   1.00 50.47  ? 73  PHE A CB  1 
ATOM   356  C CG  . PHE A 1 62  ? -4.212  0.416   5.672   1.00 51.61  ? 73  PHE A CG  1 
ATOM   357  C CD1 . PHE A 1 62  ? -3.793  1.643   5.184   1.00 53.33  ? 73  PHE A CD1 1 
ATOM   358  C CD2 . PHE A 1 62  ? -3.738  -0.745  5.084   1.00 52.49  ? 73  PHE A CD2 1 
ATOM   359  C CE1 . PHE A 1 62  ? -2.899  1.704   4.127   1.00 52.47  ? 73  PHE A CE1 1 
ATOM   360  C CE2 . PHE A 1 62  ? -2.866  -0.679  4.012   1.00 52.78  ? 73  PHE A CE2 1 
ATOM   361  C CZ  . PHE A 1 62  ? -2.448  0.546   3.541   1.00 51.78  ? 73  PHE A CZ  1 
ATOM   362  N N   . PHE A 1 63  ? -2.416  1.802   8.437   1.00 49.82  ? 74  PHE A N   1 
ATOM   363  C CA  . PHE A 1 63  ? -1.540  2.989   8.360   1.00 52.04  ? 74  PHE A CA  1 
ATOM   364  C C   . PHE A 1 63  ? -0.356  2.711   7.443   1.00 54.21  ? 74  PHE A C   1 
ATOM   365  O O   . PHE A 1 63  ? 0.147   1.561   7.377   1.00 52.51  ? 74  PHE A O   1 
ATOM   366  C CB  . PHE A 1 63  ? -0.990  3.370   9.734   1.00 56.01  ? 74  PHE A CB  1 
ATOM   367  C CG  . PHE A 1 63  ? -2.066  3.739   10.707  1.00 52.81  ? 74  PHE A CG  1 
ATOM   368  C CD1 . PHE A 1 63  ? -2.634  5.000   10.683  1.00 55.01  ? 74  PHE A CD1 1 
ATOM   369  C CD2 . PHE A 1 63  ? -2.551  2.804   11.602  1.00 57.53  ? 74  PHE A CD2 1 
ATOM   370  C CE1 . PHE A 1 63  ? -3.647  5.323   11.566  1.00 55.73  ? 74  PHE A CE1 1 
ATOM   371  C CE2 . PHE A 1 63  ? -3.558  3.139   12.491  1.00 51.11  ? 74  PHE A CE2 1 
ATOM   372  C CZ  . PHE A 1 63  ? -4.103  4.392   12.470  1.00 51.62  ? 74  PHE A CZ  1 
ATOM   373  N N   . ILE A 1 64  ? 0.070   3.771   6.772   1.00 51.06  ? 75  ILE A N   1 
ATOM   374  C CA  . ILE A 1 64  ? 1.440   3.902   6.209   1.00 59.67  ? 75  ILE A CA  1 
ATOM   375  C C   . ILE A 1 64  ? 2.115   5.065   6.943   1.00 56.62  ? 75  ILE A C   1 
ATOM   376  O O   . ILE A 1 64  ? 1.482   6.116   7.104   1.00 57.18  ? 75  ILE A O   1 
ATOM   377  C CB  . ILE A 1 64  ? 1.378   4.093   4.684   1.00 55.15  ? 75  ILE A CB  1 
ATOM   378  C CG1 . ILE A 1 64  ? 0.811   2.844   4.002   1.00 53.34  ? 75  ILE A CG1 1 
ATOM   379  C CG2 . ILE A 1 64  ? 2.743   4.473   4.140   1.00 57.19  ? 75  ILE A CG2 1 
ATOM   380  C CD1 . ILE A 1 64  ? 0.409   3.062   2.567   1.00 55.21  ? 75  ILE A CD1 1 
ATOM   381  N N   . SER A 1 65  ? 3.331   4.861   7.432   1.00 61.17  ? 76  SER A N   1 
ATOM   382  C CA  . SER A 1 65  ? 4.094   5.905   8.156   1.00 59.39  ? 76  SER A CA  1 
ATOM   383  C C   . SER A 1 65  ? 5.503   5.979   7.582   1.00 55.01  ? 76  SER A C   1 
ATOM   384  O O   . SER A 1 65  ? 6.012   4.960   7.099   1.00 57.75  ? 76  SER A O   1 
ATOM   385  C CB  . SER A 1 65  ? 4.099   5.641   9.630   1.00 59.62  ? 76  SER A CB  1 
ATOM   386  O OG  . SER A 1 65  ? 4.706   4.390   9.879   1.00 61.00  ? 76  SER A OG  1 
ATOM   387  N N   . GLN A 1 66  ? 6.070   7.181   7.571   1.00 58.46  ? 77  GLN A N   1 
ATOM   388  C CA  . GLN A 1 66  ? 7.503   7.412   7.278   1.00 61.12  ? 77  GLN A CA  1 
ATOM   389  C C   . GLN A 1 66  ? 8.069   8.093   8.522   1.00 65.34  ? 77  GLN A C   1 
ATOM   390  O O   . GLN A 1 66  ? 7.604   9.209   8.831   1.00 62.60  ? 77  GLN A O   1 
ATOM   391  C CB  . GLN A 1 66  ? 7.641   8.239   6.003   1.00 60.65  ? 77  GLN A CB  1 
ATOM   392  C CG  . GLN A 1 66  ? 9.072   8.414   5.526   1.00 62.82  ? 77  GLN A CG  1 
ATOM   393  C CD  . GLN A 1 66  ? 9.137   9.525   4.509   1.00 68.37  ? 77  GLN A CD  1 
ATOM   394  O OE1 . GLN A 1 66  ? 8.606   10.618  4.730   1.00 72.05  ? 77  GLN A OE1 1 
ATOM   395  N NE2 . GLN A 1 66  ? 9.773   9.248   3.381   1.00 74.92  ? 77  GLN A NE2 1 
ATOM   396  N N   . GLY A 1 67  ? 8.968   7.411   9.234   1.00 68.86  ? 78  GLY A N   1 
ATOM   397  C CA  . GLY A 1 67  ? 9.350   7.796   10.601  1.00 71.82  ? 78  GLY A CA  1 
ATOM   398  C C   . GLY A 1 67  ? 8.099   7.945   11.440  1.00 76.14  ? 78  GLY A C   1 
ATOM   399  O O   . GLY A 1 67  ? 7.391   6.934   11.593  1.00 75.60  ? 78  GLY A O   1 
ATOM   400  N N   . GLN A 1 68  ? 7.789   9.170   11.872  1.00 77.88  ? 79  GLN A N   1 
ATOM   401  C CA  . GLN A 1 68  ? 6.638   9.481   12.763  1.00 86.18  ? 79  GLN A CA  1 
ATOM   402  C C   . GLN A 1 68  ? 5.417   9.918   11.939  1.00 79.23  ? 79  GLN A C   1 
ATOM   403  O O   . GLN A 1 68  ? 4.286   9.687   12.415  1.00 74.72  ? 79  GLN A O   1 
ATOM   404  C CB  . GLN A 1 68  ? 7.026   10.571  13.765  1.00 104.50 ? 79  GLN A CB  1 
ATOM   405  C CG  . GLN A 1 68  ? 7.189   11.947  13.129  1.00 112.24 ? 79  GLN A CG  1 
ATOM   406  C CD  . GLN A 1 68  ? 7.483   13.029  14.138  1.00 121.02 ? 79  GLN A CD  1 
ATOM   407  O OE1 . GLN A 1 68  ? 7.688   12.767  15.323  1.00 122.08 ? 79  GLN A OE1 1 
ATOM   408  N NE2 . GLN A 1 68  ? 7.504   14.265  13.662  1.00 122.35 ? 79  GLN A NE2 1 
ATOM   409  N N   . THR A 1 69  ? 5.620   10.539  10.767  1.00 74.74  ? 80  THR A N   1 
ATOM   410  C CA  . THR A 1 69  ? 4.524   11.103  9.929   1.00 68.94  ? 80  THR A CA  1 
ATOM   411  C C   . THR A 1 69  ? 3.621   9.976   9.423   1.00 65.01  ? 80  THR A C   1 
ATOM   412  O O   . THR A 1 69  ? 4.136   9.023   8.839   1.00 63.33  ? 80  THR A O   1 
ATOM   413  C CB  . THR A 1 69  ? 5.061   11.901  8.736   1.00 75.60  ? 80  THR A CB  1 
ATOM   414  O OG1 . THR A 1 69  ? 6.186   12.657  9.190   1.00 78.64  ? 80  THR A OG1 1 
ATOM   415  C CG2 . THR A 1 69  ? 3.999   12.794  8.125   1.00 73.29  ? 80  THR A CG2 1 
ATOM   416  N N   . LEU A 1 70  ? 2.320   10.090  9.672   1.00 61.87  ? 81  LEU A N   1 
ATOM   417  C CA  . LEU A 1 70  ? 1.281   9.197   9.118   1.00 67.79  ? 81  LEU A CA  1 
ATOM   418  C C   . LEU A 1 70  ? 0.887   9.722   7.734   1.00 69.15  ? 81  LEU A C   1 
ATOM   419  O O   . LEU A 1 70  ? 0.329   10.825  7.676   1.00 69.25  ? 81  LEU A O   1 
ATOM   420  C CB  . LEU A 1 70  ? 0.089   9.181   10.077  1.00 65.68  ? 81  LEU A CB  1 
ATOM   421  C CG  . LEU A 1 70  ? 0.358   8.603   11.467  1.00 65.36  ? 81  LEU A CG  1 
ATOM   422  C CD1 . LEU A 1 70  ? -0.950  8.433   12.227  1.00 68.18  ? 81  LEU A CD1 1 
ATOM   423  C CD2 . LEU A 1 70  ? 1.086   7.269   11.391  1.00 65.88  ? 81  LEU A CD2 1 
ATOM   424  N N   . LEU A 1 71  ? 1.191   8.964   6.674   1.00 61.50  ? 82  LEU A N   1 
ATOM   425  C CA  . LEU A 1 71  ? 0.890   9.322   5.265   1.00 61.92  ? 82  LEU A CA  1 
ATOM   426  C C   . LEU A 1 71  ? -0.490  8.780   4.879   1.00 63.03  ? 82  LEU A C   1 
ATOM   427  O O   . LEU A 1 71  ? -1.159  9.338   3.986   1.00 58.25  ? 82  LEU A O   1 
ATOM   428  C CB  . LEU A 1 71  ? 1.988   8.730   4.380   1.00 68.04  ? 82  LEU A CB  1 
ATOM   429  C CG  . LEU A 1 71  ? 3.389   9.259   4.670   1.00 66.99  ? 82  LEU A CG  1 
ATOM   430  C CD1 . LEU A 1 71  ? 4.429   8.480   3.888   1.00 66.22  ? 82  LEU A CD1 1 
ATOM   431  C CD2 . LEU A 1 71  ? 3.477   10.745  4.356   1.00 66.80  ? 82  LEU A CD2 1 
ATOM   432  N N   . GLU A 1 72  ? -0.924  7.725   5.546   1.00 59.76  ? 83  GLU A N   1 
ATOM   433  C CA  . GLU A 1 72  ? -2.208  7.074   5.230   1.00 60.07  ? 83  GLU A CA  1 
ATOM   434  C C   . GLU A 1 72  ? -2.747  6.547   6.554   1.00 57.90  ? 83  GLU A C   1 
ATOM   435  O O   . GLU A 1 72  ? -1.919  6.099   7.375   1.00 63.44  ? 83  GLU A O   1 
ATOM   436  C CB  . GLU A 1 72  ? -1.917  6.028   4.150   1.00 60.47  ? 83  GLU A CB  1 
ATOM   437  C CG  . GLU A 1 72  ? -2.973  5.923   3.076   1.00 66.35  ? 83  GLU A CG  1 
ATOM   438  C CD  . GLU A 1 72  ? -3.218  7.139   2.203   1.00 61.14  ? 83  GLU A CD  1 
ATOM   439  O OE1 . GLU A 1 72  ? -2.281  7.590   1.523   1.00 61.87  ? 83  GLU A OE1 1 
ATOM   440  O OE2 . GLU A 1 72  ? -4.366  7.615   2.198   1.00 66.44  ? 83  GLU A OE2 1 
ATOM   441  N N   . GLY A 1 73  ? -4.056  6.664   6.775   1.00 55.45  ? 84  GLY A N   1 
ATOM   442  C CA  . GLY A 1 73  ? -4.726  6.039   7.924   1.00 58.41  ? 84  GLY A CA  1 
ATOM   443  C C   . GLY A 1 73  ? -6.225  5.983   7.739   1.00 58.63  ? 84  GLY A C   1 
ATOM   444  O O   . GLY A 1 73  ? -6.830  7.030   7.493   1.00 63.64  ? 84  GLY A O   1 
ATOM   445  N N   . PHE A 1 74  ? -6.808  4.800   7.890   1.00 58.95  ? 85  PHE A N   1 
ATOM   446  C CA  . PHE A 1 74  ? -8.269  4.591   7.777   1.00 57.44  ? 85  PHE A CA  1 
ATOM   447  C C   . PHE A 1 74  ? -8.595  3.201   8.317   1.00 57.01  ? 85  PHE A C   1 
ATOM   448  O O   . PHE A 1 74  ? -7.662  2.390   8.511   1.00 56.74  ? 85  PHE A O   1 
ATOM   449  C CB  . PHE A 1 74  ? -8.721  4.816   6.329   1.00 57.83  ? 85  PHE A CB  1 
ATOM   450  C CG  . PHE A 1 74  ? -7.968  4.011   5.298   1.00 56.86  ? 85  PHE A CG  1 
ATOM   451  C CD1 . PHE A 1 74  ? -8.291  2.683   5.056   1.00 57.93  ? 85  PHE A CD1 1 
ATOM   452  C CD2 . PHE A 1 74  ? -6.944  4.585   4.552   1.00 60.44  ? 85  PHE A CD2 1 
ATOM   453  C CE1 . PHE A 1 74  ? -7.611  1.949   4.093   1.00 58.01  ? 85  PHE A CE1 1 
ATOM   454  C CE2 . PHE A 1 74  ? -6.255  3.843   3.600   1.00 57.98  ? 85  PHE A CE2 1 
ATOM   455  C CZ  . PHE A 1 74  ? -6.585  2.525   3.377   1.00 52.73  ? 85  PHE A CZ  1 
ATOM   456  N N   . SER A 1 75  ? -9.877  2.963   8.576   1.00 62.06  ? 86  SER A N   1 
ATOM   457  C CA  . SER A 1 75  ? -10.423 1.654   9.013   1.00 64.40  ? 86  SER A CA  1 
ATOM   458  C C   . SER A 1 75  ? -10.651 0.756   7.796   1.00 62.05  ? 86  SER A C   1 
ATOM   459  O O   . SER A 1 75  ? -11.159 1.266   6.787   1.00 62.10  ? 86  SER A O   1 
ATOM   460  C CB  . SER A 1 75  ? -11.700 1.835   9.779   1.00 63.43  ? 86  SER A CB  1 
ATOM   461  O OG  . SER A 1 75  ? -12.211 0.571   10.176  1.00 62.75  ? 86  SER A OG  1 
ATOM   462  N N   . LEU A 1 76  ? -10.301 -0.529  7.899   1.00 65.53  ? 87  LEU A N   1 
ATOM   463  C CA  . LEU A 1 76  ? -10.621 -1.563  6.877   1.00 63.12  ? 87  LEU A CA  1 
ATOM   464  C C   . LEU A 1 76  ? -12.004 -2.166  7.169   1.00 69.39  ? 87  LEU A C   1 
ATOM   465  O O   . LEU A 1 76  ? -12.470 -2.987  6.365   1.00 65.62  ? 87  LEU A O   1 
ATOM   466  C CB  . LEU A 1 76  ? -9.547  -2.658  6.894   1.00 60.79  ? 87  LEU A CB  1 
ATOM   467  C CG  . LEU A 1 76  ? -8.147  -2.232  6.446   1.00 59.35  ? 87  LEU A CG  1 
ATOM   468  C CD1 . LEU A 1 76  ? -7.125  -3.321  6.731   1.00 54.52  ? 87  LEU A CD1 1 
ATOM   469  C CD2 . LEU A 1 76  ? -8.135  -1.868  4.972   1.00 60.82  ? 87  LEU A CD2 1 
ATOM   470  N N   . ILE A 1 77  ? -12.638 -1.806  8.285   1.00 70.05  ? 88  ILE A N   1 
ATOM   471  C CA  . ILE A 1 77  ? -13.951 -2.399  8.674   1.00 74.81  ? 88  ILE A CA  1 
ATOM   472  C C   . ILE A 1 77  ? -15.040 -1.735  7.825   1.00 77.82  ? 88  ILE A C   1 
ATOM   473  O O   . ILE A 1 77  ? -15.068 -0.479  7.763   1.00 72.11  ? 88  ILE A O   1 
ATOM   474  C CB  . ILE A 1 77  ? -14.186 -2.295  10.194  1.00 76.64  ? 88  ILE A CB  1 
ATOM   475  C CG1 . ILE A 1 77  ? -13.398 -3.386  10.923  1.00 78.79  ? 88  ILE A CG1 1 
ATOM   476  C CG2 . ILE A 1 77  ? -15.668 -2.354  10.534  1.00 77.27  ? 88  ILE A CG2 1 
ATOM   477  C CD1 . ILE A 1 77  ? -13.150 -3.101  12.382  1.00 84.39  ? 88  ILE A CD1 1 
ATOM   478  N N   . GLY A 1 78  ? -15.862 -2.569  7.173   1.00 77.04  ? 89  GLY A N   1 
ATOM   479  C CA  . GLY A 1 78  ? -16.901 -2.177  6.202   1.00 77.31  ? 89  GLY A CA  1 
ATOM   480  C C   . GLY A 1 78  ? -16.318 -1.406  5.032   1.00 80.89  ? 89  GLY A C   1 
ATOM   481  O O   . GLY A 1 78  ? -17.036 -0.553  4.475   1.00 88.09  ? 89  GLY A O   1 
ATOM   482  N N   . SER A 1 79  ? -15.063 -1.692  4.672   1.00 85.12  ? 90  SER A N   1 
ATOM   483  C CA  . SER A 1 79  ? -14.322 -1.010  3.578   1.00 86.13  ? 90  SER A CA  1 
ATOM   484  C C   . SER A 1 79  ? -14.692 -1.622  2.219   1.00 89.82  ? 90  SER A C   1 
ATOM   485  O O   . SER A 1 79  ? -14.360 -0.997  1.197   1.00 91.01  ? 90  SER A O   1 
ATOM   486  C CB  . SER A 1 79  ? -12.828 -1.026  3.826   1.00 85.92  ? 90  SER A CB  1 
ATOM   487  O OG  . SER A 1 79  ? -12.306 -2.347  3.812   1.00 79.18  ? 90  SER A OG  1 
ATOM   488  N N   . LYS A 1 80  ? -15.381 -2.771  2.198   1.00 94.35  ? 91  LYS A N   1 
ATOM   489  C CA  . LYS A 1 80  ? -15.884 -3.418  0.953   1.00 98.16  ? 91  LYS A CA  1 
ATOM   490  C C   . LYS A 1 80  ? -16.742 -2.421  0.165   1.00 94.09  ? 91  LYS A C   1 
ATOM   491  O O   . LYS A 1 80  ? -16.804 -2.552  -1.062  1.00 88.69  ? 91  LYS A O   1 
ATOM   492  C CB  . LYS A 1 80  ? -16.652 -4.703  1.282   1.00 106.41 ? 91  LYS A CB  1 
ATOM   493  C CG  . LYS A 1 80  ? -15.754 -5.848  1.731   1.00 116.61 ? 91  LYS A CG  1 
ATOM   494  C CD  . LYS A 1 80  ? -16.433 -7.183  1.955   1.00 117.61 ? 91  LYS A CD  1 
ATOM   495  C CE  . LYS A 1 80  ? -15.435 -8.249  2.371   1.00 119.17 ? 91  LYS A CE  1 
ATOM   496  N NZ  . LYS A 1 80  ? -16.097 -9.509  2.772   1.00 121.77 ? 91  LYS A NZ  1 
ATOM   497  N N   . ASN A 1 81  ? -17.344 -1.445  0.851   1.00 97.27  ? 92  ASN A N   1 
ATOM   498  C CA  . ASN A 1 81  ? -18.277 -0.445  0.269   1.00 101.83 ? 92  ASN A CA  1 
ATOM   499  C C   . ASN A 1 81  ? -17.523 0.608   -0.556  1.00 100.18 ? 92  ASN A C   1 
ATOM   500  O O   . ASN A 1 81  ? -18.111 1.072   -1.552  1.00 103.83 ? 92  ASN A O   1 
ATOM   501  C CB  . ASN A 1 81  ? -19.111 0.238   1.357   1.00 108.78 ? 92  ASN A CB  1 
ATOM   502  C CG  . ASN A 1 81  ? -19.929 -0.744  2.170   1.00 109.74 ? 92  ASN A CG  1 
ATOM   503  O OD1 . ASN A 1 81  ? -20.543 -1.653  1.616   1.00 111.10 ? 92  ASN A OD1 1 
ATOM   504  N ND2 . ASN A 1 81  ? -19.937 -0.576  3.483   1.00 106.95 ? 92  ASN A ND2 1 
ATOM   505  N N   . TRP A 1 82  ? -16.301 0.994   -0.162  1.00 90.05  ? 93  TRP A N   1 
ATOM   506  C CA  . TRP A 1 82  ? -15.616 2.211   -0.689  1.00 84.84  ? 93  TRP A CA  1 
ATOM   507  C C   . TRP A 1 82  ? -14.117 2.002   -0.969  1.00 80.33  ? 93  TRP A C   1 
ATOM   508  O O   . TRP A 1 82  ? -13.506 2.958   -1.461  1.00 82.31  ? 93  TRP A O   1 
ATOM   509  C CB  . TRP A 1 82  ? -15.832 3.373   0.283   1.00 86.18  ? 93  TRP A CB  1 
ATOM   510  C CG  . TRP A 1 82  ? -15.523 3.003   1.698   1.00 89.38  ? 93  TRP A CG  1 
ATOM   511  C CD1 . TRP A 1 82  ? -16.401 2.570   2.650   1.00 91.61  ? 93  TRP A CD1 1 
ATOM   512  C CD2 . TRP A 1 82  ? -14.222 2.991   2.310   1.00 90.66  ? 93  TRP A CD2 1 
ATOM   513  N NE1 . TRP A 1 82  ? -15.738 2.307   3.819   1.00 93.96  ? 93  TRP A NE1 1 
ATOM   514  C CE2 . TRP A 1 82  ? -14.402 2.558   3.642   1.00 93.38  ? 93  TRP A CE2 1 
ATOM   515  C CE3 . TRP A 1 82  ? -12.933 3.318   1.869   1.00 88.23  ? 93  TRP A CE3 1 
ATOM   516  C CZ2 . TRP A 1 82  ? -13.334 2.445   4.531   1.00 91.14  ? 93  TRP A CZ2 1 
ATOM   517  C CZ3 . TRP A 1 82  ? -11.880 3.205   2.749   1.00 86.39  ? 93  TRP A CZ3 1 
ATOM   518  C CH2 . TRP A 1 82  ? -12.080 2.772   4.060   1.00 87.59  ? 93  TRP A CH2 1 
ATOM   519  N N   . LEU A 1 83  ? -13.547 0.825   -0.682  1.00 76.82  ? 94  LEU A N   1 
ATOM   520  C CA  . LEU A 1 83  ? -12.106 0.503   -0.900  1.00 75.35  ? 94  LEU A CA  1 
ATOM   521  C C   . LEU A 1 83  ? -11.953 -0.623  -1.926  1.00 67.73  ? 94  LEU A C   1 
ATOM   522  O O   . LEU A 1 83  ? -12.553 -1.695  -1.730  1.00 65.80  ? 94  LEU A O   1 
ATOM   523  C CB  . LEU A 1 83  ? -11.455 0.085   0.425   1.00 77.65  ? 94  LEU A CB  1 
ATOM   524  C CG  . LEU A 1 83  ? -9.982  -0.325  0.331   1.00 75.93  ? 94  LEU A CG  1 
ATOM   525  C CD1 . LEU A 1 83  ? -9.093  0.883   0.079   1.00 73.17  ? 94  LEU A CD1 1 
ATOM   526  C CD2 . LEU A 1 83  ? -9.537  -1.053  1.588   1.00 75.74  ? 94  LEU A CD2 1 
ATOM   527  N N   . LYS A 1 84  ? -11.133 -0.381  -2.951  1.00 70.31  ? 95  LYS A N   1 
ATOM   528  C CA  . LYS A 1 84  ? -10.619 -1.384  -3.919  1.00 70.20  ? 95  LYS A CA  1 
ATOM   529  C C   . LYS A 1 84  ? -9.106  -1.531  -3.709  1.00 64.18  ? 95  LYS A C   1 
ATOM   530  O O   . LYS A 1 84  ? -8.416  -0.501  -3.542  1.00 66.09  ? 95  LYS A O   1 
ATOM   531  C CB  . LYS A 1 84  ? -10.859 -0.940  -5.369  1.00 83.23  ? 95  LYS A CB  1 
ATOM   532  C CG  . LYS A 1 84  ? -12.308 -0.744  -5.803  1.00 95.21  ? 95  LYS A CG  1 
ATOM   533  C CD  . LYS A 1 84  ? -12.444 -0.385  -7.286  1.00 108.58 ? 95  LYS A CD  1 
ATOM   534  C CE  . LYS A 1 84  ? -13.871 -0.125  -7.741  1.00 115.61 ? 95  LYS A CE  1 
ATOM   535  N NZ  . LYS A 1 84  ? -14.733 -1.328  -7.615  1.00 117.89 ? 95  LYS A NZ  1 
ATOM   536  N N   . ILE A 1 85  ? -8.612  -2.761  -3.735  1.00 62.52  ? 96  ILE A N   1 
ATOM   537  C CA  . ILE A 1 85  ? -7.163  -3.093  -3.732  1.00 63.93  ? 96  ILE A CA  1 
ATOM   538  C C   . ILE A 1 85  ? -6.915  -4.020  -4.921  1.00 62.09  ? 96  ILE A C   1 
ATOM   539  O O   . ILE A 1 85  ? -7.759  -4.879  -5.155  1.00 57.29  ? 96  ILE A O   1 
ATOM   540  C CB  . ILE A 1 85  ? -6.733  -3.756  -2.406  1.00 65.26  ? 96  ILE A CB  1 
ATOM   541  C CG1 . ILE A 1 85  ? -7.136  -2.935  -1.180  1.00 68.45  ? 96  ILE A CG1 1 
ATOM   542  C CG2 . ILE A 1 85  ? -5.237  -4.031  -2.429  1.00 64.34  ? 96  ILE A CG2 1 
ATOM   543  C CD1 . ILE A 1 85  ? -6.739  -3.584  0.132   1.00 66.78  ? 96  ILE A CD1 1 
ATOM   544  N N   . VAL A 1 86  ? -5.786  -3.853  -5.614  1.00 60.81  ? 97  VAL A N   1 
ATOM   545  C CA  . VAL A 1 86  ? -5.298  -4.782  -6.673  1.00 60.59  ? 97  VAL A CA  1 
ATOM   546  C C   . VAL A 1 86  ? -3.823  -5.072  -6.392  1.00 57.61  ? 97  VAL A C   1 
ATOM   547  O O   . VAL A 1 86  ? -3.088  -4.116  -6.132  1.00 59.27  ? 97  VAL A O   1 
ATOM   548  C CB  . VAL A 1 86  ? -5.499  -4.190  -8.085  1.00 68.59  ? 97  VAL A CB  1 
ATOM   549  C CG1 . VAL A 1 86  ? -4.778  -4.999  -9.155  1.00 69.38  ? 97  VAL A CG1 1 
ATOM   550  C CG2 . VAL A 1 86  ? -6.976  -4.061  -8.441  1.00 71.12  ? 97  VAL A CG2 1 
ATOM   551  N N   . ARG A 1 87  ? -3.425  -6.345  -6.415  1.00 56.50  ? 98  ARG A N   1 
ATOM   552  C CA  . ARG A 1 87  ? -2.002  -6.755  -6.321  1.00 57.71  ? 98  ARG A CA  1 
ATOM   553  C C   . ARG A 1 87  ? -1.453  -7.051  -7.720  1.00 61.22  ? 98  ARG A C   1 
ATOM   554  O O   . ARG A 1 87  ? -2.146  -7.734  -8.499  1.00 64.83  ? 98  ARG A O   1 
ATOM   555  C CB  . ARG A 1 87  ? -1.822  -7.989  -5.434  1.00 52.77  ? 98  ARG A CB  1 
ATOM   556  C CG  . ARG A 1 87  ? -0.357  -8.336  -5.220  1.00 55.68  ? 98  ARG A CG  1 
ATOM   557  C CD  . ARG A 1 87  ? -0.169  -9.643  -4.494  1.00 57.82  ? 98  ARG A CD  1 
ATOM   558  N NE  . ARG A 1 87  ? -0.567  -10.788 -5.300  1.00 58.69  ? 98  ARG A NE  1 
ATOM   559  C CZ  . ARG A 1 87  ? 0.187   -11.369 -6.236  1.00 58.31  ? 98  ARG A CZ  1 
ATOM   560  N NH1 . ARG A 1 87  ? 1.393   -10.913 -6.518  1.00 55.15  ? 98  ARG A NH1 1 
ATOM   561  N NH2 . ARG A 1 87  ? -0.273  -12.416 -6.895  1.00 62.81  ? 98  ARG A NH2 1 
ATOM   562  N N   . ARG A 1 88  ? -0.247  -6.554  -7.998  1.00 63.07  ? 99  ARG A N   1 
ATOM   563  C CA  . ARG A 1 88  ? 0.618   -6.970  -9.128  1.00 65.15  ? 99  ARG A CA  1 
ATOM   564  C C   . ARG A 1 88  ? 2.002   -7.293  -8.558  1.00 63.62  ? 99  ARG A C   1 
ATOM   565  O O   . ARG A 1 88  ? 2.692   -6.360  -8.119  1.00 68.00  ? 99  ARG A O   1 
ATOM   566  C CB  . ARG A 1 88  ? 0.656   -5.859  -10.181 1.00 76.93  ? 99  ARG A CB  1 
ATOM   567  C CG  . ARG A 1 88  ? -0.090  -6.194  -11.465 1.00 86.37  ? 99  ARG A CG  1 
ATOM   568  C CD  . ARG A 1 88  ? -0.974  -5.078  -12.005 1.00 92.89  ? 99  ARG A CD  1 
ATOM   569  N NE  . ARG A 1 88  ? -0.413  -4.199  -13.027 1.00 103.16 ? 99  ARG A NE  1 
ATOM   570  C CZ  . ARG A 1 88  ? 0.071   -4.580  -14.211 1.00 104.08 ? 99  ARG A CZ  1 
ATOM   571  N NH1 . ARG A 1 88  ? 0.523   -3.665  -15.051 1.00 110.03 ? 99  ARG A NH1 1 
ATOM   572  N NH2 . ARG A 1 88  ? 0.136   -5.859  -14.544 1.00 106.54 ? 99  ARG A NH2 1 
ATOM   573  N N   . MET A 1 89  ? 2.369   -8.571  -8.519  1.00 63.30  ? 100 MET A N   1 
ATOM   574  C CA  . MET A 1 89  ? 3.663   -9.037  -7.968  1.00 66.56  ? 100 MET A CA  1 
ATOM   575  C C   . MET A 1 89  ? 3.840   -8.456  -6.550  1.00 65.34  ? 100 MET A C   1 
ATOM   576  O O   . MET A 1 89  ? 3.076   -8.844  -5.660  1.00 60.09  ? 100 MET A O   1 
ATOM   577  C CB  . MET A 1 89  ? 4.816   -8.613  -8.888  1.00 77.79  ? 100 MET A CB  1 
ATOM   578  C CG  . MET A 1 89  ? 4.857   -9.364  -10.217 1.00 86.65  ? 100 MET A CG  1 
ATOM   579  S SD  . MET A 1 89  ? 5.970   -8.571  -11.436 1.00 100.14 ? 100 MET A SD  1 
ATOM   580  C CE  . MET A 1 89  ? 7.560   -8.658  -10.607 1.00 101.14 ? 100 MET A CE  1 
ATOM   581  N N   . ASP A 1 90  ? 4.788   -7.539  -6.333  1.00 59.77  ? 101 ASP A N   1 
ATOM   582  C CA  . ASP A 1 90  ? 5.167   -7.077  -4.972  1.00 57.25  ? 101 ASP A CA  1 
ATOM   583  C C   . ASP A 1 90  ? 4.584   -5.678  -4.724  1.00 58.23  ? 101 ASP A C   1 
ATOM   584  O O   . ASP A 1 90  ? 5.020   -5.024  -3.752  1.00 51.44  ? 101 ASP A O   1 
ATOM   585  C CB  . ASP A 1 90  ? 6.681   -7.137  -4.792  1.00 60.83  ? 101 ASP A CB  1 
ATOM   586  C CG  . ASP A 1 90  ? 7.458   -6.323  -5.809  1.00 56.21  ? 101 ASP A CG  1 
ATOM   587  O OD1 . ASP A 1 90  ? 8.666   -6.209  -5.631  1.00 64.35  ? 101 ASP A OD1 1 
ATOM   588  O OD2 . ASP A 1 90  ? 6.844   -5.814  -6.766  1.00 61.56  ? 101 ASP A OD2 1 
ATOM   589  N N   . CYS A 1 91  ? 3.612   -5.256  -5.545  1.00 56.78  ? 102 CYS A N   1 
ATOM   590  C CA  . CYS A 1 91  ? 2.959   -3.930  -5.473  1.00 56.83  ? 102 CYS A CA  1 
ATOM   591  C C   . CYS A 1 91  ? 1.481   -4.094  -5.168  1.00 52.58  ? 102 CYS A C   1 
ATOM   592  O O   . CYS A 1 91  ? 0.917   -5.126  -5.521  1.00 55.50  ? 102 CYS A O   1 
ATOM   593  C CB  . CYS A 1 91  ? 3.099   -3.129  -6.761  1.00 57.37  ? 102 CYS A CB  1 
ATOM   594  S SG  . CYS A 1 91  ? 4.823   -2.794  -7.187  1.00 63.92  ? 102 CYS A SG  1 
ATOM   595  N N   . LEU A 1 92  ? 0.904   -3.089  -4.513  1.00 51.68  ? 103 LEU A N   1 
ATOM   596  C CA  . LEU A 1 92  ? -0.554  -2.973  -4.290  1.00 50.92  ? 103 LEU A CA  1 
ATOM   597  C C   . LEU A 1 92  ? -0.971  -1.579  -4.744  1.00 51.53  ? 103 LEU A C   1 
ATOM   598  O O   . LEU A 1 92  ? -0.189  -0.644  -4.535  1.00 57.00  ? 103 LEU A O   1 
ATOM   599  C CB  . LEU A 1 92  ? -0.886  -3.197  -2.812  1.00 50.50  ? 103 LEU A CB  1 
ATOM   600  C CG  . LEU A 1 92  ? -0.633  -4.597  -2.262  1.00 53.71  ? 103 LEU A CG  1 
ATOM   601  C CD1 . LEU A 1 92  ? -0.782  -4.615  -0.747  1.00 54.54  ? 103 LEU A CD1 1 
ATOM   602  C CD2 . LEU A 1 92  ? -1.587  -5.611  -2.880  1.00 54.59  ? 103 LEU A CD2 1 
ATOM   603  N N   . LEU A 1 93  ? -2.126  -1.477  -5.399  1.00 57.38  ? 104 LEU A N   1 
ATOM   604  C CA  . LEU A 1 93  ? -2.799  -0.185  -5.680  1.00 58.34  ? 104 LEU A CA  1 
ATOM   605  C C   . LEU A 1 93  ? -4.052  -0.135  -4.818  1.00 54.89  ? 104 LEU A C   1 
ATOM   606  O O   . LEU A 1 93  ? -4.805  -1.113  -4.835  1.00 61.23  ? 104 LEU A O   1 
ATOM   607  C CB  . LEU A 1 93  ? -3.139  -0.098  -7.170  1.00 61.05  ? 104 LEU A CB  1 
ATOM   608  C CG  . LEU A 1 93  ? -3.718  1.233   -7.649  1.00 64.15  ? 104 LEU A CG  1 
ATOM   609  C CD1 . LEU A 1 93  ? -2.654  2.323   -7.663  1.00 67.97  ? 104 LEU A CD1 1 
ATOM   610  C CD2 . LEU A 1 93  ? -4.330  1.090   -9.030  1.00 68.88  ? 104 LEU A CD2 1 
ATOM   611  N N   . PHE A 1 94  ? -4.241  0.956   -4.079  1.00 60.13  ? 105 PHE A N   1 
ATOM   612  C CA  . PHE A 1 94  ? -5.419  1.199   -3.211  1.00 60.60  ? 105 PHE A CA  1 
ATOM   613  C C   . PHE A 1 94  ? -6.216  2.372   -3.781  1.00 64.37  ? 105 PHE A C   1 
ATOM   614  O O   . PHE A 1 94  ? -5.591  3.419   -4.048  1.00 63.27  ? 105 PHE A O   1 
ATOM   615  C CB  . PHE A 1 94  ? -5.002  1.562   -1.782  1.00 57.08  ? 105 PHE A CB  1 
ATOM   616  C CG  . PHE A 1 94  ? -4.242  0.506   -1.019  1.00 52.03  ? 105 PHE A CG  1 
ATOM   617  C CD1 . PHE A 1 94  ? -4.834  -0.173  0.033   1.00 55.04  ? 105 PHE A CD1 1 
ATOM   618  C CD2 . PHE A 1 94  ? -2.925  0.221   -1.328  1.00 53.82  ? 105 PHE A CD2 1 
ATOM   619  C CE1 . PHE A 1 94  ? -4.130  -1.133  0.739   1.00 50.85  ? 105 PHE A CE1 1 
ATOM   620  C CE2 . PHE A 1 94  ? -2.222  -0.737  -0.620  1.00 55.70  ? 105 PHE A CE2 1 
ATOM   621  C CZ  . PHE A 1 94  ? -2.827  -1.406  0.415   1.00 55.30  ? 105 PHE A CZ  1 
ATOM   622  N N   . GLY A 1 95  ? -7.534  2.196   -3.930  1.00 64.14  ? 106 GLY A N   1 
ATOM   623  C CA  . GLY A 1 95  ? -8.484  3.251   -4.333  1.00 68.39  ? 106 GLY A CA  1 
ATOM   624  C C   . GLY A 1 95  ? -9.627  3.368   -3.341  1.00 70.86  ? 106 GLY A C   1 
ATOM   625  O O   . GLY A 1 95  ? -10.306 2.344   -3.107  1.00 75.61  ? 106 GLY A O   1 
ATOM   626  N N   . THR A 1 96  ? -9.810  4.550   -2.749  1.00 80.23  ? 107 THR A N   1 
ATOM   627  C CA  . THR A 1 96  ? -10.946 4.886   -1.846  1.00 88.46  ? 107 THR A CA  1 
ATOM   628  C C   . THR A 1 96  ? -11.848 5.902   -2.563  1.00 103.23 ? 107 THR A C   1 
ATOM   629  O O   . THR A 1 96  ? -11.297 6.801   -3.238  1.00 95.08  ? 107 THR A O   1 
ATOM   630  C CB  . THR A 1 96  ? -10.466 5.410   -0.482  1.00 86.46  ? 107 THR A CB  1 
ATOM   631  O OG1 . THR A 1 96  ? -9.906  6.712   -0.643  1.00 95.25  ? 107 THR A OG1 1 
ATOM   632  C CG2 . THR A 1 96  ? -9.436  4.524   0.183   1.00 89.82  ? 107 THR A CG2 1 
ATOM   633  N N   . THR A 1 97  ? -13.174 5.757   -2.444  1.00 110.69 ? 108 THR A N   1 
ATOM   634  C CA  . THR A 1 97  ? -14.168 6.743   -2.958  1.00 111.08 ? 108 THR A CA  1 
ATOM   635  C C   . THR A 1 97  ? -14.940 7.307   -1.753  1.00 101.29 ? 108 THR A C   1 
ATOM   636  O O   . THR A 1 97  ? -16.025 6.751   -1.464  1.00 101.34 ? 108 THR A O   1 
ATOM   637  C CB  . THR A 1 97  ? -15.010 6.128   -4.091  1.00 112.41 ? 108 THR A CB  1 
ATOM   638  O OG1 . THR A 1 97  ? -15.731 5.013   -3.568  1.00 122.76 ? 108 THR A OG1 1 
ATOM   639  C CG2 . THR A 1 97  ? -14.179 5.670   -5.274  1.00 107.97 ? 108 THR A CG2 1 
ATOM   640  N N   . SER A 1 102 ? -12.735 10.889  -3.602  1.00 105.72 ? 113 SER A N   1 
ATOM   641  C CA  . SER A 1 102 ? -11.877 9.825   -4.191  1.00 104.63 ? 113 SER A CA  1 
ATOM   642  C C   . SER A 1 102 ? -10.401 10.062  -3.846  1.00 101.05 ? 113 SER A C   1 
ATOM   643  O O   . SER A 1 102 ? -9.966  11.228  -3.819  1.00 103.32 ? 113 SER A O   1 
ATOM   644  C CB  . SER A 1 102 ? -12.074 9.712   -5.684  1.00 105.84 ? 113 SER A CB  1 
ATOM   645  O OG  . SER A 1 102 ? -13.141 8.828   -5.988  1.00 105.93 ? 113 SER A OG  1 
ATOM   646  N N   . ARG A 1 103 ? -9.661  8.975   -3.610  1.00 101.72 ? 114 ARG A N   1 
ATOM   647  C CA  . ARG A 1 103 ? -8.207  8.991   -3.299  1.00 94.21  ? 114 ARG A CA  1 
ATOM   648  C C   . ARG A 1 103 ? -7.565  7.700   -3.833  1.00 83.98  ? 114 ARG A C   1 
ATOM   649  O O   . ARG A 1 103 ? -8.263  6.677   -3.929  1.00 73.95  ? 114 ARG A O   1 
ATOM   650  C CB  . ARG A 1 103 ? -8.017  9.184   -1.792  1.00 92.37  ? 114 ARG A CB  1 
ATOM   651  C CG  . ARG A 1 103 ? -6.566  9.296   -1.366  1.00 108.44 ? 114 ARG A CG  1 
ATOM   652  C CD  . ARG A 1 103 ? -6.470  9.692   0.085   1.00 113.51 ? 114 ARG A CD  1 
ATOM   653  N NE  . ARG A 1 103 ? -5.080  9.842   0.469   1.00 125.09 ? 114 ARG A NE  1 
ATOM   654  C CZ  . ARG A 1 103 ? -4.670  10.390  1.605   1.00 131.87 ? 114 ARG A CZ  1 
ATOM   655  N NH1 . ARG A 1 103 ? -5.543  10.844  2.490   1.00 134.01 ? 114 ARG A NH1 1 
ATOM   656  N NH2 . ARG A 1 103 ? -3.378  10.467  1.856   1.00 132.39 ? 114 ARG A NH2 1 
ATOM   657  N N   . MET A 1 104 ? -6.283  7.752   -4.196  1.00 72.62  ? 115 MET A N   1 
ATOM   658  C CA  . MET A 1 104 ? -5.557  6.600   -4.778  1.00 68.99  ? 115 MET A CA  1 
ATOM   659  C C   . MET A 1 104 ? -4.090  6.657   -4.343  1.00 64.00  ? 115 MET A C   1 
ATOM   660  O O   . MET A 1 104 ? -3.550  7.766   -4.226  1.00 58.10  ? 115 MET A O   1 
ATOM   661  C CB  . MET A 1 104 ? -5.655  6.638   -6.304  1.00 76.64  ? 115 MET A CB  1 
ATOM   662  C CG  . MET A 1 104 ? -5.379  5.306   -6.972  1.00 83.53  ? 115 MET A CG  1 
ATOM   663  S SD  . MET A 1 104 ? -6.070  5.209   -8.651  1.00 88.11  ? 115 MET A SD  1 
ATOM   664  C CE  . MET A 1 104 ? -5.441  6.733   -9.351  1.00 90.87  ? 115 MET A CE  1 
ATOM   665  N N   . PHE A 1 105 ? -3.476  5.501   -4.094  1.00 56.55  ? 116 PHE A N   1 
ATOM   666  C CA  . PHE A 1 105 ? -2.039  5.402   -3.737  1.00 61.17  ? 116 PHE A CA  1 
ATOM   667  C C   . PHE A 1 105 ? -1.543  3.990   -4.052  1.00 52.32  ? 116 PHE A C   1 
ATOM   668  O O   . PHE A 1 105 ? -2.337  3.050   -4.077  1.00 55.38  ? 116 PHE A O   1 
ATOM   669  C CB  . PHE A 1 105 ? -1.812  5.821   -2.279  1.00 56.72  ? 116 PHE A CB  1 
ATOM   670  C CG  . PHE A 1 105 ? -2.385  4.896   -1.236  1.00 58.56  ? 116 PHE A CG  1 
ATOM   671  C CD1 . PHE A 1 105 ? -1.656  3.812   -0.771  1.00 57.18  ? 116 PHE A CD1 1 
ATOM   672  C CD2 . PHE A 1 105 ? -3.635  5.130   -0.688  1.00 61.51  ? 116 PHE A CD2 1 
ATOM   673  C CE1 . PHE A 1 105 ? -2.169  2.980   0.214   1.00 58.63  ? 116 PHE A CE1 1 
ATOM   674  C CE2 . PHE A 1 105 ? -4.156  4.284   0.281   1.00 62.74  ? 116 PHE A CE2 1 
ATOM   675  C CZ  . PHE A 1 105 ? -3.422  3.211   0.732   1.00 59.45  ? 116 PHE A CZ  1 
ATOM   676  N N   . ARG A 1 106 ? -0.247  3.847   -4.298  1.00 54.91  ? 117 ARG A N   1 
ATOM   677  C CA  . ARG A 1 106 ? 0.347   2.514   -4.569  1.00 54.68  ? 117 ARG A CA  1 
ATOM   678  C C   . ARG A 1 106 ? 1.548   2.312   -3.655  1.00 55.52  ? 117 ARG A C   1 
ATOM   679  O O   . ARG A 1 106 ? 2.108   3.294   -3.152  1.00 54.53  ? 117 ARG A O   1 
ATOM   680  C CB  . ARG A 1 106 ? 0.711   2.355   -6.047  1.00 62.20  ? 117 ARG A CB  1 
ATOM   681  C CG  . ARG A 1 106 ? 1.663   3.397   -6.610  1.00 66.53  ? 117 ARG A CG  1 
ATOM   682  C CD  . ARG A 1 106 ? 1.692   3.234   -8.118  1.00 75.13  ? 117 ARG A CD  1 
ATOM   683  N NE  . ARG A 1 106 ? 2.799   3.913   -8.772  1.00 80.74  ? 117 ARG A NE  1 
ATOM   684  C CZ  . ARG A 1 106 ? 2.961   3.991   -10.088 1.00 86.03  ? 117 ARG A CZ  1 
ATOM   685  N NH1 . ARG A 1 106 ? 2.074   3.436   -10.902 1.00 87.79  ? 117 ARG A NH1 1 
ATOM   686  N NH2 . ARG A 1 106 ? 4.004   4.633   -10.585 1.00 87.48  ? 117 ARG A NH2 1 
ATOM   687  N N   . VAL A 1 107 ? 1.920   1.053   -3.476  1.00 56.01  ? 118 VAL A N   1 
ATOM   688  C CA  . VAL A 1 107 ? 2.896   0.608   -2.452  1.00 52.85  ? 118 VAL A CA  1 
ATOM   689  C C   . VAL A 1 107 ? 3.710   -0.525  -3.085  1.00 54.82  ? 118 VAL A C   1 
ATOM   690  O O   . VAL A 1 107 ? 3.130   -1.298  -3.846  1.00 58.21  ? 118 VAL A O   1 
ATOM   691  C CB  . VAL A 1 107 ? 2.091   0.206   -1.205  1.00 62.05  ? 118 VAL A CB  1 
ATOM   692  C CG1 . VAL A 1 107 ? 2.467   -1.151  -0.645  1.00 69.08  ? 118 VAL A CG1 1 
ATOM   693  C CG2 . VAL A 1 107 ? 2.130   1.294   -0.141  1.00 59.14  ? 118 VAL A CG2 1 
ATOM   694  N N   . GLN A 1 108 ? 5.014   -0.577  -2.830  1.00 50.98  ? 119 GLN A N   1 
ATOM   695  C CA  . GLN A 1 108 ? 5.878   -1.718  -3.196  1.00 52.17  ? 119 GLN A CA  1 
ATOM   696  C C   . GLN A 1 108 ? 6.583   -2.187  -1.924  1.00 51.75  ? 119 GLN A C   1 
ATOM   697  O O   . GLN A 1 108 ? 7.160   -1.346  -1.235  1.00 57.04  ? 119 GLN A O   1 
ATOM   698  C CB  . GLN A 1 108 ? 6.846   -1.294  -4.299  1.00 59.95  ? 119 GLN A CB  1 
ATOM   699  C CG  . GLN A 1 108 ? 7.795   -2.404  -4.728  1.00 65.68  ? 119 GLN A CG  1 
ATOM   700  C CD  . GLN A 1 108 ? 8.402   -2.130  -6.084  1.00 71.09  ? 119 GLN A CD  1 
ATOM   701  O OE1 . GLN A 1 108 ? 8.903   -1.042  -6.352  1.00 72.39  ? 119 GLN A OE1 1 
ATOM   702  N NE2 . GLN A 1 108 ? 8.349   -3.119  -6.961  1.00 77.71  ? 119 GLN A NE2 1 
ATOM   703  N N   . PHE A 1 109 ? 6.504   -3.476  -1.612  1.00 53.39  ? 120 PHE A N   1 
ATOM   704  C CA  . PHE A 1 109 ? 7.150   -4.083  -0.423  1.00 53.40  ? 120 PHE A CA  1 
ATOM   705  C C   . PHE A 1 109 ? 8.649   -4.191  -0.693  1.00 55.40  ? 120 PHE A C   1 
ATOM   706  O O   . PHE A 1 109 ? 9.034   -4.309  -1.860  1.00 62.48  ? 120 PHE A O   1 
ATOM   707  C CB  . PHE A 1 109 ? 6.494   -5.420  -0.086  1.00 49.31  ? 120 PHE A CB  1 
ATOM   708  C CG  . PHE A 1 109 ? 5.083   -5.244  0.405   1.00 51.94  ? 120 PHE A CG  1 
ATOM   709  C CD1 . PHE A 1 109 ? 4.796   -5.266  1.762   1.00 48.65  ? 120 PHE A CD1 1 
ATOM   710  C CD2 . PHE A 1 109 ? 4.051   -4.990  -0.489  1.00 51.97  ? 120 PHE A CD2 1 
ATOM   711  C CE1 . PHE A 1 109 ? 3.503   -5.054  2.216   1.00 47.75  ? 120 PHE A CE1 1 
ATOM   712  C CE2 . PHE A 1 109 ? 2.761   -4.783  -0.032  1.00 52.77  ? 120 PHE A CE2 1 
ATOM   713  C CZ  . PHE A 1 109 ? 2.492   -4.805  1.317   1.00 50.38  ? 120 PHE A CZ  1 
ATOM   714  N N   . SER A 1 110 ? 9.466   -4.123  0.358   1.00 59.53  ? 121 SER A N   1 
ATOM   715  C CA  . SER A 1 110 ? 10.947  -4.203  0.258   1.00 65.27  ? 121 SER A CA  1 
ATOM   716  C C   . SER A 1 110 ? 11.391  -5.648  0.491   1.00 63.96  ? 121 SER A C   1 
ATOM   717  O O   . SER A 1 110 ? 10.587  -6.453  0.991   1.00 63.66  ? 121 SER A O   1 
ATOM   718  C CB  . SER A 1 110 ? 11.610  -3.244  1.217   1.00 65.27  ? 121 SER A CB  1 
ATOM   719  O OG  . SER A 1 110 ? 11.306  -3.610  2.542   1.00 67.55  ? 121 SER A OG  1 
ATOM   720  N N   . GLY A 1 111 ? 12.612  -5.964  0.073   1.00 69.43  ? 122 GLY A N   1 
ATOM   721  C CA  . GLY A 1 111 ? 13.298  -7.235  0.359   1.00 73.97  ? 122 GLY A CA  1 
ATOM   722  C C   . GLY A 1 111 ? 14.618  -7.316  -0.380  1.00 75.97  ? 122 GLY A C   1 
ATOM   723  O O   . GLY A 1 111 ? 14.763  -6.627  -1.403  1.00 68.65  ? 122 GLY A O   1 
ATOM   724  N N   . GLU A 1 112 ? 15.541  -8.140  0.110   1.00 88.98  ? 123 GLU A N   1 
ATOM   725  C CA  . GLU A 1 112 ? 16.875  -8.350  -0.505  1.00 94.93  ? 123 GLU A CA  1 
ATOM   726  C C   . GLU A 1 112 ? 16.690  -8.905  -1.922  1.00 93.61  ? 123 GLU A C   1 
ATOM   727  O O   . GLU A 1 112 ? 17.461  -8.502  -2.805  1.00 98.59  ? 123 GLU A O   1 
ATOM   728  C CB  . GLU A 1 112 ? 17.710  -9.267  0.390   1.00 104.54 ? 123 GLU A CB  1 
ATOM   729  C CG  . GLU A 1 112 ? 18.072  -8.625  1.721   1.00 112.72 ? 123 GLU A CG  1 
ATOM   730  C CD  . GLU A 1 112 ? 18.199  -9.590  2.888   1.00 121.17 ? 123 GLU A CD  1 
ATOM   731  O OE1 . GLU A 1 112 ? 17.238  -10.353 3.132   1.00 132.73 ? 123 GLU A OE1 1 
ATOM   732  O OE2 . GLU A 1 112 ? 19.255  -9.577  3.551   1.00 123.69 ? 123 GLU A OE2 1 
ATOM   733  N N   . SER A 1 113 ? 15.685  -9.763  -2.131  1.00 90.11  ? 124 SER A N   1 
ATOM   734  C CA  . SER A 1 113 ? 15.389  -10.435 -3.426  1.00 86.14  ? 124 SER A CA  1 
ATOM   735  C C   . SER A 1 113 ? 13.955  -10.141 -3.871  1.00 85.08  ? 124 SER A C   1 
ATOM   736  O O   . SER A 1 113 ? 13.125  -9.811  -3.009  1.00 83.91  ? 124 SER A O   1 
ATOM   737  C CB  . SER A 1 113 ? 15.606  -11.917 -3.306  1.00 81.13  ? 124 SER A CB  1 
ATOM   738  O OG  . SER A 1 113 ? 14.997  -12.411 -2.125  1.00 79.67  ? 124 SER A OG  1 
ATOM   739  N N   . LYS A 1 114 ? 13.682  -10.288 -5.170  1.00 88.70  ? 125 LYS A N   1 
ATOM   740  C CA  . LYS A 1 114 ? 12.314  -10.222 -5.759  1.00 90.03  ? 125 LYS A CA  1 
ATOM   741  C C   . LYS A 1 114 ? 11.366  -11.133 -4.971  1.00 76.25  ? 125 LYS A C   1 
ATOM   742  O O   . LYS A 1 114 ? 10.201  -10.733 -4.784  1.00 78.45  ? 125 LYS A O   1 
ATOM   743  C CB  . LYS A 1 114 ? 12.328  -10.627 -7.238  1.00 98.61  ? 125 LYS A CB  1 
ATOM   744  C CG  . LYS A 1 114 ? 11.992  -9.514  -8.223  1.00 107.07 ? 125 LYS A CG  1 
ATOM   745  C CD  . LYS A 1 114 ? 12.150  -9.918  -9.679  1.00 114.95 ? 125 LYS A CD  1 
ATOM   746  C CE  . LYS A 1 114 ? 11.641  -8.873  -10.652 1.00 119.71 ? 125 LYS A CE  1 
ATOM   747  N NZ  . LYS A 1 114 ? 12.426  -8.872  -11.910 1.00 120.82 ? 125 LYS A NZ  1 
ATOM   748  N N   . GLU A 1 115 ? 11.861  -12.300 -4.539  1.00 67.76  ? 126 GLU A N   1 
ATOM   749  C CA  . GLU A 1 115 ? 11.110  -13.372 -3.828  1.00 70.87  ? 126 GLU A CA  1 
ATOM   750  C C   . GLU A 1 115 ? 10.704  -12.889 -2.428  1.00 67.64  ? 126 GLU A C   1 
ATOM   751  O O   . GLU A 1 115 ? 9.527   -13.093 -2.049  1.00 70.93  ? 126 GLU A O   1 
ATOM   752  C CB  . GLU A 1 115 ? 11.966  -14.643 -3.757  1.00 70.97  ? 126 GLU A CB  1 
ATOM   753  C CG  . GLU A 1 115 ? 11.360  -15.777 -2.937  1.00 83.57  ? 126 GLU A CG  1 
ATOM   754  C CD  . GLU A 1 115 ? 12.339  -16.830 -2.421  1.00 92.59  ? 126 GLU A CD  1 
ATOM   755  O OE1 . GLU A 1 115 ? 13.556  -16.658 -2.624  1.00 101.82 ? 126 GLU A OE1 1 
ATOM   756  O OE2 . GLU A 1 115 ? 11.884  -17.827 -1.808  1.00 95.63  ? 126 GLU A OE2 1 
ATOM   757  N N   . GLU A 1 116 ? 11.646  -12.311 -1.674  1.00 70.81  ? 127 GLU A N   1 
ATOM   758  C CA  . GLU A 1 116 ? 11.407  -11.811 -0.293  1.00 66.42  ? 127 GLU A CA  1 
ATOM   759  C C   . GLU A 1 116 ? 10.394  -10.657 -0.359  1.00 56.03  ? 127 GLU A C   1 
ATOM   760  O O   . GLU A 1 116 ? 9.579   -10.576 0.546   1.00 55.58  ? 127 GLU A O   1 
ATOM   761  C CB  . GLU A 1 116 ? 12.709  -11.392 0.409   1.00 73.12  ? 127 GLU A CB  1 
ATOM   762  C CG  . GLU A 1 116 ? 12.530  -11.172 1.916   1.00 84.13  ? 127 GLU A CG  1 
ATOM   763  C CD  . GLU A 1 116 ? 13.623  -10.443 2.702   1.00 94.29  ? 127 GLU A CD  1 
ATOM   764  O OE1 . GLU A 1 116 ? 13.650  -10.611 3.945   1.00 95.94  ? 127 GLU A OE1 1 
ATOM   765  O OE2 . GLU A 1 116 ? 14.412  -9.667  2.099   1.00 87.00  ? 127 GLU A OE2 1 
ATOM   766  N N   . ALA A 1 117 ? 10.439  -9.804  -1.388  1.00 50.20  ? 128 ALA A N   1 
ATOM   767  C CA  . ALA A 1 117 ? 9.521   -8.654  -1.548  1.00 51.22  ? 128 ALA A CA  1 
ATOM   768  C C   . ALA A 1 117 ? 8.116   -9.194  -1.805  1.00 56.20  ? 128 ALA A C   1 
ATOM   769  O O   . ALA A 1 117 ? 7.143   -8.636  -1.252  1.00 62.30  ? 128 ALA A O   1 
ATOM   770  C CB  . ALA A 1 117 ? 9.975   -7.748  -2.676  1.00 53.05  ? 128 ALA A CB  1 
ATOM   771  N N   . LEU A 1 118 ? 8.023   -10.253 -2.618  1.00 55.84  ? 129 LEU A N   1 
ATOM   772  C CA  . LEU A 1 118 ? 6.737   -10.902 -2.960  1.00 55.03  ? 129 LEU A CA  1 
ATOM   773  C C   . LEU A 1 118 ? 6.203   -11.604 -1.711  1.00 52.44  ? 129 LEU A C   1 
ATOM   774  O O   . LEU A 1 118 ? 5.013   -11.458 -1.429  1.00 51.96  ? 129 LEU A O   1 
ATOM   775  C CB  . LEU A 1 118 ? 6.953   -11.874 -4.122  1.00 57.07  ? 129 LEU A CB  1 
ATOM   776  C CG  . LEU A 1 118 ? 5.711   -12.629 -4.584  1.00 59.40  ? 129 LEU A CG  1 
ATOM   777  C CD1 . LEU A 1 118 ? 4.620   -11.655 -4.997  1.00 60.50  ? 129 LEU A CD1 1 
ATOM   778  C CD2 . LEU A 1 118 ? 6.046   -13.593 -5.723  1.00 59.77  ? 129 LEU A CD2 1 
ATOM   779  N N   . GLU A 1 119 ? 7.075   -12.272 -0.954  1.00 54.40  ? 130 GLU A N   1 
ATOM   780  C CA  . GLU A 1 119 ? 6.704   -12.969 0.305   1.00 53.89  ? 130 GLU A CA  1 
ATOM   781  C C   . GLU A 1 119 ? 6.077   -11.958 1.268   1.00 60.84  ? 130 GLU A C   1 
ATOM   782  O O   . GLU A 1 119 ? 5.007   -12.249 1.832   1.00 61.73  ? 130 GLU A O   1 
ATOM   783  C CB  . GLU A 1 119 ? 7.941   -13.646 0.900   1.00 58.62  ? 130 GLU A CB  1 
ATOM   784  C CG  . GLU A 1 119 ? 7.687   -14.288 2.259   1.00 63.72  ? 130 GLU A CG  1 
ATOM   785  C CD  . GLU A 1 119 ? 6.534   -15.276 2.293   1.00 65.38  ? 130 GLU A CD  1 
ATOM   786  O OE1 . GLU A 1 119 ? 6.356   -15.986 1.285   1.00 69.05  ? 130 GLU A OE1 1 
ATOM   787  O OE2 . GLU A 1 119 ? 5.823   -15.348 3.324   1.00 61.33  ? 130 GLU A OE2 1 
ATOM   788  N N   . ARG A 1 120 ? 6.702   -10.787 1.399   1.00 60.43  ? 131 ARG A N   1 
ATOM   789  C CA  . ARG A 1 120 ? 6.213   -9.667  2.244   1.00 62.76  ? 131 ARG A CA  1 
ATOM   790  C C   . ARG A 1 120 ? 4.828   -9.229  1.770   1.00 52.19  ? 131 ARG A C   1 
ATOM   791  O O   . ARG A 1 120 ? 3.904   -9.204  2.602   1.00 53.65  ? 131 ARG A O   1 
ATOM   792  C CB  . ARG A 1 120 ? 7.171   -8.474  2.173   1.00 69.79  ? 131 ARG A CB  1 
ATOM   793  C CG  . ARG A 1 120 ? 8.350   -8.564  3.126   1.00 74.83  ? 131 ARG A CG  1 
ATOM   794  C CD  . ARG A 1 120 ? 8.815   -7.186  3.578   1.00 81.32  ? 131 ARG A CD  1 
ATOM   795  N NE  . ARG A 1 120 ? 9.845   -7.303  4.604   1.00 92.93  ? 131 ARG A NE  1 
ATOM   796  C CZ  . ARG A 1 120 ? 11.115  -7.645  4.388   1.00 86.55  ? 131 ARG A CZ  1 
ATOM   797  N NH1 . ARG A 1 120 ? 11.553  -7.886  3.166   1.00 90.84  ? 131 ARG A NH1 1 
ATOM   798  N NH2 . ARG A 1 120 ? 11.960  -7.717  5.401   1.00 90.59  ? 131 ARG A NH2 1 
ATOM   799  N N   . CYS A 1 121 ? 4.705   -8.870  0.488   1.00 56.01  ? 132 CYS A N   1 
ATOM   800  C CA  . CYS A 1 121 ? 3.417   -8.479  -0.157  1.00 57.63  ? 132 CYS A CA  1 
ATOM   801  C C   . CYS A 1 121 ? 2.330   -9.510  0.146   1.00 58.34  ? 132 CYS A C   1 
ATOM   802  O O   . CYS A 1 121 ? 1.228   -9.118  0.576   1.00 55.44  ? 132 CYS A O   1 
ATOM   803  C CB  . CYS A 1 121 ? 3.527   -8.382  -1.672  1.00 59.10  ? 132 CYS A CB  1 
ATOM   804  S SG  . CYS A 1 121 ? 2.064   -7.614  -2.413  1.00 58.45  ? 132 CYS A SG  1 
ATOM   805  N N   . CYS A 1 122 ? 2.638   -10.789 -0.053  1.00 55.99  ? 133 CYS A N   1 
ATOM   806  C CA  . CYS A 1 122 ? 1.642   -11.879 0.064   1.00 55.94  ? 133 CYS A CA  1 
ATOM   807  C C   . CYS A 1 122 ? 1.156   -11.975 1.512   1.00 52.82  ? 133 CYS A C   1 
ATOM   808  O O   . CYS A 1 122 ? -0.064  -12.150 1.717   1.00 55.64  ? 133 CYS A O   1 
ATOM   809  C CB  . CYS A 1 122 ? 2.214   -13.215 -0.410  1.00 63.42  ? 133 CYS A CB  1 
ATOM   810  S SG  . CYS A 1 122 ? 0.937   -14.493 -0.589  1.00 76.17  ? 133 CYS A SG  1 
ATOM   811  N N   . GLY A 1 123 ? 2.066   -11.894 2.489   1.00 54.78  ? 134 GLY A N   1 
ATOM   812  C CA  . GLY A 1 123 ? 1.700   -11.928 3.917   1.00 50.35  ? 134 GLY A CA  1 
ATOM   813  C C   . GLY A 1 123 ? 0.783   -10.765 4.257   1.00 49.78  ? 134 GLY A C   1 
ATOM   814  O O   . GLY A 1 123 ? -0.185  -10.950 5.001   1.00 59.58  ? 134 GLY A O   1 
ATOM   815  N N   . CYS A 1 124 ? 1.052   -9.594  3.689   1.00 49.86  ? 135 CYS A N   1 
ATOM   816  C CA  . CYS A 1 124 ? 0.197   -8.398  3.860   1.00 50.61  ? 135 CYS A CA  1 
ATOM   817  C C   . CYS A 1 124 ? -1.174  -8.644  3.229   1.00 54.39  ? 135 CYS A C   1 
ATOM   818  O O   . CYS A 1 124 ? -2.208  -8.330  3.882   1.00 55.45  ? 135 CYS A O   1 
ATOM   819  C CB  . CYS A 1 124 ? 0.870   -7.168  3.276   1.00 50.07  ? 135 CYS A CB  1 
ATOM   820  S SG  . CYS A 1 124 ? -0.045  -5.646  3.617   1.00 57.07  ? 135 CYS A SG  1 
ATOM   821  N N   . VAL A 1 125 ? -1.203  -9.172  2.001   1.00 57.30  ? 136 VAL A N   1 
ATOM   822  C CA  . VAL A 1 125 ? -2.477  -9.472  1.284   1.00 56.28  ? 136 VAL A CA  1 
ATOM   823  C C   . VAL A 1 125 ? -3.316  -10.406 2.166   1.00 48.80  ? 136 VAL A C   1 
ATOM   824  O O   . VAL A 1 125 ? -4.527  -10.196 2.265   1.00 50.98  ? 136 VAL A O   1 
ATOM   825  C CB  . VAL A 1 125 ? -2.207  -10.041 -0.123  1.00 64.38  ? 136 VAL A CB  1 
ATOM   826  C CG1 . VAL A 1 125 ? -3.361  -10.886 -0.649  1.00 64.01  ? 136 VAL A CG1 1 
ATOM   827  C CG2 . VAL A 1 125 ? -1.879  -8.923  -1.102  1.00 64.89  ? 136 VAL A CG2 1 
ATOM   828  N N   . GLN A 1 126 ? -2.680  -11.383 2.811   1.00 48.68  ? 137 GLN A N   1 
ATOM   829  C CA  . GLN A 1 126 ? -3.344  -12.378 3.690   1.00 50.45  ? 137 GLN A CA  1 
ATOM   830  C C   . GLN A 1 126 ? -4.100  -11.704 4.838   1.00 54.44  ? 137 GLN A C   1 
ATOM   831  O O   . GLN A 1 126 ? -5.102  -12.290 5.284   1.00 57.06  ? 137 GLN A O   1 
ATOM   832  C CB  . GLN A 1 126 ? -2.315  -13.331 4.285   1.00 52.97  ? 137 GLN A CB  1 
ATOM   833  C CG  . GLN A 1 126 ? -1.871  -14.394 3.311   1.00 59.54  ? 137 GLN A CG  1 
ATOM   834  C CD  . GLN A 1 126 ? -0.915  -15.355 3.965   1.00 56.46  ? 137 GLN A CD  1 
ATOM   835  O OE1 . GLN A 1 126 ? 0.259   -15.414 3.615   1.00 68.53  ? 137 GLN A OE1 1 
ATOM   836  N NE2 . GLN A 1 126 ? -1.424  -16.106 4.925   1.00 62.33  ? 137 GLN A NE2 1 
ATOM   837  N N   . THR A 1 127 ? -3.600  -10.573 5.354   1.00 54.94  ? 138 THR A N   1 
ATOM   838  C CA  . THR A 1 127 ? -4.256  -9.782  6.433   1.00 50.75  ? 138 THR A CA  1 
ATOM   839  C C   . THR A 1 127 ? -5.332  -8.890  5.799   1.00 47.84  ? 138 THR A C   1 
ATOM   840  O O   . THR A 1 127 ? -6.452  -8.885  6.292   1.00 51.36  ? 138 THR A O   1 
ATOM   841  C CB  . THR A 1 127 ? -3.221  -8.978  7.241   1.00 53.86  ? 138 THR A CB  1 
ATOM   842  O OG1 . THR A 1 127 ? -2.248  -9.887  7.765   1.00 58.58  ? 138 THR A OG1 1 
ATOM   843  C CG2 . THR A 1 127 ? -3.830  -8.207  8.392   1.00 55.59  ? 138 THR A CG2 1 
ATOM   844  N N   . LEU A 1 128 ? -4.999  -8.150  4.744   1.00 48.02  ? 139 LEU A N   1 
ATOM   845  C CA  . LEU A 1 128 ? -5.953  -7.236  4.058   1.00 52.02  ? 139 LEU A CA  1 
ATOM   846  C C   . LEU A 1 128 ? -7.213  -8.012  3.650   1.00 56.37  ? 139 LEU A C   1 
ATOM   847  O O   . LEU A 1 128 ? -8.328  -7.455  3.769   1.00 56.38  ? 139 LEU A O   1 
ATOM   848  C CB  . LEU A 1 128 ? -5.281  -6.651  2.816   1.00 53.27  ? 139 LEU A CB  1 
ATOM   849  C CG  . LEU A 1 128 ? -4.186  -5.630  3.080   1.00 53.58  ? 139 LEU A CG  1 
ATOM   850  C CD1 . LEU A 1 128 ? -3.383  -5.383  1.816   1.00 60.53  ? 139 LEU A CD1 1 
ATOM   851  C CD2 . LEU A 1 128 ? -4.783  -4.336  3.607   1.00 56.31  ? 139 LEU A CD2 1 
ATOM   852  N N   . ALA A 1 129 ? -7.029  -9.242  3.172   1.00 57.67  ? 140 ALA A N   1 
ATOM   853  C CA  . ALA A 1 129 ? -8.082  -10.077 2.540   1.00 59.97  ? 140 ALA A CA  1 
ATOM   854  C C   . ALA A 1 129 ? -9.152  -10.484 3.565   1.00 58.82  ? 140 ALA A C   1 
ATOM   855  O O   . ALA A 1 129 ? -10.250 -10.858 3.138   1.00 64.81  ? 140 ALA A O   1 
ATOM   856  C CB  . ALA A 1 129 ? -7.456  -11.281 1.888   1.00 52.35  ? 140 ALA A CB  1 
ATOM   857  N N   . GLN A 1 130 ? -8.861  -10.402 4.865   1.00 62.55  ? 141 GLN A N   1 
ATOM   858  C CA  . GLN A 1 130 ? -9.844  -10.682 5.947   1.00 59.74  ? 141 GLN A CA  1 
ATOM   859  C C   . GLN A 1 130 ? -10.920 -9.592  5.973   1.00 62.28  ? 141 GLN A C   1 
ATOM   860  O O   . GLN A 1 130 ? -11.972 -9.827  6.574   1.00 66.02  ? 141 GLN A O   1 
ATOM   861  C CB  . GLN A 1 130 ? -9.153  -10.761 7.305   1.00 62.96  ? 141 GLN A CB  1 
ATOM   862  C CG  . GLN A 1 130 ? -8.134  -11.886 7.409   1.00 66.64  ? 141 GLN A CG  1 
ATOM   863  C CD  . GLN A 1 130 ? -7.334  -11.807 8.689   1.00 76.29  ? 141 GLN A CD  1 
ATOM   864  O OE1 . GLN A 1 130 ? -7.582  -10.967 9.552   1.00 83.08  ? 141 GLN A OE1 1 
ATOM   865  N NE2 . GLN A 1 130 ? -6.342  -12.677 8.815   1.00 78.24  ? 141 GLN A NE2 1 
ATOM   866  N N   . TYR A 1 131 ? -10.656 -8.440  5.359   1.00 61.30  ? 142 TYR A N   1 
ATOM   867  C CA  . TYR A 1 131 ? -11.499 -7.223  5.452   1.00 65.17  ? 142 TYR A CA  1 
ATOM   868  C C   . TYR A 1 131 ? -12.072 -6.889  4.078   1.00 62.21  ? 142 TYR A C   1 
ATOM   869  O O   . TYR A 1 131 ? -13.223 -6.462  3.999   1.00 72.69  ? 142 TYR A O   1 
ATOM   870  C CB  . TYR A 1 131 ? -10.683 -6.036  5.975   1.00 62.61  ? 142 TYR A CB  1 
ATOM   871  C CG  . TYR A 1 131 ? -10.081 -6.233  7.342   1.00 63.45  ? 142 TYR A CG  1 
ATOM   872  C CD1 . TYR A 1 131 ? -10.804 -5.962  8.494   1.00 64.49  ? 142 TYR A CD1 1 
ATOM   873  C CD2 . TYR A 1 131 ? -8.767  -6.652  7.487   1.00 63.79  ? 142 TYR A CD2 1 
ATOM   874  C CE1 . TYR A 1 131 ? -10.246 -6.141  9.751   1.00 62.37  ? 142 TYR A CE1 1 
ATOM   875  C CE2 . TYR A 1 131 ? -8.194  -6.827  8.736   1.00 60.33  ? 142 TYR A CE2 1 
ATOM   876  C CZ  . TYR A 1 131 ? -8.937  -6.573  9.876   1.00 64.87  ? 142 TYR A CZ  1 
ATOM   877  O OH  . TYR A 1 131 ? -8.370  -6.752  11.109  1.00 69.66  ? 142 TYR A OH  1 
ATOM   878  N N   . VAL A 1 132 ? -11.271 -7.045  3.029   1.00 63.81  ? 143 VAL A N   1 
ATOM   879  C CA  . VAL A 1 132 ? -11.661 -6.663  1.643   1.00 70.45  ? 143 VAL A CA  1 
ATOM   880  C C   . VAL A 1 132 ? -11.067 -7.687  0.674   1.00 71.09  ? 143 VAL A C   1 
ATOM   881  O O   . VAL A 1 132 ? -10.088 -8.364  1.040   1.00 73.21  ? 143 VAL A O   1 
ATOM   882  C CB  . VAL A 1 132 ? -11.203 -5.225  1.326   1.00 75.24  ? 143 VAL A CB  1 
ATOM   883  C CG1 . VAL A 1 132 ? -9.686  -5.108  1.326   1.00 74.39  ? 143 VAL A CG1 1 
ATOM   884  C CG2 . VAL A 1 132 ? -11.792 -4.714  0.017   1.00 76.61  ? 143 VAL A CG2 1 
ATOM   885  N N   . THR A 1 133 ? -11.656 -7.802  -0.514  1.00 67.14  ? 144 THR A N   1 
ATOM   886  C CA  . THR A 1 133 ? -11.102 -8.605  -1.625  1.00 64.75  ? 144 THR A CA  1 
ATOM   887  C C   . THR A 1 133 ? -9.904  -7.845  -2.215  1.00 65.39  ? 144 THR A C   1 
ATOM   888  O O   . THR A 1 133 ? -10.033 -6.642  -2.567  1.00 64.49  ? 144 THR A O   1 
ATOM   889  C CB  . THR A 1 133 ? -12.200 -8.964  -2.636  1.00 70.45  ? 144 THR A CB  1 
ATOM   890  O OG1 . THR A 1 133 ? -13.226 -9.623  -1.888  1.00 74.91  ? 144 THR A OG1 1 
ATOM   891  C CG2 . THR A 1 133 ? -11.708 -9.850  -3.762  1.00 68.34  ? 144 THR A CG2 1 
ATOM   892  N N   . VAL A 1 134 ? -8.770  -8.529  -2.274  1.00 57.24  ? 145 VAL A N   1 
ATOM   893  C CA  . VAL A 1 134 ? -7.567  -8.102  -3.035  1.00 65.63  ? 145 VAL A CA  1 
ATOM   894  C C   . VAL A 1 134 ? -7.646  -8.776  -4.408  1.00 67.86  ? 145 VAL A C   1 
ATOM   895  O O   . VAL A 1 134 ? -7.485  -10.013 -4.464  1.00 58.22  ? 145 VAL A O   1 
ATOM   896  C CB  . VAL A 1 134 ? -6.268  -8.457  -2.285  1.00 55.08  ? 145 VAL A CB  1 
ATOM   897  C CG1 . VAL A 1 134 ? -5.041  -8.050  -3.089  1.00 57.94  ? 145 VAL A CG1 1 
ATOM   898  C CG2 . VAL A 1 134 ? -6.244  -7.818  -0.902  1.00 59.27  ? 145 VAL A CG2 1 
ATOM   899  N N   . GLN A 1 135 ? -7.880  -7.978  -5.454  1.00 70.09  ? 146 GLN A N   1 
ATOM   900  C CA  . GLN A 1 135 ? -8.165  -8.440  -6.836  1.00 72.23  ? 146 GLN A CA  1 
ATOM   901  C C   . GLN A 1 135 ? -6.857  -8.565  -7.618  1.00 73.32  ? 146 GLN A C   1 
ATOM   902  O O   . GLN A 1 135 ? -5.843  -7.998  -7.175  1.00 72.88  ? 146 GLN A O   1 
ATOM   903  C CB  . GLN A 1 135 ? -9.128  -7.463  -7.509  1.00 77.18  ? 146 GLN A CB  1 
ATOM   904  C CG  . GLN A 1 135 ? -10.462 -7.343  -6.785  1.00 81.23  ? 146 GLN A CG  1 
ATOM   905  C CD  . GLN A 1 135 ? -10.997 -5.933  -6.830  1.00 90.55  ? 146 GLN A CD  1 
ATOM   906  O OE1 . GLN A 1 135 ? -11.192 -5.364  -7.899  1.00 90.48  ? 146 GLN A OE1 1 
ATOM   907  N NE2 . GLN A 1 135 ? -11.220 -5.346  -5.663  1.00 102.78 ? 146 GLN A NE2 1 
ATOM   908  N N   . GLU A 1 136 ? -6.887  -9.320  -8.718  1.00 83.62  ? 147 GLU A N   1 
ATOM   909  C CA  . GLU A 1 136 ? -5.819  -9.352  -9.752  1.00 85.72  ? 147 GLU A CA  1 
ATOM   910  C C   . GLU A 1 136 ? -6.247  -8.425  -10.885 1.00 78.93  ? 147 GLU A C   1 
ATOM   911  O O   . GLU A 1 136 ? -7.408  -8.034  -10.952 1.00 75.95  ? 147 GLU A O   1 
ATOM   912  C CB  . GLU A 1 136 ? -5.542  -10.795 -10.184 1.00 89.42  ? 147 GLU A CB  1 
ATOM   913  C CG  . GLU A 1 136 ? -4.354  -11.401 -9.453  1.00 102.24 ? 147 GLU A CG  1 
ATOM   914  C CD  . GLU A 1 136 ? -4.386  -12.905 -9.230  1.00 109.55 ? 147 GLU A CD  1 
ATOM   915  O OE1 . GLU A 1 136 ? -3.295  -13.489 -9.044  1.00 105.31 ? 147 GLU A OE1 1 
ATOM   916  O OE2 . GLU A 1 136 ? -5.494  -13.487 -9.214  1.00 110.31 ? 147 GLU A OE2 1 
ATOM   917  N N   . PRO A 1 137 ? -5.324  -8.006  -11.778 1.00 77.23  ? 148 PRO A N   1 
ATOM   918  C CA  . PRO A 1 137 ? -5.652  -7.043  -12.838 1.00 82.53  ? 148 PRO A CA  1 
ATOM   919  C C   . PRO A 1 137 ? -6.870  -7.425  -13.703 1.00 81.15  ? 148 PRO A C   1 
ATOM   920  O O   . PRO A 1 137 ? -7.050  -8.591  -14.066 1.00 87.68  ? 148 PRO A O   1 
ATOM   921  C CB  . PRO A 1 137 ? -4.370  -7.030  -13.690 1.00 80.71  ? 148 PRO A CB  1 
ATOM   922  C CG  . PRO A 1 137 ? -3.284  -7.400  -12.709 1.00 74.60  ? 148 PRO A CG  1 
ATOM   923  C CD  . PRO A 1 137 ? -3.918  -8.439  -11.815 1.00 77.02  ? 148 PRO A CD  1 
ATOM   924  N N   . ASP B 2 2   ? -12.510 3.628   -14.966 1.00 125.95 ? 560 ASP B N   1 
ATOM   925  C CA  . ASP B 2 2   ? -11.838 4.174   -16.190 1.00 131.67 ? 560 ASP B CA  1 
ATOM   926  C C   . ASP B 2 2   ? -10.414 4.612   -15.817 1.00 128.90 ? 560 ASP B C   1 
ATOM   927  O O   . ASP B 2 2   ? -9.458  4.074   -16.407 1.00 126.33 ? 560 ASP B O   1 
ATOM   928  C CB  . ASP B 2 2   ? -12.648 5.319   -16.810 1.00 132.44 ? 560 ASP B CB  1 
ATOM   929  C CG  . ASP B 2 2   ? -12.262 5.678   -18.239 1.00 132.91 ? 560 ASP B CG  1 
ATOM   930  O OD1 . ASP B 2 2   ? -11.169 5.265   -18.685 1.00 124.82 ? 560 ASP B OD1 1 
ATOM   931  O OD2 . ASP B 2 2   ? -13.062 6.372   -18.900 1.00 129.21 ? 560 ASP B OD2 1 
ATOM   932  N N   . LEU B 2 3   ? -10.288 5.550   -14.873 1.00 127.21 ? 561 LEU B N   1 
ATOM   933  C CA  . LEU B 2 3   ? -8.986  6.025   -14.325 1.00 122.53 ? 561 LEU B CA  1 
ATOM   934  C C   . LEU B 2 3   ? -8.349  4.894   -13.507 1.00 116.61 ? 561 LEU B C   1 
ATOM   935  O O   . LEU B 2 3   ? -7.133  4.652   -13.675 1.00 111.24 ? 561 LEU B O   1 
ATOM   936  C CB  . LEU B 2 3   ? -9.224  7.277   -13.472 1.00 120.67 ? 561 LEU B CB  1 
ATOM   937  C CG  . LEU B 2 3   ? -7.996  7.867   -12.778 1.00 119.82 ? 561 LEU B CG  1 
ATOM   938  C CD1 . LEU B 2 3   ? -6.822  8.001   -13.738 1.00 118.98 ? 561 LEU B CD1 1 
ATOM   939  C CD2 . LEU B 2 3   ? -8.327  9.216   -12.154 1.00 119.95 ? 561 LEU B CD2 1 
ATOM   940  N N   . TRP B 2 4   ? -9.156  4.231   -12.668 1.00 108.56 ? 562 TRP B N   1 
ATOM   941  C CA  . TRP B 2 4   ? -8.781  3.018   -11.891 1.00 105.62 ? 562 TRP B CA  1 
ATOM   942  C C   . TRP B 2 4   ? -8.151  1.987   -12.834 1.00 98.70  ? 562 TRP B C   1 
ATOM   943  O O   . TRP B 2 4   ? -6.942  1.722   -12.700 1.00 100.29 ? 562 TRP B O   1 
ATOM   944  C CB  . TRP B 2 4   ? -9.999  2.447   -11.146 1.00 106.74 ? 562 TRP B CB  1 
ATOM   945  C CG  . TRP B 2 4   ? -9.707  1.180   -10.398 1.00 107.80 ? 562 TRP B CG  1 
ATOM   946  C CD1 . TRP B 2 4   ? -10.109 -0.081  -10.729 1.00 107.26 ? 562 TRP B CD1 1 
ATOM   947  C CD2 . TRP B 2 4   ? -8.922  1.045   -9.199  1.00 102.54 ? 562 TRP B CD2 1 
ATOM   948  N NE1 . TRP B 2 4   ? -9.635  -0.988  -9.820  1.00 102.40 ? 562 TRP B NE1 1 
ATOM   949  C CE2 . TRP B 2 4   ? -8.903  -0.329  -8.870  1.00 100.32 ? 562 TRP B CE2 1 
ATOM   950  C CE3 . TRP B 2 4   ? -8.238  1.943   -8.370  1.00 94.98  ? 562 TRP B CE3 1 
ATOM   951  C CZ2 . TRP B 2 4   ? -8.227  -0.817  -7.753  1.00 96.26  ? 562 TRP B CZ2 1 
ATOM   952  C CZ3 . TRP B 2 4   ? -7.565  1.458   -7.270  1.00 88.78  ? 562 TRP B CZ3 1 
ATOM   953  C CH2 . TRP B 2 4   ? -7.562  0.097   -6.967  1.00 90.76  ? 562 TRP B CH2 1 
ATOM   954  N N   . LEU B 2 5   ? -8.939  1.462   -13.776 1.00 99.94  ? 563 LEU B N   1 
ATOM   955  C CA  . LEU B 2 5   ? -8.493  0.479   -14.801 1.00 103.76 ? 563 LEU B CA  1 
ATOM   956  C C   . LEU B 2 5   ? -7.185  0.971   -15.437 1.00 95.95  ? 563 LEU B C   1 
ATOM   957  O O   . LEU B 2 5   ? -6.254  0.156   -15.593 1.00 92.24  ? 563 LEU B O   1 
ATOM   958  C CB  . LEU B 2 5   ? -9.599  0.314   -15.851 1.00 110.37 ? 563 LEU B CB  1 
ATOM   959  C CG  . LEU B 2 5   ? -10.953 -0.177  -15.332 1.00 113.97 ? 563 LEU B CG  1 
ATOM   960  C CD1 . LEU B 2 5   ? -12.017 -0.087  -16.419 1.00 114.16 ? 563 LEU B CD1 1 
ATOM   961  C CD2 . LEU B 2 5   ? -10.849 -1.600  -14.799 1.00 109.57 ? 563 LEU B CD2 1 
ATOM   962  N N   . GLN B 2 6   ? -7.111  2.267   -15.762 1.00 100.91 ? 564 GLN B N   1 
ATOM   963  C CA  . GLN B 2 6   ? -5.929  2.916   -16.392 1.00 104.82 ? 564 GLN B CA  1 
ATOM   964  C C   . GLN B 2 6   ? -4.709  2.784   -15.474 1.00 100.03 ? 564 GLN B C   1 
ATOM   965  O O   . GLN B 2 6   ? -3.620  2.472   -15.992 1.00 100.42 ? 564 GLN B O   1 
ATOM   966  C CB  . GLN B 2 6   ? -6.200  4.393   -16.691 1.00 113.51 ? 564 GLN B CB  1 
ATOM   967  C CG  . GLN B 2 6   ? -5.283  4.968   -17.764 1.00 119.11 ? 564 GLN B CG  1 
ATOM   968  C CD  . GLN B 2 6   ? -5.010  6.441   -17.577 1.00 122.32 ? 564 GLN B CD  1 
ATOM   969  O OE1 . GLN B 2 6   ? -3.918  6.925   -17.868 1.00 117.37 ? 564 GLN B OE1 1 
ATOM   970  N NE2 . GLN B 2 6   ? -6.001  7.168   -17.082 1.00 119.76 ? 564 GLN B NE2 1 
ATOM   971  N N   . GLU B 2 7   ? -4.881  3.011   -14.167 1.00 100.44 ? 565 GLU B N   1 
ATOM   972  C CA  . GLU B 2 7   ? -3.765  3.020   -13.177 1.00 96.07  ? 565 GLU B CA  1 
ATOM   973  C C   . GLU B 2 7   ? -3.407  1.591   -12.735 1.00 89.90  ? 565 GLU B C   1 
ATOM   974  O O   . GLU B 2 7   ? -2.239  1.403   -12.304 1.00 76.68  ? 565 GLU B O   1 
ATOM   975  C CB  . GLU B 2 7   ? -4.088  3.926   -11.985 1.00 97.51  ? 565 GLU B CB  1 
ATOM   976  C CG  . GLU B 2 7   ? -3.763  5.389   -12.240 1.00 93.10  ? 565 GLU B CG  1 
ATOM   977  C CD  . GLU B 2 7   ? -2.341  5.654   -12.704 1.00 93.04  ? 565 GLU B CD  1 
ATOM   978  O OE1 . GLU B 2 7   ? -1.443  4.875   -12.321 1.00 99.46  ? 565 GLU B OE1 1 
ATOM   979  O OE2 . GLU B 2 7   ? -2.135  6.632   -13.453 1.00 94.43  ? 565 GLU B OE2 1 
ATOM   980  N N   . VAL B 2 8   ? -4.339  0.628   -12.850 1.00 86.73  ? 566 VAL B N   1 
ATOM   981  C CA  . VAL B 2 8   ? -4.069  -0.830  -12.630 1.00 84.00  ? 566 VAL B CA  1 
ATOM   982  C C   . VAL B 2 8   ? -2.985  -1.277  -13.619 1.00 85.63  ? 566 VAL B C   1 
ATOM   983  O O   . VAL B 2 8   ? -2.073  -2.015  -13.197 1.00 84.93  ? 566 VAL B O   1 
ATOM   984  C CB  . VAL B 2 8   ? -5.330  -1.708  -12.769 1.00 86.42  ? 566 VAL B CB  1 
ATOM   985  C CG1 . VAL B 2 8   ? -4.979  -3.192  -12.789 1.00 84.85  ? 566 VAL B CG1 1 
ATOM   986  C CG2 . VAL B 2 8   ? -6.361  -1.428  -11.683 1.00 83.88  ? 566 VAL B CG2 1 
ATOM   987  N N   . SER B 2 9   ? -3.089  -0.848  -14.883 1.00 93.59  ? 567 SER B N   1 
ATOM   988  C CA  . SER B 2 9   ? -2.121  -1.154  -15.970 1.00 97.79  ? 567 SER B CA  1 
ATOM   989  C C   . SER B 2 9   ? -0.824  -0.369  -15.746 1.00 94.16  ? 567 SER B C   1 
ATOM   990  O O   . SER B 2 9   ? 0.256   -0.964  -15.924 1.00 87.19  ? 567 SER B O   1 
ATOM   991  C CB  . SER B 2 9   ? -2.713  -0.866  -17.322 1.00 103.21 ? 567 SER B CB  1 
ATOM   992  O OG  . SER B 2 9   ? -3.210  0.462   -17.376 1.00 113.31 ? 567 SER B OG  1 
ATOM   993  N N   . ASN B 2 10  ? -0.938  0.903   -15.341 1.00 94.90  ? 568 ASN B N   1 
ATOM   994  C CA  . ASN B 2 10  ? 0.205   1.838   -15.128 1.00 97.49  ? 568 ASN B CA  1 
ATOM   995  C C   . ASN B 2 10  ? 1.042   1.414   -13.914 1.00 93.04  ? 568 ASN B C   1 
ATOM   996  O O   . ASN B 2 10  ? 2.179   1.901   -13.795 1.00 85.79  ? 568 ASN B O   1 
ATOM   997  C CB  . ASN B 2 10  ? -0.257  3.288   -14.958 1.00 97.81  ? 568 ASN B CB  1 
ATOM   998  C CG  . ASN B 2 10  ? -0.737  3.907   -16.253 1.00 95.23  ? 568 ASN B CG  1 
ATOM   999  O OD1 . ASN B 2 10  ? -0.171  3.650   -17.308 1.00 93.89  ? 568 ASN B OD1 1 
ATOM   1000 N ND2 . ASN B 2 10  ? -1.776  4.725   -16.185 1.00 96.67  ? 568 ASN B ND2 1 
ATOM   1001 N N   . LEU B 2 11  ? 0.513   0.536   -13.056 1.00 94.88  ? 569 LEU B N   1 
ATOM   1002 C CA  . LEU B 2 11  ? 1.255   -0.055  -11.908 1.00 95.71  ? 569 LEU B CA  1 
ATOM   1003 C C   . LEU B 2 11  ? 2.502   -0.806  -12.414 1.00 89.93  ? 569 LEU B C   1 
ATOM   1004 O O   . LEU B 2 11  ? 3.373   -1.119  -11.584 1.00 89.53  ? 569 LEU B O   1 
ATOM   1005 C CB  . LEU B 2 11  ? 0.294   -0.967  -11.130 1.00 97.37  ? 569 LEU B CB  1 
ATOM   1006 C CG  . LEU B 2 11  ? 0.773   -1.487  -9.773  1.00 93.15  ? 569 LEU B CG  1 
ATOM   1007 C CD1 . LEU B 2 11  ? 1.255   -0.356  -8.877  1.00 92.44  ? 569 LEU B CD1 1 
ATOM   1008 C CD2 . LEU B 2 11  ? -0.334  -2.269  -9.083  1.00 91.47  ? 569 LEU B CD2 1 
ATOM   1009 N N   . SER B 2 12  ? 2.601   -1.068  -13.724 1.00 97.33  ? 570 SER B N   1 
ATOM   1010 C CA  . SER B 2 12  ? 3.771   -1.715  -14.385 1.00 97.17  ? 570 SER B CA  1 
ATOM   1011 C C   . SER B 2 12  ? 4.994   -0.790  -14.336 1.00 93.85  ? 570 SER B C   1 
ATOM   1012 O O   . SER B 2 12  ? 6.122   -1.317  -14.394 1.00 87.77  ? 570 SER B O   1 
ATOM   1013 C CB  . SER B 2 12  ? 3.455   -2.119  -15.807 1.00 97.76  ? 570 SER B CB  1 
ATOM   1014 O OG  . SER B 2 12  ? 3.117   -0.987  -16.597 1.00 100.73 ? 570 SER B OG  1 
ATOM   1015 N N   . GLU B 2 13  ? 4.778   0.528   -14.226 1.00 94.85  ? 571 GLU B N   1 
ATOM   1016 C CA  . GLU B 2 13  ? 5.841   1.554   -14.020 1.00 94.32  ? 571 GLU B CA  1 
ATOM   1017 C C   . GLU B 2 13  ? 6.809   1.093   -12.920 1.00 86.30  ? 571 GLU B C   1 
ATOM   1018 O O   . GLU B 2 13  ? 7.989   1.468   -12.986 1.00 87.69  ? 571 GLU B O   1 
ATOM   1019 C CB  . GLU B 2 13  ? 5.229   2.906   -13.632 1.00 99.30  ? 571 GLU B CB  1 
ATOM   1020 C CG  . GLU B 2 13  ? 4.578   3.670   -14.779 1.00 102.34 ? 571 GLU B CG  1 
ATOM   1021 C CD  . GLU B 2 13  ? 3.802   4.908   -14.339 1.00 106.25 ? 571 GLU B CD  1 
ATOM   1022 O OE1 . GLU B 2 13  ? 2.663   4.754   -13.863 1.00 108.35 ? 571 GLU B OE1 1 
ATOM   1023 O OE2 . GLU B 2 13  ? 4.345   6.030   -14.447 1.00 117.84 ? 571 GLU B OE2 1 
ATOM   1024 N N   . TRP B 2 14  ? 6.324   0.323   -11.937 1.00 90.17  ? 572 TRP B N   1 
ATOM   1025 C CA  . TRP B 2 14  ? 7.081   -0.075  -10.716 1.00 89.61  ? 572 TRP B CA  1 
ATOM   1026 C C   . TRP B 2 14  ? 7.577   -1.520  -10.806 1.00 83.62  ? 572 TRP B C   1 
ATOM   1027 O O   . TRP B 2 14  ? 8.398   -1.905  -9.952  1.00 79.39  ? 572 TRP B O   1 
ATOM   1028 C CB  . TRP B 2 14  ? 6.216   0.146   -9.469  1.00 86.20  ? 572 TRP B CB  1 
ATOM   1029 C CG  . TRP B 2 14  ? 6.251   1.559   -8.974  1.00 87.66  ? 572 TRP B CG  1 
ATOM   1030 C CD1 . TRP B 2 14  ? 6.713   2.657   -9.647  1.00 86.34  ? 572 TRP B CD1 1 
ATOM   1031 C CD2 . TRP B 2 14  ? 5.787   2.037   -7.700  1.00 78.71  ? 572 TRP B CD2 1 
ATOM   1032 N NE1 . TRP B 2 14  ? 6.581   3.779   -8.876  1.00 84.62  ? 572 TRP B NE1 1 
ATOM   1033 C CE2 . TRP B 2 14  ? 6.014   3.433   -7.678  1.00 83.97  ? 572 TRP B CE2 1 
ATOM   1034 C CE3 . TRP B 2 14  ? 5.212   1.426   -6.582  1.00 74.04  ? 572 TRP B CE3 1 
ATOM   1035 C CZ2 . TRP B 2 14  ? 5.681   4.224   -6.580  1.00 72.58  ? 572 TRP B CZ2 1 
ATOM   1036 C CZ3 . TRP B 2 14  ? 4.896   2.205   -5.493  1.00 69.99  ? 572 TRP B CZ3 1 
ATOM   1037 C CH2 . TRP B 2 14  ? 5.126   3.582   -5.496  1.00 74.39  ? 572 TRP B CH2 1 
ATOM   1038 N N   . LEU B 2 15  ? 7.127   -2.278  -11.808 1.00 92.30  ? 573 LEU B N   1 
ATOM   1039 C CA  . LEU B 2 15  ? 7.389   -3.739  -11.918 1.00 102.03 ? 573 LEU B CA  1 
ATOM   1040 C C   . LEU B 2 15  ? 8.637   -4.008  -12.770 1.00 108.62 ? 573 LEU B C   1 
ATOM   1041 O O   . LEU B 2 15  ? 8.924   -3.214  -13.692 1.00 105.75 ? 573 LEU B O   1 
ATOM   1042 C CB  . LEU B 2 15  ? 6.157   -4.424  -12.517 1.00 95.02  ? 573 LEU B CB  1 
ATOM   1043 C CG  . LEU B 2 15  ? 4.887   -4.336  -11.672 1.00 93.71  ? 573 LEU B CG  1 
ATOM   1044 C CD1 . LEU B 2 15  ? 3.708   -4.996  -12.381 1.00 88.05  ? 573 LEU B CD1 1 
ATOM   1045 C CD2 . LEU B 2 15  ? 5.106   -4.954  -10.295 1.00 88.54  ? 573 LEU B CD2 1 
ATOM   1046 N N   . ASN B 2 16  ? 9.347   -5.091  -12.434 1.00 119.18 ? 574 ASN B N   1 
ATOM   1047 C CA  . ASN B 2 16  ? 10.321  -5.796  -13.309 1.00 122.57 ? 574 ASN B CA  1 
ATOM   1048 C C   . ASN B 2 16  ? 9.858   -7.251  -13.447 1.00 120.20 ? 574 ASN B C   1 
ATOM   1049 O O   . ASN B 2 16  ? 10.645  -8.157  -13.703 1.00 124.24 ? 574 ASN B O   1 
ATOM   1050 C CB  . ASN B 2 16  ? 11.750  -5.670  -12.774 1.00 120.12 ? 574 ASN B CB  1 
ATOM   1051 C CG  . ASN B 2 16  ? 12.475  -4.450  -13.306 1.00 122.46 ? 574 ASN B CG  1 
ATOM   1052 O OD1 . ASN B 2 16  ? 11.855  -3.484  -13.751 1.00 121.40 ? 574 ASN B OD1 1 
ATOM   1053 N ND2 . ASN B 2 16  ? 13.795  -4.496  -13.277 1.00 121.30 ? 574 ASN B ND2 1 
HETATM 1054 O O   . HOH C 3 .   ? 2.400   2.115   9.542   1.00 48.65  ? 201 HOH A O   1 
HETATM 1055 O O   . HOH C 3 .   ? -5.632  7.973   4.606   1.00 64.82  ? 202 HOH A O   1 
HETATM 1056 O O   . HOH C 3 .   ? -11.564 5.294   8.317   1.00 49.85  ? 203 HOH A O   1 
HETATM 1057 O O   . HOH C 3 .   ? 1.024   -8.886  -13.309 1.00 53.91  ? 204 HOH A O   1 
# 
